data_1CQJ
#
_entry.id   1CQJ
#
_cell.length_a   98.820
_cell.length_b   98.820
_cell.length_c   404.680
_cell.angle_alpha   90.00
_cell.angle_beta   90.00
_cell.angle_gamma   90.00
#
_symmetry.space_group_name_H-M   'P 43 2 2'
#
loop_
_entity.id
_entity.type
_entity.pdbx_description
1 polymer 'SUCCINYL-COA SYNTHETASE ALPHA CHAIN'
2 polymer 'SUCCINYL-COA SYNTHETASE BETA CHAIN'
3 non-polymer 'PHOSPHATE ION'
4 non-polymer 'COENZYME A'
5 water water
#
loop_
_entity_poly.entity_id
_entity_poly.type
_entity_poly.pdbx_seq_one_letter_code
_entity_poly.pdbx_strand_id
1 'polypeptide(L)'
;SILIDKNTKVICQGFTGSQGTFHSEQAIAYGTKMVGGVTPGKGGTTHLGLPVFNTVREAVAATGATASVIYVPAPFCKDS
ILEAIDAGIKLIITITEGIPTLDMLTVKVKLDEAGVRMIGPNCPGVITPGECKIGIQPGHIHKPGKVGIVSRSGTLTYEA
VKQTTDYGFGQSTCVGIGGDPIPGSNFIDILEMFEKDPQTEAIVMIGEIGGSAEEEAAAYIKEHVTKPVVGYIAGVTAPK
GKRMGHAGAIIAGGKGTADEKFAALEAAGVKTVRSLADIGEALKTV
;
A,D
2 'polypeptide(L)'
;MNLHEYQAKQLFARYGLPAPVGYACTTPREAEEAASKIGAGPWVVKCQVHAGGRGKAGGVKVVNSKEDIRAFAENWLGKR
LVTYQTDANGQPVNQILVEAATDIAKELYLGAVVDRSSRRVVFMASTEGGVEIEKVAEETPHLIHKVALDPLTGPMPYQG
RELAFKLGLEGKLVQQFTKIFMGLATIFLERDLALIEINPLVITKQGDLICLDGKLGADGNALFRQPDLREMRDQSQEDP
REAQAAQWELNYVALDGNIGCMVNGAGLAMGTMDIVKLHGGEPANFLDVGGGATKERVTEAFKIILSDDKVKAVLVNIFG
GIVRCDLIADGIIGAVAEVGVNVPVVVRLEGNNAELGAKKLADSGLNIIAAKGLTDAAQQVVAAV
;
B,E
#
loop_
_chem_comp.id
_chem_comp.type
_chem_comp.name
_chem_comp.formula
COA non-polymer 'COENZYME A' 'C21 H36 N7 O16 P3 S'
PO4 non-polymer 'PHOSPHATE ION' 'O4 P -3'
#
# COMPACT_ATOMS: atom_id res chain seq x y z
N SER A 1 -26.96 3.56 45.07
CA SER A 1 -25.52 3.31 44.92
C SER A 1 -25.30 1.86 44.58
N ILE A 2 -24.77 1.58 43.39
CA ILE A 2 -24.43 0.20 43.01
C ILE A 2 -22.91 0.04 42.71
N LEU A 3 -22.45 -1.20 42.62
CA LEU A 3 -21.06 -1.52 42.27
C LEU A 3 -19.94 -1.08 43.21
N ILE A 4 -19.83 0.21 43.42
CA ILE A 4 -18.78 0.67 44.31
C ILE A 4 -19.31 1.71 45.29
N ASP A 5 -18.50 1.95 46.33
CA ASP A 5 -18.85 2.91 47.35
C ASP A 5 -17.63 3.23 48.20
N LYS A 6 -17.85 4.10 49.19
CA LYS A 6 -16.81 4.57 50.08
C LYS A 6 -15.96 3.44 50.64
N ASN A 7 -16.52 2.25 50.68
CA ASN A 7 -15.76 1.16 51.25
C ASN A 7 -14.97 0.26 50.35
N THR A 8 -15.19 0.38 49.05
CA THR A 8 -14.47 -0.39 48.01
C THR A 8 -12.95 -0.11 47.94
N LYS A 9 -12.09 -1.07 48.31
CA LYS A 9 -10.64 -0.89 48.20
C LYS A 9 -10.21 -1.28 46.76
N VAL A 10 -9.47 -0.41 46.09
CA VAL A 10 -9.08 -0.62 44.70
C VAL A 10 -7.59 -0.69 44.42
N ILE A 11 -7.16 -1.58 43.53
CA ILE A 11 -5.77 -1.58 43.08
C ILE A 11 -5.80 -1.23 41.58
N CYS A 12 -4.69 -0.72 41.08
CA CYS A 12 -4.62 -0.35 39.68
C CYS A 12 -3.54 -1.13 38.98
N GLN A 13 -3.93 -1.77 37.88
CA GLN A 13 -3.00 -2.54 37.05
C GLN A 13 -2.56 -1.58 35.96
N GLY A 14 -1.25 -1.39 35.87
CA GLY A 14 -0.69 -0.44 34.90
C GLY A 14 -0.55 0.89 35.62
N PHE A 15 -0.50 0.76 36.95
CA PHE A 15 -0.39 1.82 37.94
C PHE A 15 0.76 2.81 37.71
N THR A 16 1.95 2.33 37.38
CA THR A 16 3.06 3.25 37.15
C THR A 16 3.19 3.88 35.75
N GLY A 17 2.21 3.70 34.87
CA GLY A 17 2.28 4.26 33.54
C GLY A 17 1.64 5.64 33.48
N SER A 18 1.65 6.28 32.32
CA SER A 18 1.08 7.62 32.18
C SER A 18 -0.32 7.78 32.69
N GLN A 19 -1.28 7.18 32.01
CA GLN A 19 -2.68 7.30 32.41
C GLN A 19 -2.95 6.74 33.81
N GLY A 20 -2.31 5.63 34.09
CA GLY A 20 -2.45 4.99 35.37
C GLY A 20 -2.09 5.95 36.46
N THR A 21 -0.89 6.51 36.40
CA THR A 21 -0.47 7.49 37.40
C THR A 21 -1.46 8.64 37.51
N PHE A 22 -1.62 9.40 36.45
CA PHE A 22 -2.53 10.51 36.45
C PHE A 22 -3.91 10.19 37.05
N HIS A 23 -4.70 9.38 36.37
CA HIS A 23 -6.01 9.08 36.88
C HIS A 23 -6.09 8.44 38.27
N SER A 24 -4.95 8.05 38.82
CA SER A 24 -4.95 7.47 40.14
C SER A 24 -4.91 8.61 41.16
N GLU A 25 -4.14 9.66 40.84
CA GLU A 25 -4.05 10.83 41.70
C GLU A 25 -5.42 11.43 41.78
N GLN A 26 -6.12 11.47 40.67
CA GLN A 26 -7.47 12.02 40.64
C GLN A 26 -8.40 11.22 41.52
N ALA A 27 -8.19 9.91 41.59
CA ALA A 27 -9.05 9.07 42.38
C ALA A 27 -8.70 9.23 43.84
N ILE A 28 -7.39 9.29 44.13
CA ILE A 28 -6.87 9.45 45.48
C ILE A 28 -7.33 10.75 46.11
N ALA A 29 -7.29 11.82 45.32
CA ALA A 29 -7.75 13.12 45.74
C ALA A 29 -9.25 13.08 45.95
N TYR A 30 -9.99 12.35 45.11
CA TYR A 30 -11.45 12.27 45.29
C TYR A 30 -11.80 11.46 46.53
N GLY A 31 -10.81 10.78 47.09
CA GLY A 31 -11.10 10.00 48.28
C GLY A 31 -11.32 8.52 48.09
N THR A 32 -11.13 8.05 46.87
CA THR A 32 -11.29 6.64 46.51
C THR A 32 -10.24 5.88 47.31
N LYS A 33 -10.55 4.66 47.73
CA LYS A 33 -9.63 3.86 48.51
C LYS A 33 -8.58 3.02 47.75
N MET A 34 -7.73 3.70 47.00
CA MET A 34 -6.64 3.07 46.31
C MET A 34 -5.82 2.54 47.45
N VAL A 35 -5.55 1.25 47.40
CA VAL A 35 -4.73 0.60 48.41
C VAL A 35 -3.38 0.20 47.82
N GLY A 36 -3.26 0.28 46.50
CA GLY A 36 -2.02 -0.08 45.78
C GLY A 36 -2.13 -0.38 44.29
N GLY A 37 -1.01 -0.81 43.70
CA GLY A 37 -1.01 -1.11 42.26
C GLY A 37 -0.03 -2.17 41.72
N VAL A 38 -0.30 -2.62 40.48
CA VAL A 38 0.52 -3.66 39.85
C VAL A 38 1.18 -3.31 38.53
N THR A 39 2.49 -3.50 38.50
CA THR A 39 3.28 -3.28 37.30
C THR A 39 4.42 -4.29 37.41
N PRO A 40 4.34 -5.42 36.62
CA PRO A 40 5.34 -6.48 36.62
C PRO A 40 6.74 -5.93 36.49
N GLY A 41 7.57 -6.23 37.49
CA GLY A 41 8.93 -5.74 37.42
C GLY A 41 9.17 -4.52 38.26
N LYS A 42 8.13 -3.98 38.88
CA LYS A 42 8.28 -2.81 39.73
C LYS A 42 7.70 -3.14 41.13
N GLY A 43 7.56 -4.44 41.39
CA GLY A 43 7.06 -4.87 42.68
C GLY A 43 8.10 -4.43 43.69
N GLY A 44 7.64 -4.06 44.87
CA GLY A 44 8.58 -3.68 45.90
C GLY A 44 9.00 -2.23 45.87
N THR A 45 8.12 -1.36 45.40
CA THR A 45 8.42 0.05 45.36
C THR A 45 7.12 0.76 45.70
N THR A 46 7.18 2.08 45.87
CA THR A 46 5.99 2.89 46.16
C THR A 46 5.82 3.90 45.04
N HIS A 47 4.58 4.28 44.77
CA HIS A 47 4.27 5.19 43.69
C HIS A 47 3.01 5.83 44.20
N LEU A 48 2.94 7.17 44.14
CA LEU A 48 1.80 7.92 44.67
C LEU A 48 1.53 7.46 46.14
N GLY A 49 2.62 7.16 46.85
CA GLY A 49 2.45 6.74 48.23
C GLY A 49 1.94 5.35 48.50
N LEU A 50 1.45 4.67 47.46
CA LEU A 50 0.95 3.32 47.70
C LEU A 50 1.99 2.29 47.32
N PRO A 51 1.81 1.05 47.76
CA PRO A 51 2.73 -0.04 47.46
C PRO A 51 2.50 -0.59 46.02
N VAL A 52 3.58 -0.95 45.36
CA VAL A 52 3.47 -1.48 44.02
C VAL A 52 3.91 -2.93 44.06
N PHE A 53 3.10 -3.80 43.46
CA PHE A 53 3.40 -5.23 43.42
C PHE A 53 3.77 -5.80 42.04
N ASN A 54 4.42 -6.95 42.06
CA ASN A 54 4.76 -7.60 40.81
C ASN A 54 3.57 -8.35 40.18
N THR A 55 2.71 -8.96 41.01
CA THR A 55 1.59 -9.69 40.45
C THR A 55 0.31 -9.33 41.15
N VAL A 56 -0.82 -9.48 40.45
CA VAL A 56 -2.10 -9.15 41.05
C VAL A 56 -2.34 -9.99 42.30
N ARG A 57 -1.90 -11.24 42.33
CA ARG A 57 -2.10 -12.06 43.51
C ARG A 57 -1.37 -11.50 44.74
N GLU A 58 -0.11 -11.06 44.60
CA GLU A 58 0.62 -10.51 45.74
C GLU A 58 -0.11 -9.28 46.26
N ALA A 59 -0.68 -8.47 45.37
CA ALA A 59 -1.43 -7.28 45.77
C ALA A 59 -2.67 -7.67 46.57
N VAL A 60 -3.42 -8.62 46.05
CA VAL A 60 -4.63 -9.03 46.73
C VAL A 60 -4.32 -9.54 48.09
N ALA A 61 -3.19 -10.20 48.27
CA ALA A 61 -2.89 -10.71 49.61
C ALA A 61 -2.61 -9.54 50.51
N ALA A 62 -1.52 -8.84 50.20
CA ALA A 62 -1.11 -7.71 50.98
C ALA A 62 -2.14 -6.63 51.24
N THR A 63 -3.21 -6.52 50.45
CA THR A 63 -4.17 -5.43 50.69
C THR A 63 -5.61 -5.86 50.86
N GLY A 64 -5.94 -6.98 50.25
CA GLY A 64 -7.29 -7.43 50.35
C GLY A 64 -8.24 -6.60 49.53
N ALA A 65 -7.75 -5.93 48.50
CA ALA A 65 -8.63 -5.14 47.63
C ALA A 65 -9.54 -6.11 46.88
N THR A 66 -10.66 -5.64 46.34
CA THR A 66 -11.53 -6.56 45.64
C THR A 66 -11.87 -6.12 44.22
N ALA A 67 -11.42 -4.90 43.90
CA ALA A 67 -11.67 -4.36 42.58
C ALA A 67 -10.35 -3.88 42.00
N SER A 68 -10.27 -3.96 40.68
CA SER A 68 -9.08 -3.56 39.97
C SER A 68 -9.49 -2.71 38.80
N VAL A 69 -8.70 -1.65 38.61
CA VAL A 69 -8.88 -0.74 37.48
C VAL A 69 -7.66 -1.02 36.58
N ILE A 70 -7.93 -1.23 35.29
CA ILE A 70 -6.89 -1.53 34.30
C ILE A 70 -6.59 -0.40 33.30
N TYR A 71 -5.30 0.01 33.31
CA TYR A 71 -4.75 1.05 32.41
C TYR A 71 -3.59 0.40 31.69
N VAL A 72 -3.85 -0.76 31.09
CA VAL A 72 -2.83 -1.50 30.37
C VAL A 72 -3.15 -1.50 28.89
N PRO A 73 -2.15 -1.15 28.05
CA PRO A 73 -2.31 -1.11 26.59
C PRO A 73 -2.93 -2.39 25.99
N ALA A 74 -3.77 -2.20 24.96
CA ALA A 74 -4.49 -3.30 24.29
C ALA A 74 -3.78 -4.65 24.17
N PRO A 75 -2.59 -4.67 23.54
CA PRO A 75 -1.83 -5.91 23.36
C PRO A 75 -1.72 -6.80 24.59
N PHE A 76 -1.67 -6.22 25.79
CA PHE A 76 -1.54 -7.05 26.98
C PHE A 76 -2.77 -7.07 27.87
N CYS A 77 -3.85 -6.51 27.40
CA CYS A 77 -5.00 -6.43 28.24
C CYS A 77 -5.68 -7.72 28.61
N LYS A 78 -5.80 -8.61 27.65
CA LYS A 78 -6.42 -9.88 27.91
C LYS A 78 -5.65 -10.66 28.96
N ASP A 79 -4.32 -10.58 28.94
CA ASP A 79 -3.51 -11.30 29.90
C ASP A 79 -3.75 -10.71 31.28
N SER A 80 -3.75 -9.38 31.38
CA SER A 80 -3.98 -8.73 32.68
C SER A 80 -5.43 -8.91 33.16
N ILE A 81 -6.42 -8.86 32.27
CA ILE A 81 -7.78 -9.12 32.71
C ILE A 81 -7.84 -10.53 33.26
N LEU A 82 -7.28 -11.52 32.56
CA LEU A 82 -7.33 -12.87 33.08
C LEU A 82 -6.48 -12.97 34.34
N GLU A 83 -5.42 -12.19 34.48
CA GLU A 83 -4.64 -12.34 35.71
C GLU A 83 -5.46 -11.92 36.94
N ALA A 84 -6.26 -10.89 36.75
CA ALA A 84 -7.06 -10.37 37.82
C ALA A 84 -8.10 -11.44 38.18
N ILE A 85 -8.88 -11.88 37.18
CA ILE A 85 -9.90 -12.91 37.40
C ILE A 85 -9.28 -14.03 38.22
N ASP A 86 -8.10 -14.44 37.81
CA ASP A 86 -7.44 -15.53 38.46
C ASP A 86 -6.89 -15.23 39.86
N ALA A 87 -6.57 -13.97 40.23
CA ALA A 87 -6.11 -13.69 41.62
C ALA A 87 -7.35 -13.40 42.52
N GLY A 88 -8.55 -13.57 41.98
CA GLY A 88 -9.75 -13.36 42.76
C GLY A 88 -10.31 -11.96 42.93
N ILE A 89 -10.15 -11.13 41.93
CA ILE A 89 -10.68 -9.78 41.99
C ILE A 89 -12.13 -9.99 41.63
N LYS A 90 -13.05 -9.37 42.34
CA LYS A 90 -14.45 -9.63 41.98
C LYS A 90 -15.03 -8.55 41.08
N LEU A 91 -14.36 -7.40 41.05
CA LEU A 91 -14.81 -6.29 40.20
C LEU A 91 -13.65 -5.72 39.40
N ILE A 92 -13.83 -5.73 38.08
CA ILE A 92 -12.81 -5.25 37.17
C ILE A 92 -13.31 -4.08 36.34
N ILE A 93 -12.52 -3.01 36.34
CA ILE A 93 -12.92 -1.86 35.56
C ILE A 93 -11.80 -1.65 34.54
N THR A 94 -12.12 -1.86 33.24
CA THR A 94 -11.11 -1.68 32.17
C THR A 94 -11.28 -0.43 31.30
N ILE A 95 -10.30 0.48 31.40
CA ILE A 95 -10.37 1.74 30.64
C ILE A 95 -9.94 1.57 29.21
N THR A 96 -8.89 0.75 29.05
CA THR A 96 -8.24 0.43 27.77
C THR A 96 -9.09 0.39 26.52
N GLU A 97 -8.61 1.09 25.50
CA GLU A 97 -9.31 1.15 24.24
C GLU A 97 -8.48 0.39 23.21
N GLY A 98 -9.15 -0.32 22.30
CA GLY A 98 -8.45 -1.06 21.26
C GLY A 98 -8.18 -2.55 21.42
N ILE A 99 -8.86 -3.18 22.38
CA ILE A 99 -8.69 -4.60 22.61
C ILE A 99 -9.39 -5.34 21.45
N PRO A 100 -8.67 -6.27 20.80
CA PRO A 100 -9.17 -7.08 19.70
C PRO A 100 -10.54 -7.72 20.06
N THR A 101 -11.54 -7.61 19.20
CA THR A 101 -12.85 -8.18 19.48
C THR A 101 -12.78 -9.66 19.92
N LEU A 102 -11.93 -10.44 19.25
CA LEU A 102 -11.81 -11.85 19.58
C LEU A 102 -11.26 -12.10 20.95
N ASP A 103 -10.47 -11.17 21.49
CA ASP A 103 -9.94 -11.35 22.86
C ASP A 103 -11.09 -11.17 23.86
N MET A 104 -11.95 -10.18 23.61
CA MET A 104 -13.07 -9.94 24.48
C MET A 104 -14.05 -11.10 24.49
N LEU A 105 -14.24 -11.68 23.30
CA LEU A 105 -15.15 -12.79 23.16
C LEU A 105 -14.74 -13.95 24.10
N THR A 106 -13.45 -14.20 24.21
CA THR A 106 -12.97 -15.24 25.10
C THR A 106 -13.02 -14.77 26.56
N VAL A 107 -12.61 -13.52 26.81
CA VAL A 107 -12.60 -12.96 28.16
C VAL A 107 -14.00 -12.95 28.74
N LYS A 108 -15.00 -12.60 27.93
CA LYS A 108 -16.36 -12.58 28.38
C LYS A 108 -16.78 -13.92 28.88
N VAL A 109 -16.52 -14.95 28.10
CA VAL A 109 -16.87 -16.30 28.51
C VAL A 109 -16.28 -16.62 29.86
N LYS A 110 -15.00 -16.33 30.06
CA LYS A 110 -14.37 -16.60 31.34
C LYS A 110 -14.93 -15.75 32.50
N LEU A 111 -15.30 -14.51 32.22
CA LEU A 111 -15.86 -13.63 33.25
C LEU A 111 -17.13 -14.24 33.79
N ASP A 112 -18.05 -14.54 32.89
CA ASP A 112 -19.31 -15.14 33.26
C ASP A 112 -19.10 -16.51 33.95
N GLU A 113 -18.24 -17.34 33.42
CA GLU A 113 -18.07 -18.61 34.08
C GLU A 113 -17.51 -18.43 35.47
N ALA A 114 -16.56 -17.54 35.67
CA ALA A 114 -15.94 -17.41 37.00
C ALA A 114 -16.66 -16.48 37.96
N GLY A 115 -17.80 -15.97 37.57
CA GLY A 115 -18.53 -15.08 38.44
C GLY A 115 -17.91 -13.71 38.70
N VAL A 116 -17.05 -13.21 37.80
CA VAL A 116 -16.44 -11.91 38.01
C VAL A 116 -17.18 -10.85 37.20
N ARG A 117 -17.12 -9.62 37.70
CA ARG A 117 -17.79 -8.52 37.04
C ARG A 117 -16.82 -7.55 36.37
N MET A 118 -17.09 -7.22 35.12
CA MET A 118 -16.23 -6.28 34.46
C MET A 118 -17.01 -5.20 33.77
N ILE A 119 -16.61 -3.95 34.03
CA ILE A 119 -17.21 -2.77 33.39
C ILE A 119 -16.14 -2.35 32.40
N GLY A 120 -16.55 -2.32 31.12
CA GLY A 120 -15.66 -2.01 30.02
C GLY A 120 -15.56 -3.09 28.93
N PRO A 121 -14.51 -3.06 28.09
CA PRO A 121 -13.41 -2.09 28.10
C PRO A 121 -13.78 -0.85 27.30
N ASN A 122 -12.80 0.03 27.08
CA ASN A 122 -13.05 1.21 26.28
C ASN A 122 -14.16 2.05 26.93
N CYS A 123 -14.03 2.34 28.23
CA CYS A 123 -15.06 3.10 28.94
C CYS A 123 -14.44 4.07 29.93
N PRO A 124 -15.21 5.10 30.37
CA PRO A 124 -14.84 6.18 31.32
C PRO A 124 -14.66 5.69 32.74
N GLY A 125 -15.42 4.65 33.04
CA GLY A 125 -15.37 4.06 34.34
C GLY A 125 -16.71 4.11 35.04
N VAL A 126 -16.60 4.10 36.37
CA VAL A 126 -17.75 4.10 37.28
C VAL A 126 -17.52 5.04 38.46
N ILE A 127 -18.57 5.80 38.79
CA ILE A 127 -18.51 6.75 39.92
C ILE A 127 -19.77 6.77 40.75
N THR A 128 -19.55 6.85 42.05
CA THR A 128 -20.61 6.96 43.04
C THR A 128 -20.24 8.29 43.70
N PRO A 129 -20.92 9.39 43.26
CA PRO A 129 -20.75 10.76 43.72
C PRO A 129 -20.61 10.85 45.20
N GLY A 130 -19.52 11.44 45.64
CA GLY A 130 -19.34 11.57 47.08
C GLY A 130 -18.59 10.44 47.71
N GLU A 131 -18.79 9.22 47.25
CA GLU A 131 -18.06 8.12 47.87
C GLU A 131 -16.88 7.54 47.11
N CYS A 132 -17.09 7.22 45.84
CA CYS A 132 -16.04 6.57 45.05
C CYS A 132 -15.90 6.94 43.57
N LYS A 133 -14.64 7.02 43.14
CA LYS A 133 -14.38 7.34 41.77
C LYS A 133 -13.33 6.40 41.20
N ILE A 134 -13.69 5.64 40.16
CA ILE A 134 -12.74 4.77 39.45
C ILE A 134 -12.96 5.11 37.97
N GLY A 135 -12.03 5.86 37.41
CA GLY A 135 -12.16 6.23 36.02
C GLY A 135 -11.53 7.56 35.66
N ILE A 136 -11.87 8.02 34.47
CA ILE A 136 -11.30 9.26 34.00
C ILE A 136 -12.25 10.44 34.10
N GLN A 137 -13.53 10.17 34.38
CA GLN A 137 -14.52 11.25 34.47
C GLN A 137 -14.19 12.38 35.49
N PRO A 138 -14.57 13.65 35.18
CA PRO A 138 -14.30 14.79 36.08
C PRO A 138 -15.25 14.80 37.30
N GLY A 139 -14.73 14.50 38.50
CA GLY A 139 -15.56 14.42 39.72
C GLY A 139 -16.49 15.55 40.23
N HIS A 140 -16.11 16.76 39.88
CA HIS A 140 -16.84 17.96 40.29
C HIS A 140 -18.10 18.34 39.50
N ILE A 141 -18.66 17.44 38.72
CA ILE A 141 -19.87 17.84 38.02
C ILE A 141 -21.00 16.96 38.53
N HIS A 142 -20.67 16.00 39.38
CA HIS A 142 -21.70 15.11 39.90
C HIS A 142 -22.05 15.58 41.29
N LYS A 143 -23.15 15.05 41.81
CA LYS A 143 -23.59 15.37 43.13
C LYS A 143 -24.48 14.22 43.60
N PRO A 144 -24.26 13.73 44.82
CA PRO A 144 -24.98 12.63 45.46
C PRO A 144 -26.46 12.79 45.19
N GLY A 145 -27.10 11.79 44.65
CA GLY A 145 -28.50 11.97 44.31
C GLY A 145 -29.32 10.73 44.06
N LYS A 146 -30.30 10.84 43.18
CA LYS A 146 -31.23 9.75 42.96
C LYS A 146 -31.39 9.23 41.55
N VAL A 147 -30.60 9.76 40.63
CA VAL A 147 -30.68 9.27 39.27
C VAL A 147 -29.47 8.37 39.01
N GLY A 148 -29.72 7.24 38.38
CA GLY A 148 -28.67 6.29 38.02
C GLY A 148 -28.51 6.38 36.51
N ILE A 149 -27.28 6.32 36.02
CA ILE A 149 -27.06 6.40 34.57
C ILE A 149 -26.17 5.29 33.97
N VAL A 150 -26.61 4.69 32.88
CA VAL A 150 -25.80 3.69 32.15
C VAL A 150 -25.63 4.25 30.76
N SER A 151 -24.39 4.28 30.29
CA SER A 151 -24.15 4.81 28.95
C SER A 151 -23.02 4.13 28.17
N ARG A 152 -23.22 4.04 26.87
CA ARG A 152 -22.19 3.46 26.02
C ARG A 152 -21.13 4.56 25.74
N SER A 153 -21.56 5.82 25.81
CA SER A 153 -20.69 6.96 25.63
C SER A 153 -20.31 7.61 26.95
N GLY A 154 -19.06 8.05 27.06
CA GLY A 154 -18.60 8.69 28.29
C GLY A 154 -18.99 10.16 28.32
N THR A 155 -18.58 10.89 27.29
CA THR A 155 -18.90 12.29 27.17
C THR A 155 -20.43 12.52 27.24
N LEU A 156 -21.23 11.69 26.56
CA LEU A 156 -22.68 11.88 26.65
C LEU A 156 -23.12 11.79 28.13
N THR A 157 -22.44 10.96 28.92
CA THR A 157 -22.76 10.84 30.31
C THR A 157 -22.59 12.19 31.02
N TYR A 158 -21.48 12.87 30.74
CA TYR A 158 -21.21 14.15 31.35
C TYR A 158 -22.30 15.18 31.04
N GLU A 159 -22.95 15.09 29.88
CA GLU A 159 -24.02 16.03 29.60
C GLU A 159 -25.15 15.71 30.62
N ALA A 160 -25.60 14.47 30.63
CA ALA A 160 -26.64 14.03 31.53
C ALA A 160 -26.25 14.26 33.00
N VAL A 161 -25.00 14.01 33.35
CA VAL A 161 -24.61 14.23 34.73
C VAL A 161 -24.92 15.66 35.08
N LYS A 162 -24.36 16.58 34.28
CA LYS A 162 -24.53 18.02 34.45
C LYS A 162 -25.98 18.42 34.57
N GLN A 163 -26.82 18.02 33.61
CA GLN A 163 -28.25 18.35 33.69
C GLN A 163 -28.86 17.90 35.01
N THR A 164 -28.65 16.65 35.41
CA THR A 164 -29.24 16.17 36.66
C THR A 164 -28.65 16.80 37.93
N THR A 165 -27.48 17.44 37.81
CA THR A 165 -26.89 18.09 38.97
C THR A 165 -27.58 19.45 39.08
N ASP A 166 -27.76 20.10 37.93
CA ASP A 166 -28.43 21.39 37.86
C ASP A 166 -29.90 21.31 38.24
N TYR A 167 -30.65 20.39 37.68
CA TYR A 167 -32.03 20.30 38.12
C TYR A 167 -32.08 19.81 39.57
N GLY A 168 -30.92 19.79 40.23
CA GLY A 168 -30.86 19.36 41.62
C GLY A 168 -31.03 17.89 42.02
N PHE A 169 -31.40 16.99 41.10
CA PHE A 169 -31.60 15.56 41.38
C PHE A 169 -30.40 14.80 41.90
N GLY A 170 -29.22 15.05 41.32
CA GLY A 170 -28.02 14.31 41.73
C GLY A 170 -27.93 12.87 41.18
N GLN A 171 -26.81 12.20 41.40
CA GLN A 171 -26.74 10.86 40.88
C GLN A 171 -26.39 9.81 41.92
N SER A 172 -27.00 8.64 41.84
CA SER A 172 -26.66 7.56 42.78
C SER A 172 -25.27 7.05 42.38
N THR A 173 -25.25 6.38 41.21
CA THR A 173 -24.01 5.85 40.63
C THR A 173 -24.08 5.97 39.09
N CYS A 174 -22.98 6.41 38.48
CA CYS A 174 -22.86 6.55 37.03
C CYS A 174 -22.01 5.43 36.43
N VAL A 175 -22.62 4.65 35.52
CA VAL A 175 -21.90 3.56 34.88
C VAL A 175 -21.68 3.70 33.38
N GLY A 176 -20.40 3.74 33.02
CA GLY A 176 -20.04 3.79 31.61
C GLY A 176 -19.74 2.35 31.20
N ILE A 177 -20.61 1.73 30.39
CA ILE A 177 -20.35 0.34 30.01
C ILE A 177 -19.38 0.19 28.86
N GLY A 178 -18.97 1.27 28.18
CA GLY A 178 -18.01 1.14 27.10
C GLY A 178 -18.58 1.17 25.70
N GLY A 179 -17.70 1.43 24.73
CA GLY A 179 -18.14 1.55 23.35
C GLY A 179 -17.72 0.42 22.45
N ASP A 180 -17.25 -0.68 23.03
CA ASP A 180 -16.85 -1.84 22.24
C ASP A 180 -18.04 -2.76 21.84
N PRO A 181 -17.83 -3.61 20.81
CA PRO A 181 -18.83 -4.54 20.32
C PRO A 181 -19.22 -5.57 21.35
N ILE A 182 -18.30 -6.05 22.17
CA ILE A 182 -18.66 -7.05 23.17
C ILE A 182 -18.14 -6.62 24.54
N PRO A 183 -18.94 -5.89 25.33
CA PRO A 183 -18.47 -5.45 26.65
C PRO A 183 -18.65 -6.49 27.70
N GLY A 184 -18.02 -6.30 28.85
CA GLY A 184 -18.19 -7.29 29.93
C GLY A 184 -19.52 -7.25 30.71
N SER A 185 -20.23 -6.14 30.58
CA SER A 185 -21.49 -5.93 31.24
C SER A 185 -22.26 -5.12 30.24
N ASN A 186 -23.52 -5.47 30.02
CA ASN A 186 -24.34 -4.72 29.06
C ASN A 186 -25.44 -3.96 29.83
N PHE A 187 -26.49 -3.50 29.14
CA PHE A 187 -27.55 -2.73 29.79
C PHE A 187 -28.30 -3.49 30.83
N ILE A 188 -28.89 -4.59 30.44
CA ILE A 188 -29.64 -5.40 31.38
C ILE A 188 -28.87 -5.75 32.69
N ASP A 189 -27.55 -5.90 32.65
CA ASP A 189 -26.86 -6.23 33.90
C ASP A 189 -26.83 -5.06 34.85
N ILE A 190 -26.74 -3.86 34.31
CA ILE A 190 -26.70 -2.71 35.15
C ILE A 190 -28.08 -2.23 35.46
N LEU A 191 -29.01 -2.33 34.50
CA LEU A 191 -30.39 -1.91 34.74
C LEU A 191 -30.82 -2.62 36.00
N GLU A 192 -30.81 -3.94 35.96
CA GLU A 192 -31.20 -4.72 37.12
C GLU A 192 -30.55 -4.39 38.46
N MET A 193 -29.36 -3.81 38.47
CA MET A 193 -28.74 -3.46 39.74
C MET A 193 -29.44 -2.22 40.31
N PHE A 194 -29.89 -1.34 39.43
CA PHE A 194 -30.56 -0.12 39.80
C PHE A 194 -31.94 -0.45 40.37
N GLU A 195 -32.72 -1.24 39.62
CA GLU A 195 -34.06 -1.62 40.04
C GLU A 195 -34.04 -2.04 41.48
N LYS A 196 -32.95 -2.64 41.93
CA LYS A 196 -32.86 -3.11 43.30
C LYS A 196 -32.12 -2.16 44.19
N ASP A 197 -31.91 -0.94 43.72
CA ASP A 197 -31.18 0.04 44.52
C ASP A 197 -32.13 1.06 45.05
N PRO A 198 -32.23 1.15 46.39
CA PRO A 198 -33.11 2.11 47.08
C PRO A 198 -32.74 3.52 46.69
N GLN A 199 -31.45 3.84 46.75
CA GLN A 199 -31.00 5.18 46.40
C GLN A 199 -31.30 5.64 44.95
N THR A 200 -31.75 4.73 44.09
CA THR A 200 -32.00 5.11 42.72
C THR A 200 -33.47 5.18 42.43
N GLU A 201 -33.96 6.40 42.19
CA GLU A 201 -35.38 6.58 41.94
C GLU A 201 -35.78 6.53 40.48
N ALA A 202 -34.85 6.95 39.62
CA ALA A 202 -35.12 6.89 38.19
C ALA A 202 -33.84 6.60 37.44
N ILE A 203 -34.00 6.14 36.21
CA ILE A 203 -32.86 5.77 35.38
C ILE A 203 -32.75 6.45 34.03
N VAL A 204 -31.53 6.92 33.75
CA VAL A 204 -31.20 7.54 32.47
C VAL A 204 -30.34 6.52 31.72
N MET A 205 -30.89 6.01 30.62
CA MET A 205 -30.21 5.01 29.78
C MET A 205 -29.77 5.61 28.43
N ILE A 206 -28.47 5.84 28.27
CA ILE A 206 -27.91 6.40 27.03
C ILE A 206 -27.19 5.38 26.13
N GLY A 207 -27.67 5.28 24.89
CA GLY A 207 -27.11 4.36 23.90
C GLY A 207 -26.79 5.05 22.59
N GLU A 208 -26.40 4.27 21.59
CA GLU A 208 -26.05 4.81 20.25
C GLU A 208 -26.26 3.69 19.21
N ILE A 209 -25.94 3.99 17.95
CA ILE A 209 -26.11 3.00 16.89
C ILE A 209 -25.26 1.72 17.09
N GLY A 210 -25.65 0.69 16.36
CA GLY A 210 -24.94 -0.58 16.42
C GLY A 210 -25.32 -1.53 17.54
N GLY A 211 -25.40 -2.80 17.20
CA GLY A 211 -25.73 -3.81 18.18
C GLY A 211 -27.19 -3.84 18.50
N SER A 212 -27.56 -4.56 19.52
CA SER A 212 -28.96 -4.64 19.87
C SER A 212 -29.10 -4.68 21.40
N ALA A 213 -28.13 -4.09 22.09
CA ALA A 213 -28.17 -4.12 23.53
C ALA A 213 -29.32 -3.24 24.03
N GLU A 214 -29.59 -2.15 23.32
CA GLU A 214 -30.68 -1.23 23.69
C GLU A 214 -31.99 -2.04 23.61
N GLU A 215 -32.35 -2.47 22.41
CA GLU A 215 -33.54 -3.27 22.17
C GLU A 215 -33.72 -4.40 23.20
N GLU A 216 -32.68 -5.17 23.44
CA GLU A 216 -32.81 -6.26 24.38
C GLU A 216 -33.14 -5.79 25.78
N ALA A 217 -32.57 -4.65 26.14
CA ALA A 217 -32.83 -4.09 27.45
C ALA A 217 -34.28 -3.61 27.46
N ALA A 218 -34.71 -2.94 26.39
CA ALA A 218 -36.09 -2.45 26.29
C ALA A 218 -37.01 -3.58 26.72
N ALA A 219 -36.95 -4.66 25.97
CA ALA A 219 -37.74 -5.83 26.27
C ALA A 219 -37.62 -6.19 27.76
N TYR A 220 -36.40 -6.16 28.30
CA TYR A 220 -36.25 -6.50 29.71
C TYR A 220 -36.94 -5.47 30.61
N ILE A 221 -36.72 -4.20 30.31
CA ILE A 221 -37.30 -3.12 31.07
C ILE A 221 -38.77 -3.30 31.23
N LYS A 222 -39.46 -3.42 30.10
CA LYS A 222 -40.93 -3.61 30.10
C LYS A 222 -41.36 -4.63 31.13
N GLU A 223 -40.74 -5.79 31.08
CA GLU A 223 -41.10 -6.83 31.99
C GLU A 223 -40.51 -6.85 33.39
N HIS A 224 -39.37 -6.20 33.67
CA HIS A 224 -38.78 -6.29 35.02
C HIS A 224 -38.30 -5.01 35.65
N VAL A 225 -38.38 -3.92 34.93
CA VAL A 225 -37.94 -2.67 35.51
C VAL A 225 -39.21 -1.94 35.87
N THR A 226 -39.30 -1.53 37.12
CA THR A 226 -40.47 -0.82 37.56
C THR A 226 -40.16 0.67 37.64
N LYS A 227 -38.97 1.06 38.11
CA LYS A 227 -38.66 2.49 38.23
C LYS A 227 -38.73 3.25 36.91
N PRO A 228 -38.96 4.57 36.97
CA PRO A 228 -39.05 5.32 35.70
C PRO A 228 -37.72 5.36 34.93
N VAL A 229 -37.82 5.15 33.62
CA VAL A 229 -36.65 5.17 32.73
C VAL A 229 -36.72 6.15 31.55
N VAL A 230 -35.75 7.05 31.52
CA VAL A 230 -35.66 8.03 30.44
C VAL A 230 -34.45 7.64 29.61
N GLY A 231 -34.67 7.40 28.33
CA GLY A 231 -33.56 7.02 27.47
C GLY A 231 -33.28 7.95 26.28
N TYR A 232 -32.02 8.01 25.85
CA TYR A 232 -31.61 8.82 24.69
C TYR A 232 -30.66 7.95 23.84
N ILE A 233 -30.87 7.97 22.52
CA ILE A 233 -30.06 7.20 21.58
C ILE A 233 -29.34 8.17 20.65
N ALA A 234 -28.02 8.08 20.58
CA ALA A 234 -27.26 8.98 19.69
C ALA A 234 -26.98 8.29 18.34
N GLY A 235 -26.92 9.08 17.27
CA GLY A 235 -26.62 8.50 15.97
C GLY A 235 -27.70 8.44 14.90
N VAL A 236 -28.68 9.34 14.99
CA VAL A 236 -29.76 9.36 14.02
C VAL A 236 -29.21 9.81 12.65
N THR A 237 -28.32 10.78 12.68
CA THR A 237 -27.78 11.28 11.44
C THR A 237 -26.60 10.43 10.91
N ALA A 238 -26.28 9.31 11.56
CA ALA A 238 -25.14 8.49 11.15
C ALA A 238 -25.36 7.70 9.88
N PRO A 239 -24.31 7.62 9.03
CA PRO A 239 -24.31 6.89 7.75
C PRO A 239 -24.21 5.40 8.02
N LYS A 240 -24.66 4.58 7.08
CA LYS A 240 -24.60 3.14 7.31
C LYS A 240 -23.27 2.48 6.98
N GLY A 241 -22.94 1.47 7.77
CA GLY A 241 -21.71 0.74 7.57
C GLY A 241 -20.41 1.51 7.74
N LYS A 242 -20.32 2.37 8.75
CA LYS A 242 -19.07 3.09 9.02
C LYS A 242 -18.87 3.20 10.51
N ARG A 243 -17.70 2.84 10.98
CA ARG A 243 -17.41 2.97 12.40
C ARG A 243 -17.43 4.47 12.76
N MET A 244 -18.24 4.84 13.74
CA MET A 244 -18.31 6.22 14.16
C MET A 244 -17.49 6.36 15.44
N GLY A 245 -16.18 6.41 15.30
CA GLY A 245 -15.35 6.53 16.47
C GLY A 245 -15.30 5.27 17.29
N HIS A 246 -16.39 4.96 18.00
CA HIS A 246 -16.44 3.74 18.83
C HIS A 246 -16.39 2.47 17.97
N ALA A 247 -15.56 1.50 18.33
CA ALA A 247 -15.52 0.22 17.63
C ALA A 247 -16.92 -0.38 17.55
N GLY A 248 -17.69 -0.33 18.63
CA GLY A 248 -19.04 -0.86 18.55
C GLY A 248 -20.08 0.04 17.85
N ALA A 249 -19.72 1.27 17.47
CA ALA A 249 -20.69 2.17 16.85
C ALA A 249 -20.81 2.08 15.34
N ILE A 250 -21.48 1.03 14.84
CA ILE A 250 -21.62 0.88 13.39
C ILE A 250 -22.86 0.12 12.97
N ILE A 251 -23.58 0.67 11.99
CA ILE A 251 -24.82 0.08 11.47
C ILE A 251 -24.46 -0.97 10.44
N ALA A 252 -24.59 -2.23 10.84
CA ALA A 252 -24.21 -3.36 10.01
C ALA A 252 -25.32 -4.28 9.53
N GLY A 253 -25.42 -4.34 8.19
CA GLY A 253 -26.44 -5.14 7.57
C GLY A 253 -27.76 -4.43 7.85
N GLY A 254 -27.69 -3.09 7.88
CA GLY A 254 -28.86 -2.28 8.15
C GLY A 254 -29.48 -2.42 9.53
N LYS A 255 -28.77 -3.07 10.45
CA LYS A 255 -29.28 -3.26 11.78
C LYS A 255 -28.64 -2.33 12.78
N GLY A 256 -29.37 -2.06 13.89
CA GLY A 256 -28.89 -1.20 14.94
C GLY A 256 -28.92 0.29 14.62
N THR A 257 -30.00 0.76 14.05
CA THR A 257 -30.11 2.18 13.75
C THR A 257 -30.70 2.92 14.96
N ALA A 258 -30.34 4.20 15.08
CA ALA A 258 -30.78 5.04 16.17
C ALA A 258 -32.26 4.90 16.37
N ASP A 259 -32.99 4.95 15.26
CA ASP A 259 -34.44 4.88 15.30
C ASP A 259 -35.09 3.62 15.76
N GLU A 260 -34.60 2.46 15.33
CA GLU A 260 -35.24 1.24 15.79
C GLU A 260 -35.13 1.18 17.31
N LYS A 261 -34.00 1.67 17.82
CA LYS A 261 -33.74 1.66 19.28
C LYS A 261 -34.75 2.55 20.01
N PHE A 262 -34.98 3.76 19.48
CA PHE A 262 -35.95 4.66 20.07
C PHE A 262 -37.28 3.91 20.06
N ALA A 263 -37.71 3.52 18.86
CA ALA A 263 -38.96 2.80 18.68
C ALA A 263 -39.14 1.75 19.77
N ALA A 264 -38.19 0.84 19.89
CA ALA A 264 -38.31 -0.21 20.88
C ALA A 264 -38.22 0.26 22.35
N LEU A 265 -37.61 1.41 22.60
CA LEU A 265 -37.56 1.88 23.98
C LEU A 265 -38.94 2.41 24.34
N GLU A 266 -39.60 3.01 23.36
CA GLU A 266 -40.94 3.56 23.54
C GLU A 266 -41.95 2.47 23.78
N ALA A 267 -41.86 1.39 23.01
CA ALA A 267 -42.77 0.27 23.17
C ALA A 267 -42.73 -0.21 24.61
N ALA A 268 -41.54 -0.24 25.21
CA ALA A 268 -41.43 -0.68 26.59
C ALA A 268 -41.83 0.45 27.50
N GLY A 269 -42.37 1.51 26.92
CA GLY A 269 -42.75 2.65 27.74
C GLY A 269 -41.58 3.26 28.47
N VAL A 270 -40.70 3.88 27.70
CA VAL A 270 -39.53 4.53 28.27
C VAL A 270 -39.69 5.96 27.76
N LYS A 271 -39.27 6.90 28.59
CA LYS A 271 -39.36 8.28 28.22
C LYS A 271 -38.21 8.59 27.30
N THR A 272 -38.44 8.54 25.99
CA THR A 272 -37.37 8.86 25.07
C THR A 272 -37.30 10.37 24.90
N VAL A 273 -36.12 10.86 24.57
CA VAL A 273 -35.90 12.27 24.39
C VAL A 273 -35.14 12.40 23.09
N ARG A 274 -35.61 13.24 22.18
CA ARG A 274 -34.92 13.41 20.91
C ARG A 274 -33.73 14.38 20.96
N SER A 275 -33.64 15.21 22.00
CA SER A 275 -32.53 16.16 22.13
C SER A 275 -31.84 15.88 23.44
N LEU A 276 -30.53 15.63 23.44
CA LEU A 276 -29.89 15.34 24.72
C LEU A 276 -29.95 16.57 25.60
N ALA A 277 -30.43 17.68 25.05
CA ALA A 277 -30.55 18.91 25.83
C ALA A 277 -31.64 18.76 26.91
N ASP A 278 -32.71 18.04 26.59
CA ASP A 278 -33.82 17.86 27.51
C ASP A 278 -33.82 16.59 28.34
N ILE A 279 -32.67 16.16 28.81
CA ILE A 279 -32.68 14.95 29.61
C ILE A 279 -33.18 15.35 30.97
N GLY A 280 -32.67 16.46 31.49
CA GLY A 280 -33.10 16.95 32.78
C GLY A 280 -34.59 17.16 32.74
N GLU A 281 -35.04 17.93 31.76
CA GLU A 281 -36.44 18.22 31.61
C GLU A 281 -37.38 17.01 31.77
N ALA A 282 -37.06 15.89 31.11
CA ALA A 282 -37.89 14.69 31.17
C ALA A 282 -37.91 13.98 32.54
N LEU A 283 -36.88 14.25 33.34
CA LEU A 283 -36.79 13.66 34.66
C LEU A 283 -37.68 14.42 35.65
N LYS A 284 -38.01 15.66 35.30
CA LYS A 284 -38.86 16.53 36.10
C LYS A 284 -40.25 15.89 36.07
N THR A 285 -40.51 15.12 35.03
CA THR A 285 -41.76 14.40 34.88
C THR A 285 -41.67 13.07 35.66
N VAL A 286 -40.88 13.05 36.74
CA VAL A 286 -40.65 11.89 37.62
C VAL A 286 -39.40 12.03 38.49
N MET B 1 -10.97 -3.28 8.67
CA MET B 1 -10.19 -3.12 7.41
C MET B 1 -10.58 -4.15 6.37
N ASN B 2 -10.80 -3.68 5.14
CA ASN B 2 -11.17 -4.55 4.05
C ASN B 2 -10.01 -5.03 3.21
N LEU B 3 -10.20 -6.17 2.53
CA LEU B 3 -9.20 -6.73 1.62
C LEU B 3 -9.78 -6.83 0.21
N HIS B 4 -8.94 -6.92 -0.80
CA HIS B 4 -9.46 -7.08 -2.17
C HIS B 4 -9.76 -8.57 -2.38
N GLU B 5 -10.53 -8.84 -3.43
CA GLU B 5 -10.87 -10.20 -3.76
C GLU B 5 -9.62 -11.06 -3.99
N TYR B 6 -8.68 -10.50 -4.75
CA TYR B 6 -7.48 -11.20 -5.08
C TYR B 6 -6.67 -11.49 -3.86
N GLN B 7 -6.76 -10.63 -2.84
CA GLN B 7 -5.99 -10.85 -1.62
C GLN B 7 -6.59 -11.93 -0.78
N ALA B 8 -7.94 -11.97 -0.77
CA ALA B 8 -8.66 -13.01 -0.03
C ALA B 8 -8.34 -14.34 -0.73
N LYS B 9 -8.44 -14.36 -2.07
CA LYS B 9 -8.16 -15.58 -2.77
C LYS B 9 -6.78 -16.08 -2.44
N GLN B 10 -5.79 -15.20 -2.36
CA GLN B 10 -4.45 -15.68 -2.01
C GLN B 10 -4.44 -16.36 -0.64
N LEU B 11 -5.12 -15.73 0.31
CA LEU B 11 -5.22 -16.25 1.68
C LEU B 11 -5.84 -17.64 1.68
N PHE B 12 -6.87 -17.85 0.87
CA PHE B 12 -7.57 -19.14 0.80
C PHE B 12 -6.61 -20.17 0.32
N ALA B 13 -5.88 -19.82 -0.71
CA ALA B 13 -4.88 -20.70 -1.29
C ALA B 13 -3.88 -21.15 -0.22
N ARG B 14 -3.47 -20.23 0.64
CA ARG B 14 -2.50 -20.56 1.68
C ARG B 14 -3.09 -21.58 2.63
N TYR B 15 -4.38 -21.54 2.85
CA TYR B 15 -4.99 -22.49 3.77
C TYR B 15 -5.61 -23.68 3.02
N GLY B 16 -5.25 -23.79 1.75
CA GLY B 16 -5.74 -24.89 0.94
C GLY B 16 -7.20 -24.89 0.53
N LEU B 17 -7.89 -23.76 0.55
CA LEU B 17 -9.29 -23.72 0.14
C LEU B 17 -9.30 -23.54 -1.38
N PRO B 18 -10.37 -23.97 -2.03
CA PRO B 18 -10.32 -23.79 -3.47
C PRO B 18 -10.91 -22.57 -4.08
N ALA B 19 -10.13 -21.92 -4.93
CA ALA B 19 -10.55 -20.74 -5.69
C ALA B 19 -10.12 -20.92 -7.16
N PRO B 20 -10.72 -20.18 -8.09
CA PRO B 20 -10.28 -20.40 -9.46
C PRO B 20 -8.86 -19.88 -9.73
N VAL B 21 -8.23 -20.37 -10.79
CA VAL B 21 -6.87 -19.95 -11.17
C VAL B 21 -6.93 -18.54 -11.71
N GLY B 22 -6.10 -17.66 -11.18
CA GLY B 22 -6.15 -16.30 -11.63
C GLY B 22 -4.92 -15.50 -11.34
N TYR B 23 -4.91 -14.30 -11.88
CA TYR B 23 -3.79 -13.40 -11.75
C TYR B 23 -4.29 -12.01 -11.61
N ALA B 24 -3.69 -11.27 -10.69
CA ALA B 24 -4.02 -9.87 -10.42
C ALA B 24 -3.07 -9.05 -11.35
N CYS B 25 -3.64 -8.15 -12.12
CA CYS B 25 -2.82 -7.39 -13.05
C CYS B 25 -2.89 -5.89 -12.88
N THR B 26 -1.75 -5.22 -13.09
CA THR B 26 -1.70 -3.77 -13.00
C THR B 26 -1.57 -3.04 -14.35
N THR B 27 -1.34 -3.76 -15.42
CA THR B 27 -1.21 -3.16 -16.75
C THR B 27 -1.96 -4.03 -17.71
N PRO B 28 -2.53 -3.44 -18.78
CA PRO B 28 -3.29 -4.19 -19.78
C PRO B 28 -2.43 -5.34 -20.38
N ARG B 29 -1.12 -5.12 -20.45
CA ARG B 29 -0.24 -6.13 -20.98
C ARG B 29 -0.28 -7.31 -20.03
N GLU B 30 -0.17 -7.07 -18.72
CA GLU B 30 -0.23 -8.17 -17.74
C GLU B 30 -1.55 -8.90 -17.88
N ALA B 31 -2.59 -8.11 -18.04
CA ALA B 31 -3.92 -8.61 -18.17
C ALA B 31 -4.01 -9.55 -19.33
N GLU B 32 -3.62 -9.08 -20.51
CA GLU B 32 -3.68 -9.93 -21.68
C GLU B 32 -2.71 -11.12 -21.63
N GLU B 33 -1.56 -10.97 -20.97
CA GLU B 33 -0.68 -12.10 -20.90
C GLU B 33 -1.20 -13.17 -19.94
N ALA B 34 -2.14 -12.80 -19.06
CA ALA B 34 -2.68 -13.75 -18.08
C ALA B 34 -3.45 -14.86 -18.75
N ALA B 35 -4.02 -14.52 -19.90
CA ALA B 35 -4.84 -15.41 -20.74
C ALA B 35 -4.26 -16.80 -20.89
N SER B 36 -3.12 -16.83 -21.57
CA SER B 36 -2.40 -18.05 -21.86
C SER B 36 -1.78 -18.69 -20.68
N LYS B 37 -1.56 -17.94 -19.61
CA LYS B 37 -1.00 -18.55 -18.41
C LYS B 37 -2.13 -19.34 -17.77
N ILE B 38 -3.35 -18.86 -17.94
CA ILE B 38 -4.52 -19.54 -17.36
C ILE B 38 -4.95 -20.72 -18.20
N GLY B 39 -4.87 -20.59 -19.52
CA GLY B 39 -5.26 -21.68 -20.37
C GLY B 39 -6.19 -21.23 -21.46
N ALA B 40 -7.10 -22.11 -21.85
CA ALA B 40 -8.05 -21.79 -22.90
C ALA B 40 -9.12 -20.91 -22.28
N GLY B 41 -9.75 -20.09 -23.11
CA GLY B 41 -10.79 -19.23 -22.59
C GLY B 41 -12.06 -20.01 -22.27
N PRO B 42 -13.16 -19.32 -21.93
CA PRO B 42 -13.18 -17.86 -21.86
C PRO B 42 -12.62 -17.49 -20.48
N TRP B 43 -12.52 -16.20 -20.19
CA TRP B 43 -12.00 -15.81 -18.90
C TRP B 43 -12.88 -14.78 -18.29
N VAL B 44 -12.72 -14.64 -16.98
CA VAL B 44 -13.43 -13.64 -16.23
C VAL B 44 -12.45 -12.50 -15.91
N VAL B 45 -12.91 -11.26 -16.14
CA VAL B 45 -12.10 -10.12 -15.79
C VAL B 45 -12.87 -9.34 -14.73
N LYS B 46 -12.24 -9.04 -13.61
CA LYS B 46 -12.93 -8.32 -12.53
C LYS B 46 -12.16 -7.12 -11.99
N CYS B 47 -12.80 -5.95 -11.95
CA CYS B 47 -12.12 -4.78 -11.35
C CYS B 47 -11.96 -5.09 -9.85
N GLN B 48 -10.83 -4.69 -9.26
CA GLN B 48 -10.62 -4.93 -7.85
C GLN B 48 -10.79 -3.67 -6.99
N VAL B 49 -11.99 -3.54 -6.42
CA VAL B 49 -12.36 -2.45 -5.52
C VAL B 49 -12.96 -3.10 -4.30
N HIS B 50 -12.87 -2.43 -3.16
CA HIS B 50 -13.41 -2.98 -1.95
C HIS B 50 -14.94 -3.15 -1.95
N ALA B 51 -15.64 -2.30 -2.68
CA ALA B 51 -17.09 -2.39 -2.66
C ALA B 51 -17.65 -3.57 -3.46
N GLY B 52 -18.93 -3.85 -3.22
CA GLY B 52 -19.61 -4.89 -3.94
C GLY B 52 -20.56 -4.31 -4.98
N GLY B 53 -21.25 -5.18 -5.72
CA GLY B 53 -22.17 -4.74 -6.76
C GLY B 53 -21.36 -4.27 -7.95
N ARG B 54 -20.19 -4.89 -8.10
CA ARG B 54 -19.24 -4.59 -9.17
C ARG B 54 -19.81 -5.14 -10.45
N GLY B 55 -20.57 -6.24 -10.32
CA GLY B 55 -21.15 -6.90 -11.48
C GLY B 55 -22.05 -5.95 -12.24
N LYS B 56 -23.07 -5.50 -11.52
CA LYS B 56 -24.08 -4.57 -12.02
C LYS B 56 -23.44 -3.39 -12.70
N ALA B 57 -22.44 -2.79 -12.07
CA ALA B 57 -21.78 -1.60 -12.63
C ALA B 57 -20.99 -1.85 -13.89
N GLY B 58 -20.87 -3.14 -14.25
CA GLY B 58 -20.15 -3.57 -15.45
C GLY B 58 -18.66 -3.69 -15.23
N GLY B 59 -18.29 -4.03 -13.99
CA GLY B 59 -16.90 -4.17 -13.62
C GLY B 59 -16.44 -5.62 -13.61
N VAL B 60 -17.36 -6.50 -13.99
CA VAL B 60 -17.08 -7.93 -14.09
C VAL B 60 -17.65 -8.41 -15.43
N LYS B 61 -16.83 -9.12 -16.20
CA LYS B 61 -17.23 -9.64 -17.51
C LYS B 61 -16.49 -10.93 -17.86
N VAL B 62 -17.12 -11.67 -18.78
CA VAL B 62 -16.57 -12.91 -19.30
C VAL B 62 -16.20 -12.61 -20.74
N VAL B 63 -14.96 -12.84 -21.10
CA VAL B 63 -14.57 -12.51 -22.45
C VAL B 63 -13.96 -13.68 -23.20
N ASN B 64 -13.86 -13.55 -24.53
CA ASN B 64 -13.35 -14.62 -25.33
C ASN B 64 -12.03 -14.46 -26.01
N SER B 65 -11.47 -13.28 -26.00
CA SER B 65 -10.20 -13.15 -26.68
C SER B 65 -9.23 -12.33 -25.90
N LYS B 66 -7.95 -12.53 -26.16
CA LYS B 66 -6.95 -11.75 -25.48
C LYS B 66 -7.22 -10.25 -25.69
N GLU B 67 -7.62 -9.85 -26.89
CA GLU B 67 -7.91 -8.45 -27.23
C GLU B 67 -8.99 -7.89 -26.32
N ASP B 68 -10.04 -8.68 -26.08
CA ASP B 68 -11.11 -8.24 -25.19
C ASP B 68 -10.63 -7.99 -23.79
N ILE B 69 -9.63 -8.76 -23.35
CA ILE B 69 -9.06 -8.58 -22.01
C ILE B 69 -8.33 -7.23 -21.98
N ARG B 70 -7.46 -7.02 -22.96
CA ARG B 70 -6.69 -5.79 -23.03
C ARG B 70 -7.70 -4.66 -23.03
N ALA B 71 -8.71 -4.76 -23.85
CA ALA B 71 -9.71 -3.71 -23.93
C ALA B 71 -10.37 -3.36 -22.59
N PHE B 72 -10.69 -4.36 -21.80
CA PHE B 72 -11.33 -4.14 -20.51
C PHE B 72 -10.34 -3.38 -19.64
N ALA B 73 -9.13 -3.93 -19.53
CA ALA B 73 -8.08 -3.33 -18.73
C ALA B 73 -7.91 -1.87 -19.12
N GLU B 74 -7.84 -1.58 -20.42
CA GLU B 74 -7.63 -0.21 -20.85
C GLU B 74 -8.74 0.71 -20.41
N ASN B 75 -9.94 0.12 -20.40
CA ASN B 75 -11.13 0.85 -20.05
C ASN B 75 -11.22 1.19 -18.61
N TRP B 76 -10.67 0.36 -17.73
CA TRP B 76 -10.77 0.61 -16.31
C TRP B 76 -9.58 1.02 -15.48
N LEU B 77 -8.41 0.46 -15.71
CA LEU B 77 -7.31 0.87 -14.87
C LEU B 77 -7.18 2.41 -14.80
N GLY B 78 -7.04 2.90 -13.58
CA GLY B 78 -6.93 4.32 -13.45
C GLY B 78 -8.28 5.02 -13.38
N LYS B 79 -9.38 4.34 -13.60
CA LYS B 79 -10.68 5.01 -13.51
C LYS B 79 -11.31 4.67 -12.19
N ARG B 80 -12.39 5.36 -11.83
CA ARG B 80 -13.08 5.06 -10.58
C ARG B 80 -14.32 4.32 -10.93
N LEU B 81 -14.69 3.35 -10.10
CA LEU B 81 -15.85 2.55 -10.42
C LEU B 81 -16.92 2.82 -9.41
N VAL B 82 -18.10 3.16 -9.88
CA VAL B 82 -19.17 3.42 -8.95
C VAL B 82 -20.20 2.33 -8.90
N THR B 83 -20.33 1.70 -7.75
CA THR B 83 -21.33 0.67 -7.57
C THR B 83 -22.25 1.23 -6.50
N TYR B 84 -23.37 0.55 -6.31
CA TYR B 84 -24.34 0.99 -5.33
C TYR B 84 -23.80 0.96 -3.89
N GLN B 85 -22.56 0.57 -3.70
CA GLN B 85 -22.03 0.52 -2.35
C GLN B 85 -20.92 1.54 -2.17
N THR B 86 -20.61 2.26 -3.23
CA THR B 86 -19.55 3.25 -3.14
C THR B 86 -20.28 4.55 -3.10
N ASP B 87 -19.60 5.60 -2.67
CA ASP B 87 -20.25 6.90 -2.63
C ASP B 87 -20.44 7.33 -4.09
N ALA B 88 -20.52 8.63 -4.35
CA ALA B 88 -20.71 9.08 -5.71
C ALA B 88 -19.43 9.10 -6.51
N ASN B 89 -18.29 9.16 -5.82
CA ASN B 89 -16.99 9.16 -6.51
C ASN B 89 -16.56 7.78 -6.98
N GLY B 90 -16.97 6.76 -6.25
CA GLY B 90 -16.57 5.40 -6.59
C GLY B 90 -15.17 5.15 -6.08
N GLN B 91 -14.66 3.96 -6.32
CA GLN B 91 -13.34 3.66 -5.86
C GLN B 91 -12.48 3.42 -7.07
N PRO B 92 -11.21 3.81 -6.95
CA PRO B 92 -10.20 3.67 -7.99
C PRO B 92 -9.81 2.23 -8.30
N VAL B 93 -9.83 1.91 -9.58
CA VAL B 93 -9.45 0.57 -10.01
C VAL B 93 -7.96 0.57 -10.39
N ASN B 94 -7.16 -0.14 -9.63
CA ASN B 94 -5.74 -0.19 -9.89
C ASN B 94 -5.26 -1.58 -10.24
N GLN B 95 -6.17 -2.55 -10.21
CA GLN B 95 -5.89 -3.95 -10.55
C GLN B 95 -7.08 -4.66 -11.06
N ILE B 96 -6.84 -5.50 -12.05
CA ILE B 96 -7.87 -6.33 -12.67
C ILE B 96 -7.53 -7.75 -12.32
N LEU B 97 -8.51 -8.50 -11.82
CA LEU B 97 -8.26 -9.91 -11.56
C LEU B 97 -8.73 -10.65 -12.80
N VAL B 98 -7.86 -11.47 -13.36
CA VAL B 98 -8.22 -12.24 -14.55
C VAL B 98 -8.15 -13.69 -14.15
N GLU B 99 -9.30 -14.34 -14.10
CA GLU B 99 -9.27 -15.75 -13.72
C GLU B 99 -10.04 -16.62 -14.71
N ALA B 100 -9.83 -17.92 -14.57
CA ALA B 100 -10.49 -18.92 -15.42
C ALA B 100 -11.99 -18.94 -15.14
N ALA B 101 -12.77 -19.14 -16.19
CA ALA B 101 -14.23 -19.19 -16.07
C ALA B 101 -14.61 -20.48 -15.31
N THR B 102 -15.75 -20.49 -14.61
CA THR B 102 -16.15 -21.68 -13.85
C THR B 102 -17.48 -22.26 -14.32
N ASP B 103 -17.59 -23.58 -14.48
CA ASP B 103 -18.87 -24.15 -14.93
C ASP B 103 -19.81 -24.29 -13.74
N ILE B 104 -20.69 -23.31 -13.59
CA ILE B 104 -21.57 -23.32 -12.44
C ILE B 104 -22.79 -24.21 -12.48
N ALA B 105 -22.85 -25.12 -11.52
CA ALA B 105 -23.98 -26.02 -11.38
C ALA B 105 -24.97 -25.41 -10.40
N LYS B 106 -24.49 -25.06 -9.23
CA LYS B 106 -25.37 -24.48 -8.21
C LYS B 106 -24.61 -23.41 -7.40
N GLU B 107 -25.32 -22.36 -6.98
CA GLU B 107 -24.71 -21.29 -6.19
C GLU B 107 -25.17 -21.21 -4.71
N LEU B 108 -24.20 -21.34 -3.79
CA LEU B 108 -24.50 -21.32 -2.36
C LEU B 108 -23.95 -20.06 -1.71
N TYR B 109 -24.21 -19.94 -0.42
CA TYR B 109 -23.71 -18.82 0.36
C TYR B 109 -23.10 -19.29 1.65
N LEU B 110 -21.88 -18.88 1.89
CA LEU B 110 -21.22 -19.25 3.12
C LEU B 110 -20.67 -17.95 3.68
N GLY B 111 -20.79 -17.76 4.99
CA GLY B 111 -20.33 -16.53 5.60
C GLY B 111 -20.22 -16.64 7.12
N ALA B 112 -19.43 -15.74 7.70
CA ALA B 112 -19.23 -15.74 9.14
C ALA B 112 -19.07 -14.28 9.58
N VAL B 113 -19.44 -13.99 10.83
CA VAL B 113 -19.32 -12.66 11.48
C VAL B 113 -19.32 -12.88 12.99
N VAL B 114 -19.07 -11.81 13.76
CA VAL B 114 -19.12 -11.93 15.22
C VAL B 114 -20.55 -11.43 15.58
N ASP B 115 -21.32 -12.33 16.19
CA ASP B 115 -22.69 -12.03 16.57
C ASP B 115 -22.64 -11.34 17.93
N ARG B 116 -22.88 -10.04 17.88
CA ARG B 116 -22.82 -9.22 19.08
C ARG B 116 -23.75 -9.65 20.16
N SER B 117 -24.87 -10.15 19.71
CA SER B 117 -25.94 -10.59 20.57
C SER B 117 -25.64 -11.83 21.37
N SER B 118 -25.13 -12.89 20.70
CA SER B 118 -24.77 -14.14 21.36
C SER B 118 -23.34 -14.22 21.77
N ARG B 119 -22.55 -13.19 21.42
CA ARG B 119 -21.14 -13.13 21.76
C ARG B 119 -20.33 -14.32 21.27
N ARG B 120 -20.56 -14.66 19.99
CA ARG B 120 -19.94 -15.80 19.30
C ARG B 120 -19.64 -15.49 17.85
N VAL B 121 -18.76 -16.28 17.25
CA VAL B 121 -18.43 -16.16 15.81
C VAL B 121 -19.47 -17.11 15.21
N VAL B 122 -20.32 -16.58 14.37
CA VAL B 122 -21.38 -17.38 13.80
C VAL B 122 -21.17 -17.60 12.32
N PHE B 123 -21.36 -18.84 11.87
CA PHE B 123 -21.25 -19.14 10.44
C PHE B 123 -22.64 -19.32 9.91
N MET B 124 -22.88 -18.82 8.70
CA MET B 124 -24.18 -18.96 8.04
C MET B 124 -24.10 -19.53 6.63
N ALA B 125 -24.97 -20.49 6.35
CA ALA B 125 -25.00 -21.12 5.04
C ALA B 125 -26.39 -21.02 4.51
N SER B 126 -26.49 -20.94 3.20
CA SER B 126 -27.77 -20.87 2.56
C SER B 126 -27.65 -21.36 1.16
N THR B 127 -28.77 -21.79 0.60
CA THR B 127 -28.81 -22.31 -0.75
C THR B 127 -29.10 -21.17 -1.71
N GLU B 128 -29.39 -20.02 -1.14
CA GLU B 128 -29.68 -18.83 -1.90
C GLU B 128 -28.39 -18.11 -2.27
N GLY B 129 -27.56 -18.80 -3.03
CA GLY B 129 -26.31 -18.19 -3.46
C GLY B 129 -26.55 -17.15 -4.56
N GLY B 130 -25.69 -16.13 -4.64
CA GLY B 130 -25.85 -15.11 -5.66
C GLY B 130 -26.84 -14.00 -5.32
N VAL B 131 -27.22 -13.89 -4.05
CA VAL B 131 -28.17 -12.86 -3.66
C VAL B 131 -27.62 -12.19 -2.44
N GLU B 132 -27.89 -10.89 -2.32
CA GLU B 132 -27.44 -10.16 -1.17
C GLU B 132 -28.08 -10.87 0.03
N ILE B 133 -27.26 -11.34 0.94
CA ILE B 133 -27.76 -12.08 2.07
C ILE B 133 -28.75 -11.33 2.96
N GLU B 134 -28.77 -10.01 2.94
CA GLU B 134 -29.72 -9.36 3.82
C GLU B 134 -31.10 -9.44 3.27
N LYS B 135 -31.23 -9.61 1.96
CA LYS B 135 -32.57 -9.78 1.38
C LYS B 135 -33.11 -11.10 1.92
N VAL B 136 -32.37 -12.17 1.64
CA VAL B 136 -32.74 -13.52 2.06
C VAL B 136 -33.16 -13.56 3.52
N ALA B 137 -32.39 -12.92 4.36
CA ALA B 137 -32.67 -12.93 5.79
C ALA B 137 -33.91 -12.21 6.21
N GLU B 138 -34.37 -11.31 5.38
CA GLU B 138 -35.56 -10.56 5.73
C GLU B 138 -36.76 -11.28 5.16
N GLU B 139 -36.66 -11.68 3.91
CA GLU B 139 -37.74 -12.38 3.27
C GLU B 139 -37.88 -13.84 3.61
N THR B 140 -36.78 -14.58 3.60
CA THR B 140 -36.85 -16.02 3.89
C THR B 140 -35.89 -16.46 4.98
N PRO B 141 -35.94 -15.84 6.18
CA PRO B 141 -35.04 -16.19 7.28
C PRO B 141 -34.82 -17.69 7.58
N HIS B 142 -35.76 -18.53 7.15
CA HIS B 142 -35.67 -19.96 7.37
C HIS B 142 -34.74 -20.65 6.41
N LEU B 143 -34.20 -19.90 5.45
CA LEU B 143 -33.30 -20.49 4.48
C LEU B 143 -31.85 -20.20 4.83
N ILE B 144 -31.63 -19.68 6.02
CA ILE B 144 -30.29 -19.41 6.45
C ILE B 144 -30.03 -20.26 7.66
N HIS B 145 -29.00 -21.11 7.60
CA HIS B 145 -28.68 -21.99 8.72
C HIS B 145 -27.42 -21.47 9.36
N LYS B 146 -27.32 -21.62 10.69
CA LYS B 146 -26.17 -21.10 11.44
C LYS B 146 -25.60 -22.06 12.45
N VAL B 147 -24.34 -21.88 12.80
CA VAL B 147 -23.67 -22.67 13.86
C VAL B 147 -22.79 -21.61 14.59
N ALA B 148 -22.37 -21.89 15.82
CA ALA B 148 -21.59 -20.89 16.51
C ALA B 148 -20.35 -21.52 17.06
N LEU B 149 -19.20 -20.94 16.76
CA LEU B 149 -18.00 -21.52 17.28
C LEU B 149 -17.91 -21.45 18.80
N ASP B 150 -17.70 -22.59 19.44
CA ASP B 150 -17.56 -22.66 20.88
C ASP B 150 -16.14 -22.20 21.19
N PRO B 151 -16.01 -21.12 21.97
CA PRO B 151 -14.64 -20.68 22.26
C PRO B 151 -13.79 -21.75 22.99
N LEU B 152 -14.44 -22.64 23.73
CA LEU B 152 -13.69 -23.66 24.45
C LEU B 152 -13.04 -24.69 23.55
N THR B 153 -13.78 -25.15 22.55
CA THR B 153 -13.30 -26.21 21.69
C THR B 153 -12.79 -25.82 20.34
N GLY B 154 -13.28 -24.73 19.78
CA GLY B 154 -12.79 -24.34 18.47
C GLY B 154 -13.70 -24.98 17.49
N PRO B 155 -13.59 -24.68 16.21
CA PRO B 155 -14.48 -25.29 15.22
C PRO B 155 -14.33 -26.80 15.16
N MET B 156 -15.47 -27.47 15.14
CA MET B 156 -15.50 -28.92 15.07
C MET B 156 -16.12 -29.38 13.75
N PRO B 157 -15.75 -30.59 13.30
CA PRO B 157 -16.27 -31.17 12.05
C PRO B 157 -17.76 -31.40 12.07
N TYR B 158 -18.29 -31.80 13.21
CA TYR B 158 -19.74 -32.03 13.24
C TYR B 158 -20.51 -30.79 12.81
N GLN B 159 -20.01 -29.59 13.14
CA GLN B 159 -20.68 -28.33 12.77
C GLN B 159 -20.56 -28.13 11.28
N GLY B 160 -19.45 -28.57 10.71
CA GLY B 160 -19.26 -28.45 9.29
C GLY B 160 -20.29 -29.31 8.60
N ARG B 161 -20.38 -30.58 9.03
CA ARG B 161 -21.36 -31.54 8.46
C ARG B 161 -22.79 -31.06 8.60
N GLU B 162 -23.14 -30.60 9.80
CA GLU B 162 -24.49 -30.10 10.05
C GLU B 162 -25.01 -29.17 8.97
N LEU B 163 -24.21 -28.15 8.67
CA LEU B 163 -24.54 -27.18 7.66
C LEU B 163 -24.59 -27.86 6.32
N ALA B 164 -23.59 -28.70 6.04
CA ALA B 164 -23.51 -29.43 4.77
C ALA B 164 -24.81 -30.19 4.47
N PHE B 165 -25.33 -30.88 5.49
CA PHE B 165 -26.57 -31.64 5.34
C PHE B 165 -27.79 -30.75 5.24
N LYS B 166 -27.87 -29.69 6.05
CA LYS B 166 -29.01 -28.80 5.94
C LYS B 166 -29.11 -28.18 4.56
N LEU B 167 -28.00 -28.13 3.84
CA LEU B 167 -27.99 -27.53 2.51
C LEU B 167 -28.34 -28.59 1.55
N GLY B 168 -28.40 -29.81 2.05
CA GLY B 168 -28.73 -30.93 1.20
C GLY B 168 -27.59 -31.41 0.34
N LEU B 169 -26.38 -31.37 0.83
CA LEU B 169 -25.29 -31.85 0.03
C LEU B 169 -25.15 -33.31 0.42
N GLU B 170 -24.49 -34.12 -0.39
CA GLU B 170 -24.28 -35.51 -0.04
C GLU B 170 -23.07 -36.05 -0.77
N GLY B 171 -22.42 -37.05 -0.18
CA GLY B 171 -21.30 -37.64 -0.82
C GLY B 171 -20.03 -36.89 -0.58
N LYS B 172 -19.25 -36.75 -1.63
CA LYS B 172 -17.99 -36.08 -1.47
C LYS B 172 -18.20 -34.60 -1.19
N LEU B 173 -19.34 -34.05 -1.60
CA LEU B 173 -19.59 -32.63 -1.34
C LEU B 173 -19.74 -32.39 0.16
N VAL B 174 -20.08 -33.43 0.90
CA VAL B 174 -20.18 -33.20 2.34
C VAL B 174 -18.80 -33.03 2.95
N GLN B 175 -17.83 -33.81 2.46
CA GLN B 175 -16.45 -33.75 2.93
C GLN B 175 -15.83 -32.42 2.56
N GLN B 176 -15.94 -32.08 1.28
CA GLN B 176 -15.42 -30.85 0.78
C GLN B 176 -15.91 -29.66 1.61
N PHE B 177 -17.22 -29.59 1.79
CA PHE B 177 -17.80 -28.49 2.55
C PHE B 177 -17.26 -28.46 3.98
N THR B 178 -17.17 -29.61 4.62
CA THR B 178 -16.68 -29.64 5.98
C THR B 178 -15.30 -29.05 6.10
N LYS B 179 -14.44 -29.42 5.14
CA LYS B 179 -13.05 -28.99 5.08
C LYS B 179 -12.94 -27.49 4.85
N ILE B 180 -13.83 -26.94 4.04
CA ILE B 180 -13.88 -25.50 3.76
C ILE B 180 -14.36 -24.76 5.04
N PHE B 181 -15.37 -25.30 5.72
CA PHE B 181 -15.85 -24.70 6.95
C PHE B 181 -14.67 -24.68 7.94
N MET B 182 -13.98 -25.80 8.06
CA MET B 182 -12.87 -25.85 8.98
C MET B 182 -11.79 -24.87 8.62
N GLY B 183 -11.57 -24.65 7.32
CA GLY B 183 -10.51 -23.75 6.91
C GLY B 183 -10.85 -22.34 7.31
N LEU B 184 -11.96 -21.86 6.76
CA LEU B 184 -12.48 -20.53 7.05
C LEU B 184 -12.55 -20.25 8.55
N ALA B 185 -13.08 -21.18 9.32
CA ALA B 185 -13.20 -21.02 10.77
C ALA B 185 -11.81 -20.79 11.34
N THR B 186 -10.83 -21.55 10.88
CA THR B 186 -9.46 -21.34 11.34
C THR B 186 -8.93 -19.95 10.90
N ILE B 187 -8.97 -19.65 9.60
CA ILE B 187 -8.49 -18.36 9.13
C ILE B 187 -9.07 -17.29 9.97
N PHE B 188 -10.37 -17.43 10.26
CA PHE B 188 -11.10 -16.42 11.05
C PHE B 188 -10.44 -16.19 12.38
N LEU B 189 -10.27 -17.27 13.13
CA LEU B 189 -9.64 -17.15 14.42
C LEU B 189 -8.18 -16.70 14.37
N GLU B 190 -7.41 -17.30 13.51
CA GLU B 190 -6.00 -16.97 13.37
C GLU B 190 -5.62 -15.57 12.83
N ARG B 191 -6.36 -15.03 11.89
CA ARG B 191 -5.99 -13.75 11.33
C ARG B 191 -6.79 -12.65 11.89
N ASP B 192 -7.48 -12.91 12.98
CA ASP B 192 -8.31 -11.90 13.58
C ASP B 192 -9.25 -11.26 12.63
N LEU B 193 -10.08 -12.05 11.97
CA LEU B 193 -11.03 -11.48 11.03
C LEU B 193 -12.29 -10.95 11.73
N ALA B 194 -12.97 -10.07 11.04
CA ALA B 194 -14.19 -9.50 11.56
C ALA B 194 -15.35 -10.04 10.72
N LEU B 195 -15.07 -10.40 9.46
CA LEU B 195 -16.12 -10.84 8.58
C LEU B 195 -15.62 -11.67 7.39
N ILE B 196 -16.36 -12.73 7.04
CA ILE B 196 -16.06 -13.57 5.87
C ILE B 196 -17.30 -13.76 5.00
N GLU B 197 -17.15 -13.59 3.69
CA GLU B 197 -18.27 -13.80 2.79
C GLU B 197 -17.95 -14.45 1.45
N ILE B 198 -18.29 -15.73 1.28
CA ILE B 198 -18.08 -16.42 0.02
C ILE B 198 -19.47 -16.40 -0.71
N ASN B 199 -19.66 -15.47 -1.65
CA ASN B 199 -20.93 -15.36 -2.35
C ASN B 199 -20.68 -15.10 -3.83
N PRO B 200 -20.84 -16.15 -4.68
CA PRO B 200 -21.23 -17.53 -4.33
C PRO B 200 -20.17 -18.58 -4.07
N LEU B 201 -20.54 -19.56 -3.25
CA LEU B 201 -19.70 -20.72 -2.96
C LEU B 201 -20.41 -21.63 -4.00
N VAL B 202 -19.69 -21.98 -5.04
CA VAL B 202 -20.22 -22.73 -6.15
C VAL B 202 -20.01 -24.25 -6.19
N ILE B 203 -20.97 -24.95 -6.79
CA ILE B 203 -20.81 -26.40 -7.00
C ILE B 203 -20.62 -26.45 -8.49
N THR B 204 -19.48 -26.92 -8.94
CA THR B 204 -19.21 -26.93 -10.38
C THR B 204 -19.91 -28.06 -11.09
N LYS B 205 -20.19 -27.89 -12.38
CA LYS B 205 -20.80 -28.97 -13.12
C LYS B 205 -19.98 -30.27 -12.93
N GLN B 206 -18.66 -30.16 -12.83
CA GLN B 206 -17.87 -31.35 -12.60
C GLN B 206 -18.03 -31.87 -11.16
N GLY B 207 -18.94 -31.27 -10.39
CA GLY B 207 -19.18 -31.75 -9.03
C GLY B 207 -18.31 -31.35 -7.86
N ASP B 208 -17.60 -30.22 -7.94
CA ASP B 208 -16.78 -29.76 -6.81
C ASP B 208 -17.22 -28.39 -6.28
N LEU B 209 -16.84 -28.13 -5.02
CA LEU B 209 -17.12 -26.86 -4.38
C LEU B 209 -15.89 -25.99 -4.67
N ILE B 210 -16.14 -24.72 -4.96
CA ILE B 210 -15.09 -23.76 -5.24
C ILE B 210 -15.58 -22.36 -4.80
N CYS B 211 -14.67 -21.54 -4.28
CA CYS B 211 -15.04 -20.19 -3.80
C CYS B 211 -14.87 -19.20 -4.94
N LEU B 212 -15.97 -18.81 -5.54
CA LEU B 212 -15.90 -17.92 -6.69
C LEU B 212 -15.53 -16.48 -6.37
N ASP B 213 -16.06 -15.99 -5.26
CA ASP B 213 -15.78 -14.65 -4.88
C ASP B 213 -15.38 -14.77 -3.46
N GLY B 214 -14.78 -13.71 -2.94
CA GLY B 214 -14.35 -13.72 -1.55
C GLY B 214 -14.32 -12.32 -1.01
N LYS B 215 -14.82 -12.17 0.21
CA LYS B 215 -14.84 -10.88 0.82
C LYS B 215 -14.40 -10.96 2.26
N LEU B 216 -13.23 -10.42 2.61
CA LEU B 216 -12.76 -10.43 4.00
C LEU B 216 -12.69 -9.06 4.69
N GLY B 217 -12.96 -9.07 5.99
CA GLY B 217 -12.85 -7.88 6.79
C GLY B 217 -11.97 -8.27 7.97
N ALA B 218 -10.95 -7.49 8.29
CA ALA B 218 -10.10 -7.84 9.41
C ALA B 218 -10.41 -6.85 10.55
N ASP B 219 -10.19 -7.25 11.78
CA ASP B 219 -10.43 -6.39 12.94
C ASP B 219 -9.21 -5.47 13.06
N GLY B 220 -9.43 -4.18 12.74
CA GLY B 220 -8.39 -3.15 12.82
C GLY B 220 -7.64 -3.16 14.14
N ASN B 221 -8.35 -3.44 15.22
CA ASN B 221 -7.74 -3.47 16.55
C ASN B 221 -6.70 -4.56 16.68
N ALA B 222 -6.70 -5.54 15.76
CA ALA B 222 -5.74 -6.62 15.89
C ALA B 222 -4.50 -6.57 15.00
N LEU B 223 -4.46 -5.61 14.07
CA LEU B 223 -3.30 -5.46 13.15
C LEU B 223 -1.93 -5.50 13.85
N PHE B 224 -1.86 -5.00 15.08
CA PHE B 224 -0.61 -5.05 15.79
C PHE B 224 -0.09 -6.51 15.84
N ARG B 225 -0.93 -7.52 15.63
CA ARG B 225 -0.43 -8.88 15.68
C ARG B 225 -0.73 -9.63 14.37
N GLN B 226 -1.02 -8.85 13.32
CA GLN B 226 -1.31 -9.37 11.99
C GLN B 226 -0.47 -8.59 10.97
N PRO B 227 0.85 -8.71 11.10
CA PRO B 227 1.82 -8.03 10.25
C PRO B 227 1.53 -8.13 8.79
N ASP B 228 1.26 -9.35 8.29
CA ASP B 228 0.93 -9.56 6.88
C ASP B 228 -0.28 -8.78 6.42
N LEU B 229 -1.34 -8.78 7.21
CA LEU B 229 -2.56 -8.07 6.89
C LEU B 229 -2.31 -6.61 6.90
N ARG B 230 -1.46 -6.18 7.82
CA ARG B 230 -1.15 -4.76 7.92
C ARG B 230 -0.64 -4.26 6.54
N GLU B 231 0.28 -5.04 5.98
CA GLU B 231 0.86 -4.73 4.69
C GLU B 231 -0.12 -4.74 3.56
N MET B 232 -1.15 -5.56 3.64
CA MET B 232 -2.14 -5.61 2.57
C MET B 232 -3.13 -4.46 2.50
N ARG B 233 -3.10 -3.52 3.44
CA ARG B 233 -4.04 -2.42 3.41
C ARG B 233 -3.89 -1.57 2.18
N ASP B 234 -5.01 -1.21 1.56
CA ASP B 234 -5.01 -0.39 0.36
C ASP B 234 -5.77 0.93 0.61
N GLN B 235 -5.02 1.94 1.05
CA GLN B 235 -5.51 3.26 1.37
C GLN B 235 -6.20 3.95 0.24
N SER B 236 -5.95 3.48 -0.97
CA SER B 236 -6.54 4.11 -2.14
C SER B 236 -8.05 3.95 -2.18
N GLN B 237 -8.54 2.97 -1.43
CA GLN B 237 -9.97 2.68 -1.39
C GLN B 237 -10.75 3.54 -0.40
N GLU B 238 -10.03 4.19 0.51
CA GLU B 238 -10.65 5.04 1.52
C GLU B 238 -10.54 6.54 1.20
N ASP B 239 -11.38 7.33 1.88
CA ASP B 239 -11.41 8.80 1.76
C ASP B 239 -10.08 9.12 2.38
N PRO B 240 -9.19 9.74 1.63
CA PRO B 240 -7.86 10.06 2.15
C PRO B 240 -7.83 10.82 3.46
N ARG B 241 -8.81 11.72 3.63
CA ARG B 241 -8.93 12.54 4.83
C ARG B 241 -9.10 11.66 6.09
N GLU B 242 -9.80 10.53 5.97
CA GLU B 242 -9.95 9.66 7.12
C GLU B 242 -8.57 9.24 7.66
N ALA B 243 -7.67 8.83 6.79
CA ALA B 243 -6.34 8.42 7.24
C ALA B 243 -5.56 9.59 7.79
N GLN B 244 -5.72 10.71 7.11
CA GLN B 244 -5.05 11.91 7.47
C GLN B 244 -5.40 12.31 8.88
N ALA B 245 -6.70 12.19 9.20
CA ALA B 245 -7.22 12.53 10.52
C ALA B 245 -6.61 11.61 11.54
N ALA B 246 -6.62 10.32 11.25
CA ALA B 246 -6.10 9.30 12.13
C ALA B 246 -4.67 9.54 12.61
N GLN B 247 -3.86 10.17 11.76
CA GLN B 247 -2.47 10.44 12.11
C GLN B 247 -2.41 11.40 13.24
N TRP B 248 -3.45 12.23 13.32
CA TRP B 248 -3.64 13.27 14.33
C TRP B 248 -4.61 12.91 15.42
N GLU B 249 -4.86 11.63 15.58
CA GLU B 249 -5.74 11.14 16.59
C GLU B 249 -7.12 11.75 16.52
N LEU B 250 -7.65 11.87 15.30
CA LEU B 250 -8.98 12.38 15.09
C LEU B 250 -9.78 11.33 14.32
N ASN B 251 -11.07 11.18 14.61
CA ASN B 251 -11.90 10.24 13.90
C ASN B 251 -12.78 11.06 13.03
N TYR B 252 -12.52 11.03 11.73
CA TYR B 252 -13.28 11.80 10.75
C TYR B 252 -14.10 10.91 9.79
N VAL B 253 -15.25 11.42 9.36
CA VAL B 253 -16.14 10.72 8.43
C VAL B 253 -16.90 11.84 7.75
N ALA B 254 -16.75 11.99 6.45
CA ALA B 254 -17.45 13.04 5.75
C ALA B 254 -18.93 12.71 5.48
N LEU B 255 -19.80 13.71 5.48
CA LEU B 255 -21.23 13.53 5.19
C LEU B 255 -21.61 14.63 4.21
N ASP B 256 -22.91 14.84 3.96
CA ASP B 256 -23.34 15.96 3.07
C ASP B 256 -24.29 16.88 3.82
N GLY B 257 -23.74 18.01 4.21
CA GLY B 257 -24.48 19.01 4.94
C GLY B 257 -23.51 20.16 4.82
N ASN B 258 -23.88 21.29 5.42
CA ASN B 258 -23.04 22.45 5.34
C ASN B 258 -22.58 22.91 6.71
N ILE B 259 -22.92 22.17 7.76
CA ILE B 259 -22.43 22.56 9.07
C ILE B 259 -21.37 21.61 9.61
N GLY B 260 -20.14 22.08 9.70
CA GLY B 260 -19.08 21.25 10.21
C GLY B 260 -19.17 21.10 11.73
N CYS B 261 -18.67 19.99 12.25
CA CYS B 261 -18.68 19.70 13.68
C CYS B 261 -17.33 19.25 14.17
N MET B 262 -16.92 19.82 15.29
CA MET B 262 -15.67 19.46 15.90
C MET B 262 -16.12 19.23 17.35
N VAL B 263 -16.13 17.98 17.82
CA VAL B 263 -16.57 17.67 19.18
C VAL B 263 -15.55 16.69 19.77
N ASN B 264 -15.47 16.59 21.08
CA ASN B 264 -14.54 15.60 21.65
C ASN B 264 -15.40 14.46 22.21
N GLY B 265 -15.25 13.26 21.66
CA GLY B 265 -16.04 12.16 22.15
C GLY B 265 -16.94 11.65 21.04
N ALA B 266 -16.95 10.34 20.87
CA ALA B 266 -17.74 9.73 19.83
C ALA B 266 -19.25 9.94 20.03
N GLY B 267 -19.72 9.74 21.27
CA GLY B 267 -21.12 9.91 21.64
C GLY B 267 -21.55 11.36 21.52
N LEU B 268 -20.77 12.24 22.15
CA LEU B 268 -21.06 13.67 22.09
C LEU B 268 -21.00 14.19 20.64
N ALA B 269 -20.11 13.58 19.84
CA ALA B 269 -19.98 13.96 18.44
C ALA B 269 -21.26 13.57 17.71
N MET B 270 -21.75 12.36 17.97
CA MET B 270 -23.00 11.90 17.32
C MET B 270 -24.19 12.66 17.87
N GLY B 271 -24.14 13.00 19.15
CA GLY B 271 -25.22 13.78 19.76
C GLY B 271 -25.29 15.16 19.12
N THR B 272 -24.14 15.84 19.05
CA THR B 272 -24.06 17.15 18.44
C THR B 272 -24.60 17.14 17.03
N MET B 273 -24.21 16.16 16.23
CA MET B 273 -24.70 16.10 14.86
C MET B 273 -26.22 16.02 14.85
N ASP B 274 -26.78 15.21 15.74
CA ASP B 274 -28.24 15.07 15.83
C ASP B 274 -29.01 16.35 16.23
N ILE B 275 -28.59 17.02 17.30
CA ILE B 275 -29.24 18.24 17.80
C ILE B 275 -29.17 19.37 16.77
N VAL B 276 -28.16 19.34 15.92
CA VAL B 276 -28.03 20.32 14.84
C VAL B 276 -29.07 19.92 13.78
N LYS B 277 -29.33 18.62 13.65
CA LYS B 277 -30.31 18.14 12.67
C LYS B 277 -31.74 18.50 13.14
N LEU B 278 -31.95 18.28 14.42
CA LEU B 278 -33.19 18.55 15.09
C LEU B 278 -33.62 19.99 14.82
N HIS B 279 -32.68 20.92 14.89
CA HIS B 279 -32.96 22.32 14.65
C HIS B 279 -32.75 22.77 13.23
N GLY B 280 -33.11 21.90 12.28
CA GLY B 280 -33.00 22.24 10.87
C GLY B 280 -31.65 22.28 10.17
N GLY B 281 -30.57 22.02 10.90
CA GLY B 281 -29.26 22.04 10.27
C GLY B 281 -28.98 20.74 9.54
N GLU B 282 -27.90 20.75 8.77
CA GLU B 282 -27.46 19.58 8.01
C GLU B 282 -26.00 19.32 8.34
N PRO B 283 -25.74 18.31 9.16
CA PRO B 283 -24.37 17.96 9.55
C PRO B 283 -23.60 17.58 8.32
N ALA B 284 -22.39 18.12 8.21
CA ALA B 284 -21.50 17.90 7.07
C ALA B 284 -20.41 16.88 7.32
N ASN B 285 -20.25 16.46 8.57
CA ASN B 285 -19.21 15.50 8.89
C ASN B 285 -19.31 15.13 10.38
N PHE B 286 -18.67 14.01 10.73
CA PHE B 286 -18.55 13.54 12.10
C PHE B 286 -17.05 13.73 12.31
N LEU B 287 -16.64 14.34 13.43
CA LEU B 287 -15.21 14.47 13.74
C LEU B 287 -15.11 14.44 15.26
N ASP B 288 -14.40 13.44 15.76
CA ASP B 288 -14.22 13.25 17.17
C ASP B 288 -12.77 13.57 17.49
N VAL B 289 -12.56 14.52 18.38
CA VAL B 289 -11.21 14.87 18.74
C VAL B 289 -10.73 13.96 19.84
N GLY B 290 -9.88 13.04 19.43
CA GLY B 290 -9.31 12.07 20.35
C GLY B 290 -8.28 12.66 21.28
N GLY B 291 -7.25 13.29 20.72
CA GLY B 291 -6.21 13.89 21.53
C GLY B 291 -6.66 15.11 22.32
N GLY B 292 -5.75 15.71 23.06
CA GLY B 292 -6.15 16.88 23.80
C GLY B 292 -6.39 17.96 22.77
N ALA B 293 -7.41 18.80 22.97
CA ALA B 293 -7.70 19.89 22.05
C ALA B 293 -6.57 20.93 22.09
N THR B 294 -5.39 20.53 21.63
CA THR B 294 -4.25 21.41 21.60
C THR B 294 -4.34 22.27 20.33
N LYS B 295 -3.60 23.35 20.32
CA LYS B 295 -3.59 24.24 19.20
C LYS B 295 -3.36 23.49 17.91
N GLU B 296 -2.25 22.76 17.83
CA GLU B 296 -1.92 22.02 16.62
C GLU B 296 -3.01 21.06 16.19
N ARG B 297 -3.58 20.31 17.14
CA ARG B 297 -4.62 19.34 16.82
C ARG B 297 -5.90 20.04 16.36
N VAL B 298 -6.23 21.16 16.98
CA VAL B 298 -7.43 21.90 16.63
C VAL B 298 -7.27 22.54 15.26
N THR B 299 -6.06 23.00 14.98
CA THR B 299 -5.81 23.59 13.68
C THR B 299 -6.10 22.49 12.67
N GLU B 300 -5.40 21.36 12.80
CA GLU B 300 -5.56 20.21 11.89
C GLU B 300 -6.98 19.82 11.58
N ALA B 301 -7.80 19.79 12.63
CA ALA B 301 -9.22 19.45 12.51
C ALA B 301 -9.93 20.46 11.63
N PHE B 302 -9.52 21.72 11.73
CA PHE B 302 -10.13 22.77 10.93
C PHE B 302 -9.78 22.57 9.48
N LYS B 303 -8.50 22.29 9.23
CA LYS B 303 -8.06 22.05 7.87
C LYS B 303 -8.87 20.95 7.24
N ILE B 304 -9.01 19.84 7.95
CA ILE B 304 -9.80 18.73 7.43
C ILE B 304 -11.29 19.03 7.21
N ILE B 305 -11.96 19.63 8.17
CA ILE B 305 -13.37 19.92 7.99
C ILE B 305 -13.58 20.81 6.80
N LEU B 306 -12.77 21.84 6.74
CA LEU B 306 -12.89 22.85 5.71
C LEU B 306 -12.40 22.42 4.33
N SER B 307 -11.84 21.22 4.24
CA SER B 307 -11.38 20.73 2.95
C SER B 307 -12.59 20.57 2.04
N ASP B 308 -13.77 20.46 2.64
CA ASP B 308 -15.02 20.32 1.90
C ASP B 308 -15.63 21.72 1.65
N ASP B 309 -15.97 22.05 0.41
CA ASP B 309 -16.53 23.39 0.12
C ASP B 309 -17.98 23.61 0.43
N LYS B 310 -18.71 22.55 0.69
CA LYS B 310 -20.11 22.66 1.06
C LYS B 310 -20.22 23.34 2.44
N VAL B 311 -19.15 23.29 3.24
CA VAL B 311 -19.18 23.86 4.59
C VAL B 311 -19.38 25.35 4.65
N LYS B 312 -20.43 25.74 5.37
CA LYS B 312 -20.83 27.13 5.51
C LYS B 312 -20.67 27.71 6.91
N ALA B 313 -20.46 26.82 7.86
CA ALA B 313 -20.32 27.22 9.24
C ALA B 313 -19.76 26.02 10.00
N VAL B 314 -19.12 26.32 11.12
CA VAL B 314 -18.57 25.25 11.91
C VAL B 314 -19.03 25.33 13.38
N LEU B 315 -19.49 24.20 13.90
CA LEU B 315 -19.90 24.15 15.29
C LEU B 315 -18.84 23.39 16.09
N VAL B 316 -18.21 24.06 17.06
CA VAL B 316 -17.25 23.42 17.92
C VAL B 316 -18.01 23.17 19.21
N ASN B 317 -17.85 21.99 19.81
CA ASN B 317 -18.55 21.65 21.05
C ASN B 317 -17.59 20.82 21.89
N ILE B 318 -17.02 21.41 22.91
CA ILE B 318 -16.07 20.73 23.73
C ILE B 318 -16.42 20.68 25.20
N PHE B 319 -16.79 19.50 25.70
CA PHE B 319 -17.14 19.31 27.12
C PHE B 319 -15.98 18.68 27.94
N GLY B 320 -15.49 19.39 28.94
CA GLY B 320 -14.40 18.86 29.74
C GLY B 320 -13.20 18.48 28.88
N GLY B 321 -12.63 17.31 29.11
CA GLY B 321 -11.46 16.90 28.35
C GLY B 321 -10.27 17.31 29.20
N ILE B 322 -9.06 16.94 28.82
CA ILE B 322 -7.91 17.29 29.64
C ILE B 322 -7.22 18.63 29.31
N VAL B 323 -7.95 19.60 28.79
CA VAL B 323 -7.36 20.92 28.48
C VAL B 323 -8.30 22.02 29.01
N ARG B 324 -7.77 22.98 29.77
CA ARG B 324 -8.60 24.06 30.33
C ARG B 324 -9.25 24.86 29.20
N CYS B 325 -10.52 25.18 29.35
CA CYS B 325 -11.22 25.87 28.27
C CYS B 325 -10.57 27.13 27.76
N ASP B 326 -9.94 27.90 28.61
CA ASP B 326 -9.33 29.12 28.11
C ASP B 326 -8.24 28.86 27.12
N LEU B 327 -7.53 27.75 27.30
CA LEU B 327 -6.46 27.35 26.40
C LEU B 327 -7.05 26.86 25.08
N ILE B 328 -8.20 26.21 25.18
CA ILE B 328 -8.86 25.72 23.98
C ILE B 328 -9.27 26.93 23.16
N ALA B 329 -9.92 27.91 23.80
CA ALA B 329 -10.38 29.14 23.10
C ALA B 329 -9.21 29.81 22.45
N ASP B 330 -8.05 29.73 23.10
CA ASP B 330 -6.84 30.33 22.56
C ASP B 330 -6.50 29.64 21.24
N GLY B 331 -6.41 28.32 21.32
CA GLY B 331 -6.12 27.53 20.14
C GLY B 331 -7.14 27.75 19.03
N ILE B 332 -8.43 27.82 19.37
CA ILE B 332 -9.45 28.03 18.36
C ILE B 332 -9.21 29.31 17.60
N ILE B 333 -8.72 30.33 18.27
CA ILE B 333 -8.46 31.58 17.61
C ILE B 333 -7.26 31.45 16.71
N GLY B 334 -6.13 30.99 17.26
CA GLY B 334 -4.98 30.83 16.39
C GLY B 334 -5.42 30.06 15.15
N ALA B 335 -6.06 28.91 15.36
CA ALA B 335 -6.53 28.09 14.27
C ALA B 335 -7.21 28.97 13.23
N VAL B 336 -8.27 29.67 13.64
CA VAL B 336 -9.01 30.51 12.70
C VAL B 336 -8.14 31.50 11.92
N ALA B 337 -7.27 32.22 12.60
CA ALA B 337 -6.44 33.23 11.93
C ALA B 337 -5.33 32.65 11.04
N GLU B 338 -4.83 31.49 11.43
CA GLU B 338 -3.79 30.82 10.67
C GLU B 338 -4.33 30.02 9.49
N VAL B 339 -5.37 29.22 9.72
CA VAL B 339 -5.99 28.47 8.65
C VAL B 339 -6.74 29.42 7.71
N GLY B 340 -7.20 30.53 8.24
CA GLY B 340 -7.92 31.47 7.42
C GLY B 340 -9.33 30.97 7.23
N VAL B 341 -10.01 30.79 8.35
CA VAL B 341 -11.37 30.32 8.32
C VAL B 341 -12.34 31.43 7.92
N ASN B 342 -13.08 31.21 6.86
CA ASN B 342 -14.01 32.22 6.39
C ASN B 342 -15.35 32.11 7.02
N VAL B 343 -15.88 30.91 7.04
CA VAL B 343 -17.19 30.75 7.64
C VAL B 343 -17.22 31.06 9.15
N PRO B 344 -18.40 31.38 9.64
CA PRO B 344 -18.60 31.68 11.04
C PRO B 344 -18.47 30.42 11.93
N VAL B 345 -17.71 30.56 13.00
CA VAL B 345 -17.52 29.48 13.94
C VAL B 345 -18.27 29.67 15.26
N VAL B 346 -19.23 28.79 15.55
CA VAL B 346 -19.98 28.79 16.81
C VAL B 346 -19.29 27.83 17.80
N VAL B 347 -19.00 28.29 19.01
CA VAL B 347 -18.30 27.48 20.00
C VAL B 347 -19.09 27.30 21.31
N ARG B 348 -19.07 26.09 21.85
CA ARG B 348 -19.74 25.78 23.09
C ARG B 348 -18.67 25.15 23.99
N LEU B 349 -18.19 25.87 25.00
CA LEU B 349 -17.21 25.34 25.93
C LEU B 349 -17.93 24.95 27.23
N GLU B 350 -17.32 24.06 28.00
CA GLU B 350 -17.95 23.59 29.23
C GLU B 350 -16.93 22.93 30.11
N GLY B 351 -16.75 23.44 31.32
CA GLY B 351 -15.75 22.88 32.21
C GLY B 351 -14.88 23.95 32.87
N ASN B 352 -13.63 23.63 33.16
CA ASN B 352 -12.75 24.61 33.77
C ASN B 352 -12.45 25.84 32.92
N ASN B 353 -12.86 27.02 33.40
CA ASN B 353 -12.63 28.29 32.71
C ASN B 353 -13.53 28.54 31.51
N ALA B 354 -14.65 27.83 31.46
CA ALA B 354 -15.60 27.96 30.36
C ALA B 354 -15.99 29.40 30.13
N GLU B 355 -16.29 30.13 31.19
CA GLU B 355 -16.67 31.51 31.01
C GLU B 355 -15.49 32.41 30.65
N LEU B 356 -14.33 32.19 31.26
CA LEU B 356 -13.18 33.00 30.90
C LEU B 356 -12.91 32.81 29.40
N GLY B 357 -12.96 31.56 28.94
CA GLY B 357 -12.71 31.27 27.53
C GLY B 357 -13.72 31.89 26.58
N ALA B 358 -15.01 31.79 26.91
CA ALA B 358 -16.04 32.38 26.06
C ALA B 358 -15.85 33.89 25.90
N LYS B 359 -15.25 34.52 26.90
CA LYS B 359 -14.99 35.94 26.80
C LYS B 359 -13.86 36.11 25.79
N LYS B 360 -12.76 35.38 25.96
CA LYS B 360 -11.62 35.47 25.03
C LYS B 360 -12.07 35.33 23.57
N LEU B 361 -13.03 34.44 23.31
CA LEU B 361 -13.53 34.24 21.99
C LEU B 361 -14.23 35.46 21.53
N ALA B 362 -15.19 35.94 22.32
CA ALA B 362 -15.97 37.15 22.01
C ALA B 362 -15.13 38.43 21.83
N ASP B 363 -14.12 38.64 22.65
CA ASP B 363 -13.30 39.84 22.47
C ASP B 363 -12.38 39.74 21.26
N SER B 364 -12.14 38.53 20.75
CA SER B 364 -11.19 38.33 19.65
C SER B 364 -11.45 39.14 18.39
N GLY B 365 -12.74 39.42 18.16
CA GLY B 365 -13.15 40.18 16.98
C GLY B 365 -13.49 39.36 15.74
N LEU B 366 -12.88 38.18 15.63
CA LEU B 366 -13.05 37.22 14.55
C LEU B 366 -14.52 36.83 14.52
N ASN B 367 -14.94 36.07 13.54
CA ASN B 367 -16.37 35.73 13.47
C ASN B 367 -16.78 34.56 14.34
N ILE B 368 -16.21 34.50 15.53
CA ILE B 368 -16.46 33.45 16.49
C ILE B 368 -17.65 33.75 17.45
N ILE B 369 -18.67 32.91 17.46
CA ILE B 369 -19.82 33.15 18.32
C ILE B 369 -19.77 32.22 19.50
N ALA B 370 -19.53 32.74 20.70
CA ALA B 370 -19.52 31.90 21.90
C ALA B 370 -20.98 31.62 22.29
N ALA B 371 -21.38 30.35 22.31
CA ALA B 371 -22.76 30.01 22.62
C ALA B 371 -22.97 29.79 24.08
N LYS B 372 -24.17 30.05 24.55
CA LYS B 372 -24.50 29.86 25.96
C LYS B 372 -25.28 28.58 26.06
N GLY B 373 -24.59 27.44 26.04
CA GLY B 373 -25.28 26.17 26.09
C GLY B 373 -25.56 25.45 24.78
N LEU B 374 -25.70 24.14 24.88
CA LEU B 374 -25.96 23.28 23.73
C LEU B 374 -27.03 23.77 22.73
N THR B 375 -28.29 23.81 23.17
CA THR B 375 -29.38 24.25 22.29
C THR B 375 -29.16 25.59 21.62
N ASP B 376 -28.65 26.57 22.35
CA ASP B 376 -28.38 27.87 21.77
C ASP B 376 -27.36 27.65 20.63
N ALA B 377 -26.21 27.06 20.97
CA ALA B 377 -25.18 26.82 19.98
C ALA B 377 -25.76 26.14 18.77
N ALA B 378 -26.70 25.22 18.97
CA ALA B 378 -27.32 24.53 17.85
C ALA B 378 -28.01 25.54 16.98
N GLN B 379 -28.91 26.32 17.59
CA GLN B 379 -29.68 27.34 16.87
C GLN B 379 -28.81 28.37 16.21
N GLN B 380 -27.76 28.76 16.90
CA GLN B 380 -26.81 29.72 16.35
C GLN B 380 -26.25 29.28 15.00
N VAL B 381 -25.60 28.10 14.93
CA VAL B 381 -25.04 27.62 13.66
C VAL B 381 -26.11 27.47 12.62
N VAL B 382 -27.20 26.76 12.98
CA VAL B 382 -28.28 26.59 12.01
C VAL B 382 -28.64 27.94 11.43
N ALA B 383 -28.79 28.91 12.33
CA ALA B 383 -29.05 30.30 11.97
C ALA B 383 -27.95 30.86 11.02
N ALA B 384 -26.68 30.82 11.43
CA ALA B 384 -25.60 31.31 10.60
C ALA B 384 -25.65 30.88 9.14
N VAL B 385 -26.58 30.00 8.79
CA VAL B 385 -26.68 29.52 7.42
C VAL B 385 -28.09 29.72 6.81
N SER C 1 28.28 -9.01 -43.55
CA SER C 1 27.10 -9.78 -43.04
C SER C 1 27.53 -10.74 -41.93
N ILE C 2 27.04 -10.53 -40.69
CA ILE C 2 27.36 -11.43 -39.58
C ILE C 2 26.06 -12.07 -39.04
N LEU C 3 26.25 -13.07 -38.18
CA LEU C 3 25.16 -13.78 -37.47
C LEU C 3 24.11 -14.48 -38.31
N ILE C 4 23.46 -13.75 -39.18
CA ILE C 4 22.49 -14.43 -39.98
C ILE C 4 22.59 -14.00 -41.43
N ASP C 5 21.89 -14.76 -42.27
CA ASP C 5 21.86 -14.52 -43.69
C ASP C 5 20.77 -15.34 -44.39
N LYS C 6 20.71 -15.18 -45.71
CA LYS C 6 19.69 -15.81 -46.50
C LYS C 6 19.58 -17.29 -46.24
N ASN C 7 20.67 -17.87 -45.74
CA ASN C 7 20.64 -19.30 -45.50
C ASN C 7 20.20 -19.82 -44.14
N THR C 8 20.15 -18.93 -43.15
CA THR C 8 19.76 -19.26 -41.80
C THR C 8 18.32 -19.74 -41.66
N LYS C 9 18.13 -20.99 -41.20
CA LYS C 9 16.78 -21.53 -41.00
C LYS C 9 16.40 -21.26 -39.55
N VAL C 10 15.21 -20.70 -39.37
CA VAL C 10 14.76 -20.27 -38.06
C VAL C 10 13.45 -20.85 -37.55
N ILE C 11 13.45 -21.19 -36.26
CA ILE C 11 12.20 -21.59 -35.61
C ILE C 11 11.87 -20.52 -34.55
N CYS C 12 10.58 -20.40 -34.26
CA CYS C 12 10.17 -19.44 -33.29
C CYS C 12 9.45 -20.12 -32.14
N GLN C 13 9.95 -19.84 -30.93
CA GLN C 13 9.39 -20.35 -29.69
C GLN C 13 8.36 -19.32 -29.22
N GLY C 14 7.13 -19.76 -29.02
CA GLY C 14 6.08 -18.84 -28.62
C GLY C 14 5.42 -18.40 -29.92
N PHE C 15 5.72 -19.16 -30.96
CA PHE C 15 5.21 -19.00 -32.32
C PHE C 15 3.68 -18.77 -32.44
N THR C 16 2.84 -19.48 -31.69
CA THR C 16 1.37 -19.27 -31.81
C THR C 16 0.74 -18.15 -30.97
N GLY C 17 1.56 -17.36 -30.29
CA GLY C 17 1.02 -16.26 -29.51
C GLY C 17 0.93 -14.97 -30.31
N SER C 18 0.37 -13.92 -29.71
CA SER C 18 0.21 -12.66 -30.39
C SER C 18 1.43 -12.14 -31.10
N GLN C 19 2.44 -11.73 -30.35
CA GLN C 19 3.64 -11.19 -30.96
C GLN C 19 4.33 -12.16 -31.88
N GLY C 20 4.38 -13.41 -31.44
CA GLY C 20 5.01 -14.47 -32.22
C GLY C 20 4.35 -14.57 -33.58
N THR C 21 3.03 -14.72 -33.62
CA THR C 21 2.35 -14.78 -34.90
C THR C 21 2.73 -13.57 -35.78
N PHE C 22 2.33 -12.39 -35.33
CA PHE C 22 2.58 -11.17 -36.06
C PHE C 22 4.00 -11.03 -36.60
N HIS C 23 4.98 -10.88 -35.72
CA HIS C 23 6.35 -10.73 -36.21
C HIS C 23 6.95 -11.85 -37.04
N SER C 24 6.20 -12.95 -37.17
CA SER C 24 6.67 -14.08 -37.95
C SER C 24 6.21 -13.84 -39.38
N GLU C 25 4.98 -13.35 -39.54
CA GLU C 25 4.46 -13.05 -40.86
C GLU C 25 5.40 -12.01 -41.47
N GLN C 26 5.80 -11.05 -40.67
CA GLN C 26 6.71 -10.04 -41.15
C GLN C 26 8.06 -10.59 -41.57
N ALA C 27 8.51 -11.64 -40.92
CA ALA C 27 9.80 -12.24 -41.26
C ALA C 27 9.63 -13.16 -42.48
N ILE C 28 8.45 -13.78 -42.57
CA ILE C 28 8.10 -14.67 -43.68
C ILE C 28 8.12 -13.80 -44.96
N ALA C 29 7.26 -12.78 -44.92
CA ALA C 29 7.12 -11.86 -46.01
C ALA C 29 8.48 -11.24 -46.38
N TYR C 30 9.34 -10.94 -45.41
CA TYR C 30 10.65 -10.37 -45.79
C TYR C 30 11.52 -11.45 -46.44
N GLY C 31 11.09 -12.71 -46.35
CA GLY C 31 11.88 -13.79 -46.94
C GLY C 31 12.80 -14.56 -46.00
N THR C 32 12.66 -14.33 -44.69
CA THR C 32 13.47 -15.08 -43.74
C THR C 32 12.92 -16.52 -43.84
N LYS C 33 13.85 -17.47 -43.76
CA LYS C 33 13.55 -18.88 -43.83
C LYS C 33 13.01 -19.44 -42.50
N MET C 34 11.72 -19.21 -42.27
CA MET C 34 11.04 -19.67 -41.06
C MET C 34 10.66 -21.09 -41.33
N VAL C 35 11.32 -22.04 -40.70
CA VAL C 35 11.00 -23.45 -40.98
C VAL C 35 9.94 -24.06 -40.07
N GLY C 36 9.57 -23.32 -39.02
CA GLY C 36 8.56 -23.76 -38.06
C GLY C 36 8.66 -23.15 -36.63
N GLY C 37 7.72 -23.54 -35.78
CA GLY C 37 7.72 -23.05 -34.40
C GLY C 37 7.28 -23.98 -33.26
N VAL C 38 7.62 -23.57 -32.05
CA VAL C 38 7.29 -24.35 -30.84
C VAL C 38 6.36 -23.72 -29.80
N THR C 39 5.31 -24.46 -29.43
CA THR C 39 4.36 -24.02 -28.42
C THR C 39 3.83 -25.27 -27.77
N PRO C 40 4.38 -25.62 -26.60
CA PRO C 40 3.97 -26.81 -25.85
C PRO C 40 2.50 -27.06 -25.74
N GLY C 41 2.07 -28.11 -26.41
CA GLY C 41 0.66 -28.46 -26.35
C GLY C 41 -0.03 -28.18 -27.67
N LYS C 42 0.72 -27.67 -28.62
CA LYS C 42 0.15 -27.36 -29.92
C LYS C 42 1.00 -28.04 -30.99
N GLY C 43 1.82 -28.99 -30.54
CA GLY C 43 2.65 -29.74 -31.47
C GLY C 43 1.69 -30.53 -32.37
N GLY C 44 2.09 -30.72 -33.61
CA GLY C 44 1.25 -31.45 -34.54
C GLY C 44 0.15 -30.62 -35.18
N THR C 45 0.43 -29.33 -35.41
CA THR C 45 -0.53 -28.44 -36.07
C THR C 45 0.31 -27.47 -36.91
N THR C 46 -0.38 -26.72 -37.76
CA THR C 46 0.31 -25.76 -38.59
C THR C 46 -0.22 -24.39 -38.23
N HIS C 47 0.62 -23.39 -38.45
CA HIS C 47 0.27 -22.03 -38.11
C HIS C 47 1.11 -21.22 -39.07
N LEU C 48 0.48 -20.28 -39.79
CA LEU C 48 1.24 -19.49 -40.79
C LEU C 48 1.95 -20.44 -41.79
N GLY C 49 1.26 -21.53 -42.11
CA GLY C 49 1.79 -22.51 -43.06
C GLY C 49 2.97 -23.33 -42.62
N LEU C 50 3.54 -23.05 -41.46
CA LEU C 50 4.64 -23.89 -41.02
C LEU C 50 4.17 -24.92 -39.99
N PRO C 51 5.05 -25.88 -39.70
CA PRO C 51 4.72 -26.93 -38.73
C PRO C 51 4.94 -26.43 -37.28
N VAL C 52 4.08 -26.86 -36.36
CA VAL C 52 4.26 -26.46 -34.98
C VAL C 52 4.61 -27.67 -34.14
N PHE C 53 5.64 -27.56 -33.32
CA PHE C 53 6.06 -28.66 -32.47
C PHE C 53 5.82 -28.47 -30.95
N ASN C 54 5.80 -29.58 -30.22
CA ASN C 54 5.66 -29.55 -28.79
C ASN C 54 6.96 -29.21 -28.10
N THR C 55 8.10 -29.64 -28.65
CA THR C 55 9.38 -29.35 -28.00
C THR C 55 10.42 -28.80 -28.95
N VAL C 56 11.40 -28.09 -28.43
CA VAL C 56 12.40 -27.52 -29.30
C VAL C 56 13.19 -28.62 -29.97
N ARG C 57 13.36 -29.74 -29.29
CA ARG C 57 14.09 -30.83 -29.90
C ARG C 57 13.29 -31.40 -31.10
N GLU C 58 12.03 -31.77 -30.91
CA GLU C 58 11.30 -32.29 -32.06
C GLU C 58 11.48 -31.37 -33.29
N ALA C 59 11.46 -30.06 -33.05
CA ALA C 59 11.56 -29.11 -34.15
C ALA C 59 12.93 -29.21 -34.79
N VAL C 60 13.97 -29.18 -33.98
CA VAL C 60 15.31 -29.25 -34.53
C VAL C 60 15.50 -30.50 -35.33
N ALA C 61 14.85 -31.59 -34.97
CA ALA C 61 15.02 -32.81 -35.75
C ALA C 61 14.31 -32.58 -37.04
N ALA C 62 12.99 -32.50 -36.99
CA ALA C 62 12.20 -32.32 -38.21
C ALA C 62 12.57 -31.19 -39.19
N THR C 63 13.44 -30.25 -38.81
CA THR C 63 13.72 -29.15 -39.72
C THR C 63 15.16 -28.86 -39.83
N GLY C 64 15.90 -29.13 -38.78
CA GLY C 64 17.32 -28.87 -38.79
C GLY C 64 17.62 -27.41 -38.72
N ALA C 65 16.71 -26.59 -38.14
CA ALA C 65 16.96 -25.14 -37.98
C ALA C 65 18.13 -24.97 -37.01
N THR C 66 18.76 -23.82 -36.96
CA THR C 66 19.90 -23.70 -36.03
C THR C 66 19.79 -22.46 -35.14
N ALA C 67 18.78 -21.65 -35.43
CA ALA C 67 18.52 -20.43 -34.69
C ALA C 67 17.05 -20.39 -34.29
N SER C 68 16.86 -19.82 -33.10
CA SER C 68 15.55 -19.69 -32.52
C SER C 68 15.32 -18.27 -32.04
N VAL C 69 14.11 -17.81 -32.34
CA VAL C 69 13.63 -16.51 -31.94
C VAL C 69 12.56 -16.77 -30.84
N ILE C 70 12.75 -16.14 -29.69
CA ILE C 70 11.86 -16.30 -28.55
C ILE C 70 10.88 -15.14 -28.31
N TYR C 71 9.58 -15.45 -28.29
CA TYR C 71 8.49 -14.49 -28.03
C TYR C 71 7.69 -15.09 -26.90
N VAL C 72 8.38 -15.45 -25.84
CA VAL C 72 7.73 -16.07 -24.68
C VAL C 72 7.80 -15.13 -23.49
N PRO C 73 6.67 -14.95 -22.80
CA PRO C 73 6.57 -14.07 -21.63
C PRO C 73 7.66 -14.31 -20.55
N ALA C 74 8.14 -13.22 -19.92
CA ALA C 74 9.21 -13.28 -18.95
C ALA C 74 9.24 -14.47 -17.99
N PRO C 75 8.11 -14.75 -17.29
CA PRO C 75 8.05 -15.87 -16.34
C PRO C 75 8.56 -17.23 -16.85
N PHE C 76 8.45 -17.50 -18.14
CA PHE C 76 8.90 -18.79 -18.66
C PHE C 76 10.09 -18.69 -19.60
N CYS C 77 10.64 -17.49 -19.75
CA CYS C 77 11.74 -17.35 -20.68
C CYS C 77 12.99 -18.13 -20.37
N LYS C 78 13.39 -18.17 -19.11
CA LYS C 78 14.58 -18.88 -18.74
C LYS C 78 14.43 -20.34 -19.11
N ASP C 79 13.25 -20.92 -18.89
CA ASP C 79 12.99 -22.31 -19.21
C ASP C 79 13.17 -22.51 -20.70
N SER C 80 12.51 -21.65 -21.47
CA SER C 80 12.62 -21.79 -22.91
C SER C 80 14.00 -21.50 -23.48
N ILE C 81 14.76 -20.61 -22.86
CA ILE C 81 16.09 -20.32 -23.37
C ILE C 81 16.96 -21.55 -23.11
N LEU C 82 16.80 -22.15 -21.93
CA LEU C 82 17.62 -23.31 -21.55
C LEU C 82 17.27 -24.59 -22.32
N GLU C 83 16.02 -24.71 -22.77
CA GLU C 83 15.56 -25.86 -23.53
C GLU C 83 16.15 -25.79 -24.89
N ALA C 84 16.20 -24.57 -25.46
CA ALA C 84 16.78 -24.33 -26.80
C ALA C 84 18.27 -24.67 -26.70
N ILE C 85 18.98 -24.11 -25.71
CA ILE C 85 20.39 -24.44 -25.53
C ILE C 85 20.52 -25.97 -25.53
N ASP C 86 19.61 -26.66 -24.83
CA ASP C 86 19.61 -28.13 -24.74
C ASP C 86 19.34 -28.83 -26.04
N ALA C 87 18.36 -28.40 -26.81
CA ALA C 87 18.11 -29.10 -28.08
C ALA C 87 19.15 -28.76 -29.17
N GLY C 88 20.20 -28.05 -28.79
CA GLY C 88 21.27 -27.72 -29.74
C GLY C 88 21.12 -26.56 -30.70
N ILE C 89 20.37 -25.53 -30.35
CA ILE C 89 20.18 -24.34 -31.18
C ILE C 89 21.48 -23.61 -30.96
N LYS C 90 22.09 -23.11 -32.03
CA LYS C 90 23.38 -22.45 -31.83
C LYS C 90 23.26 -20.96 -31.77
N LEU C 91 22.10 -20.46 -32.22
CA LEU C 91 21.83 -19.03 -32.18
C LEU C 91 20.43 -18.75 -31.61
N ILE C 92 20.43 -17.94 -30.55
CA ILE C 92 19.18 -17.60 -29.90
C ILE C 92 18.92 -16.13 -29.92
N ILE C 93 17.75 -15.75 -30.40
CA ILE C 93 17.40 -14.31 -30.41
C ILE C 93 16.16 -14.14 -29.51
N THR C 94 16.35 -13.49 -28.36
CA THR C 94 15.24 -13.27 -27.38
C THR C 94 14.68 -11.84 -27.34
N ILE C 95 13.42 -11.70 -27.80
CA ILE C 95 12.77 -10.39 -27.84
C ILE C 95 12.26 -9.95 -26.47
N THR C 96 11.72 -10.92 -25.74
CA THR C 96 11.14 -10.77 -24.41
C THR C 96 11.73 -9.71 -23.52
N GLU C 97 10.83 -8.90 -22.95
CA GLU C 97 11.23 -7.83 -22.05
C GLU C 97 10.74 -8.23 -20.65
N GLY C 98 11.56 -7.97 -19.63
CA GLY C 98 11.11 -8.29 -18.28
C GLY C 98 11.63 -9.53 -17.56
N ILE C 99 12.66 -10.14 -18.12
CA ILE C 99 13.21 -11.31 -17.49
C ILE C 99 14.02 -10.87 -16.26
N PRO C 100 13.77 -11.52 -15.13
CA PRO C 100 14.46 -11.22 -13.89
C PRO C 100 16.00 -11.21 -14.09
N THR C 101 16.66 -10.19 -13.56
CA THR C 101 18.11 -10.08 -13.66
C THR C 101 18.80 -11.39 -13.26
N LEU C 102 18.40 -11.93 -12.12
CA LEU C 102 19.02 -13.17 -11.63
C LEU C 102 18.86 -14.40 -12.58
N ASP C 103 17.80 -14.42 -13.38
CA ASP C 103 17.64 -15.51 -14.33
C ASP C 103 18.71 -15.38 -15.41
N MET C 104 18.88 -14.17 -15.94
CA MET C 104 19.87 -13.93 -16.95
C MET C 104 21.29 -14.21 -16.46
N LEU C 105 21.53 -13.92 -15.21
CA LEU C 105 22.85 -14.16 -14.63
C LEU C 105 23.18 -15.65 -14.74
N THR C 106 22.19 -16.50 -14.47
CA THR C 106 22.38 -17.94 -14.59
C THR C 106 22.46 -18.36 -16.07
N VAL C 107 21.46 -17.94 -16.86
CA VAL C 107 21.41 -18.24 -18.28
C VAL C 107 22.72 -17.85 -19.00
N LYS C 108 23.29 -16.70 -18.65
CA LYS C 108 24.53 -16.23 -19.26
C LYS C 108 25.65 -17.27 -19.06
N VAL C 109 25.85 -17.69 -17.81
CA VAL C 109 26.84 -18.69 -17.49
C VAL C 109 26.63 -19.98 -18.33
N LYS C 110 25.38 -20.39 -18.52
CA LYS C 110 25.12 -21.59 -19.28
C LYS C 110 25.52 -21.38 -20.73
N LEU C 111 25.06 -20.26 -21.31
CA LEU C 111 25.32 -19.89 -22.71
C LEU C 111 26.80 -19.97 -23.03
N ASP C 112 27.60 -19.27 -22.24
CA ASP C 112 29.02 -19.26 -22.44
C ASP C 112 29.58 -20.67 -22.29
N GLU C 113 29.20 -21.36 -21.25
CA GLU C 113 29.73 -22.69 -21.09
C GLU C 113 29.31 -23.60 -22.24
N ALA C 114 28.08 -23.55 -22.69
CA ALA C 114 27.70 -24.43 -23.78
C ALA C 114 28.01 -23.95 -25.19
N GLY C 115 28.78 -22.87 -25.32
CA GLY C 115 29.07 -22.34 -26.64
C GLY C 115 27.88 -21.86 -27.48
N VAL C 116 26.79 -21.45 -26.86
CA VAL C 116 25.67 -20.96 -27.66
C VAL C 116 25.68 -19.42 -27.70
N ARG C 117 25.06 -18.87 -28.74
CA ARG C 117 25.02 -17.43 -28.90
C ARG C 117 23.63 -16.87 -28.72
N MET C 118 23.54 -15.81 -27.91
CA MET C 118 22.25 -15.20 -27.69
C MET C 118 22.32 -13.69 -27.80
N ILE C 119 21.39 -13.16 -28.59
CA ILE C 119 21.25 -11.73 -28.80
C ILE C 119 19.95 -11.45 -28.06
N GLY C 120 20.12 -10.58 -27.05
CA GLY C 120 19.03 -10.19 -26.18
C GLY C 120 19.35 -10.37 -24.68
N PRO C 121 18.31 -10.39 -23.84
CA PRO C 121 16.89 -10.24 -24.20
C PRO C 121 16.48 -8.77 -24.24
N ASN C 122 15.18 -8.50 -24.42
CA ASN C 122 14.70 -7.12 -24.41
C ASN C 122 15.35 -6.36 -25.55
N CYS C 123 15.24 -6.87 -26.75
CA CYS C 123 15.88 -6.22 -27.89
C CYS C 123 14.98 -6.39 -29.11
N PRO C 124 15.22 -5.58 -30.18
CA PRO C 124 14.52 -5.51 -31.48
C PRO C 124 14.82 -6.71 -32.36
N GLY C 125 16.04 -7.22 -32.17
CA GLY C 125 16.49 -8.37 -32.94
C GLY C 125 17.74 -8.08 -33.75
N VAL C 126 17.81 -8.82 -34.87
CA VAL C 126 18.93 -8.75 -35.80
C VAL C 126 18.44 -8.84 -37.24
N ILE C 127 19.01 -7.99 -38.08
CA ILE C 127 18.66 -8.00 -39.49
C ILE C 127 19.89 -7.84 -40.40
N THR C 128 19.84 -8.61 -41.50
CA THR C 128 20.83 -8.55 -42.57
C THR C 128 19.94 -8.16 -43.75
N PRO C 129 19.93 -6.83 -44.07
CA PRO C 129 19.15 -6.21 -45.13
C PRO C 129 19.21 -7.02 -46.40
N GLY C 130 18.04 -7.35 -46.92
CA GLY C 130 17.98 -8.12 -48.14
C GLY C 130 18.00 -9.63 -47.97
N GLU C 131 18.72 -10.12 -46.97
CA GLU C 131 18.74 -11.56 -46.79
C GLU C 131 17.88 -12.11 -45.66
N CYS C 132 18.06 -11.56 -44.46
CA CYS C 132 17.36 -12.08 -43.28
C CYS C 132 16.87 -11.09 -42.21
N LYS C 133 15.70 -11.39 -41.67
CA LYS C 133 15.11 -10.53 -40.66
C LYS C 133 14.51 -11.34 -39.51
N ILE C 134 15.09 -11.17 -38.33
CA ILE C 134 14.61 -11.85 -37.13
C ILE C 134 14.43 -10.75 -36.11
N GLY C 135 13.16 -10.43 -35.88
CA GLY C 135 12.87 -9.37 -34.94
C GLY C 135 11.66 -8.52 -35.28
N ILE C 136 11.54 -7.43 -34.54
CA ILE C 136 10.42 -6.54 -34.73
C ILE C 136 10.69 -5.31 -35.62
N GLN C 137 11.96 -4.99 -35.87
CA GLN C 137 12.32 -3.83 -36.70
C GLN C 137 11.61 -3.79 -38.10
N PRO C 138 11.32 -2.57 -38.62
CA PRO C 138 10.65 -2.39 -39.94
C PRO C 138 11.64 -2.57 -41.08
N GLY C 139 11.48 -3.65 -41.86
CA GLY C 139 12.42 -3.93 -42.94
C GLY C 139 12.71 -2.97 -44.08
N HIS C 140 11.71 -2.18 -44.44
CA HIS C 140 11.84 -1.27 -45.54
C HIS C 140 12.66 0.00 -45.30
N ILE C 141 13.43 0.09 -44.24
CA ILE C 141 14.21 1.31 -44.05
C ILE C 141 15.70 1.00 -44.18
N HIS C 142 16.01 -0.28 -44.31
CA HIS C 142 17.40 -0.70 -44.45
C HIS C 142 17.67 -0.97 -45.92
N LYS C 143 18.96 -1.05 -46.24
CA LYS C 143 19.36 -1.34 -47.60
C LYS C 143 20.77 -1.97 -47.53
N PRO C 144 20.95 -3.10 -48.24
CA PRO C 144 22.20 -3.86 -48.31
C PRO C 144 23.35 -2.90 -48.39
N GLY C 145 24.33 -2.99 -47.50
CA GLY C 145 25.41 -2.03 -47.57
C GLY C 145 26.70 -2.36 -46.86
N LYS C 146 27.36 -1.34 -46.33
CA LYS C 146 28.67 -1.54 -45.72
C LYS C 146 28.85 -1.06 -44.27
N VAL C 147 27.76 -0.57 -43.68
CA VAL C 147 27.86 -0.12 -42.31
C VAL C 147 27.19 -1.15 -41.43
N GLY C 148 27.90 -1.49 -40.35
CA GLY C 148 27.38 -2.43 -39.36
C GLY C 148 27.01 -1.61 -38.15
N ILE C 149 25.91 -1.99 -37.49
CA ILE C 149 25.47 -1.28 -36.29
C ILE C 149 25.13 -2.19 -35.10
N VAL C 150 25.66 -1.83 -33.92
CA VAL C 150 25.36 -2.48 -32.64
C VAL C 150 24.75 -1.42 -31.75
N SER C 151 23.60 -1.76 -31.16
CA SER C 151 22.93 -0.79 -30.29
C SER C 151 22.19 -1.38 -29.08
N ARG C 152 22.25 -0.66 -27.96
CA ARG C 152 21.48 -1.09 -26.79
C ARG C 152 20.01 -0.63 -27.02
N SER C 153 19.81 0.38 -27.86
CA SER C 153 18.48 0.87 -28.15
C SER C 153 18.00 0.42 -29.53
N GLY C 154 16.73 0.06 -29.66
CA GLY C 154 16.19 -0.37 -30.94
C GLY C 154 15.79 0.80 -31.82
N THR C 155 14.99 1.71 -31.27
CA THR C 155 14.53 2.89 -31.97
C THR C 155 15.75 3.74 -32.41
N LEU C 156 16.74 3.97 -31.52
CA LEU C 156 17.91 4.72 -31.94
C LEU C 156 18.54 4.07 -33.18
N THR C 157 18.49 2.75 -33.27
CA THR C 157 19.02 2.06 -34.45
C THR C 157 18.30 2.53 -35.70
N TYR C 158 16.97 2.62 -35.64
CA TYR C 158 16.20 3.04 -36.78
C TYR C 158 16.61 4.42 -37.27
N GLU C 159 17.04 5.30 -36.37
CA GLU C 159 17.48 6.61 -36.81
C GLU C 159 18.73 6.37 -37.65
N ALA C 160 19.73 5.73 -37.04
CA ALA C 160 20.97 5.44 -37.75
C ALA C 160 20.72 4.63 -39.04
N VAL C 161 19.83 3.65 -38.99
CA VAL C 161 19.58 2.89 -40.20
C VAL C 161 19.22 3.85 -41.29
N LYS C 162 18.19 4.65 -41.02
CA LYS C 162 17.66 5.65 -41.94
C LYS C 162 18.72 6.57 -42.48
N GLN C 163 19.51 7.17 -41.60
CA GLN C 163 20.57 8.04 -42.07
C GLN C 163 21.53 7.32 -43.05
N THR C 164 22.02 6.13 -42.69
CA THR C 164 22.93 5.40 -43.59
C THR C 164 22.27 4.86 -44.88
N THR C 165 20.95 4.78 -44.92
CA THR C 165 20.29 4.34 -46.14
C THR C 165 20.25 5.56 -47.10
N ASP C 166 19.94 6.73 -46.51
CA ASP C 166 19.85 7.99 -47.24
C ASP C 166 21.21 8.40 -47.75
N TYR C 167 22.22 8.41 -46.91
CA TYR C 167 23.54 8.78 -47.41
C TYR C 167 24.03 7.70 -48.38
N GLY C 168 23.15 6.77 -48.75
CA GLY C 168 23.51 5.71 -49.68
C GLY C 168 24.39 4.54 -49.22
N PHE C 169 25.07 4.65 -48.07
CA PHE C 169 25.93 3.58 -47.57
C PHE C 169 25.31 2.19 -47.41
N GLY C 170 24.08 2.09 -46.88
CA GLY C 170 23.47 0.80 -46.63
C GLY C 170 24.02 0.07 -45.37
N GLN C 171 23.44 -1.07 -45.01
CA GLN C 171 23.96 -1.74 -43.83
C GLN C 171 24.28 -3.21 -44.10
N SER C 172 25.36 -3.69 -43.50
CA SER C 172 25.72 -5.12 -43.64
C SER C 172 24.68 -5.91 -42.82
N THR C 173 24.83 -5.79 -41.50
CA THR C 173 23.93 -6.41 -40.53
C THR C 173 23.75 -5.49 -39.31
N CYS C 174 22.49 -5.38 -38.88
CA CYS C 174 22.12 -4.55 -37.72
C CYS C 174 21.85 -5.40 -36.48
N VAL C 175 22.63 -5.15 -35.43
CA VAL C 175 22.44 -5.90 -34.18
C VAL C 175 21.98 -5.09 -32.95
N GLY C 176 20.77 -5.46 -32.47
CA GLY C 176 20.22 -4.83 -31.27
C GLY C 176 20.60 -5.74 -30.11
N ILE C 177 21.58 -5.35 -29.30
CA ILE C 177 21.95 -6.23 -28.19
C ILE C 177 21.02 -6.19 -26.96
N GLY C 178 20.02 -5.31 -26.96
CA GLY C 178 19.10 -5.28 -25.83
C GLY C 178 19.39 -4.26 -24.75
N GLY C 179 18.35 -3.93 -23.97
CA GLY C 179 18.48 -2.93 -22.93
C GLY C 179 18.59 -3.42 -21.51
N ASP C 180 18.85 -4.71 -21.32
CA ASP C 180 18.95 -5.27 -19.97
C ASP C 180 20.32 -5.14 -19.35
N PRO C 181 20.39 -5.29 -18.03
CA PRO C 181 21.64 -5.17 -17.28
C PRO C 181 22.64 -6.21 -17.67
N ILE C 182 22.20 -7.43 -17.94
CA ILE C 182 23.10 -8.52 -18.31
C ILE C 182 22.59 -9.18 -19.57
N PRO C 183 23.06 -8.73 -20.73
CA PRO C 183 22.62 -9.34 -21.99
C PRO C 183 23.45 -10.59 -22.35
N GLY C 184 22.96 -11.38 -23.29
CA GLY C 184 23.73 -12.55 -23.69
C GLY C 184 25.01 -12.35 -24.55
N SER C 185 25.08 -11.16 -25.20
CA SER C 185 26.18 -10.73 -26.06
C SER C 185 26.32 -9.26 -25.78
N ASN C 186 27.54 -8.80 -25.54
CA ASN C 186 27.72 -7.37 -25.30
C ASN C 186 28.36 -6.71 -26.57
N PHE C 187 28.98 -5.53 -26.40
CA PHE C 187 29.61 -4.84 -27.53
C PHE C 187 30.80 -5.57 -28.14
N ILE C 188 31.81 -5.83 -27.32
CA ILE C 188 32.98 -6.54 -27.76
C ILE C 188 32.68 -7.83 -28.53
N ASP C 189 31.58 -8.53 -28.23
CA ASP C 189 31.33 -9.77 -28.95
C ASP C 189 30.89 -9.47 -30.35
N ILE C 190 30.12 -8.41 -30.50
CA ILE C 190 29.64 -8.10 -31.84
C ILE C 190 30.64 -7.27 -32.59
N LEU C 191 31.37 -6.40 -31.87
CA LEU C 191 32.38 -5.57 -32.51
C LEU C 191 33.29 -6.52 -33.25
N GLU C 192 33.94 -7.43 -32.52
CA GLU C 192 34.82 -8.41 -33.15
C GLU C 192 34.25 -9.26 -34.32
N MET C 193 32.93 -9.41 -34.45
CA MET C 193 32.39 -10.15 -35.58
C MET C 193 32.45 -9.30 -36.84
N PHE C 194 32.34 -7.98 -36.65
CA PHE C 194 32.39 -6.98 -37.73
C PHE C 194 33.82 -6.84 -38.24
N GLU C 195 34.77 -6.60 -37.33
CA GLU C 195 36.19 -6.44 -37.69
C GLU C 195 36.62 -7.49 -38.69
N LYS C 196 36.01 -8.67 -38.59
CA LYS C 196 36.34 -9.81 -39.44
C LYS C 196 35.32 -9.99 -40.53
N ASP C 197 34.51 -8.98 -40.76
CA ASP C 197 33.53 -9.12 -41.81
C ASP C 197 33.95 -8.24 -42.97
N PRO C 198 34.16 -8.86 -44.13
CA PRO C 198 34.55 -8.13 -45.33
C PRO C 198 33.47 -7.11 -45.67
N GLN C 199 32.22 -7.56 -45.78
CA GLN C 199 31.13 -6.65 -46.11
C GLN C 199 30.95 -5.39 -45.21
N THR C 200 31.67 -5.34 -44.10
CA THR C 200 31.52 -4.20 -43.19
C THR C 200 32.74 -3.31 -43.21
N GLU C 201 32.54 -2.11 -43.74
CA GLU C 201 33.63 -1.16 -43.87
C GLU C 201 33.76 -0.22 -42.67
N ALA C 202 32.64 0.08 -42.03
CA ALA C 202 32.71 0.94 -40.85
C ALA C 202 31.62 0.54 -39.88
N ILE C 203 31.85 0.94 -38.63
CA ILE C 203 30.92 0.61 -37.56
C ILE C 203 30.30 1.78 -36.77
N VAL C 204 28.98 1.66 -36.59
CA VAL C 204 28.19 2.61 -35.83
C VAL C 204 27.82 1.90 -34.52
N MET C 205 28.43 2.38 -33.43
CA MET C 205 28.20 1.81 -32.11
C MET C 205 27.33 2.72 -31.21
N ILE C 206 26.05 2.36 -31.00
CA ILE C 206 25.12 3.14 -30.16
C ILE C 206 24.87 2.55 -28.73
N GLY C 207 25.22 3.35 -27.72
CA GLY C 207 25.03 3.02 -26.31
C GLY C 207 24.21 4.07 -25.55
N GLU C 208 24.09 3.93 -24.23
CA GLU C 208 23.33 4.84 -23.39
C GLU C 208 23.89 4.72 -21.99
N ILE C 209 23.30 5.44 -21.04
CA ILE C 209 23.79 5.41 -19.66
C ILE C 209 23.72 4.02 -18.98
N GLY C 210 24.42 3.90 -17.85
CA GLY C 210 24.43 2.66 -17.10
C GLY C 210 25.36 1.55 -17.59
N GLY C 211 26.05 0.93 -16.65
CA GLY C 211 26.93 -0.15 -16.99
C GLY C 211 28.26 0.34 -17.48
N SER C 212 29.04 -0.56 -18.04
CA SER C 212 30.35 -0.18 -18.51
C SER C 212 30.69 -0.95 -19.77
N ALA C 213 29.68 -1.39 -20.49
CA ALA C 213 29.94 -2.13 -21.70
C ALA C 213 30.59 -1.24 -22.76
N GLU C 214 30.16 0.02 -22.83
CA GLU C 214 30.74 0.97 -23.76
C GLU C 214 32.25 1.07 -23.45
N GLU C 215 32.59 1.58 -22.26
CA GLU C 215 33.98 1.72 -21.83
C GLU C 215 34.86 0.49 -22.15
N GLU C 216 34.37 -0.67 -21.79
CA GLU C 216 35.12 -1.87 -22.01
C GLU C 216 35.35 -2.11 -23.48
N ALA C 217 34.36 -1.79 -24.31
CA ALA C 217 34.50 -1.98 -25.75
C ALA C 217 35.52 -0.98 -26.25
N ALA C 218 35.47 0.24 -25.72
CA ALA C 218 36.40 1.29 -26.12
C ALA C 218 37.81 0.74 -26.04
N ALA C 219 38.18 0.37 -24.82
CA ALA C 219 39.50 -0.20 -24.60
C ALA C 219 39.76 -1.31 -25.61
N TYR C 220 38.77 -2.17 -25.88
CA TYR C 220 38.98 -3.24 -26.84
C TYR C 220 39.19 -2.70 -28.24
N ILE C 221 38.35 -1.76 -28.65
CA ILE C 221 38.43 -1.15 -29.97
C ILE C 221 39.82 -0.63 -30.28
N LYS C 222 40.33 0.20 -29.37
CA LYS C 222 41.67 0.79 -29.49
C LYS C 222 42.65 -0.26 -29.88
N GLU C 223 42.70 -1.33 -29.11
CA GLU C 223 43.64 -2.39 -29.38
C GLU C 223 43.33 -3.47 -30.42
N HIS C 224 42.07 -3.68 -30.81
CA HIS C 224 41.79 -4.75 -31.78
C HIS C 224 40.82 -4.44 -32.89
N VAL C 225 40.27 -3.24 -32.87
CA VAL C 225 39.37 -2.85 -33.95
C VAL C 225 40.17 -1.92 -34.89
N THR C 226 40.24 -2.30 -36.16
CA THR C 226 40.97 -1.48 -37.08
C THR C 226 40.00 -0.63 -37.89
N LYS C 227 38.89 -1.22 -38.36
CA LYS C 227 37.92 -0.44 -39.15
C LYS C 227 37.43 0.84 -38.44
N PRO C 228 36.96 1.83 -39.22
CA PRO C 228 36.50 3.06 -38.59
C PRO C 228 35.22 2.88 -37.74
N VAL C 229 35.25 3.48 -36.55
CA VAL C 229 34.11 3.41 -35.63
C VAL C 229 33.52 4.75 -35.19
N VAL C 230 32.23 4.92 -35.50
CA VAL C 230 31.51 6.12 -35.13
C VAL C 230 30.50 5.74 -34.03
N GLY C 231 30.65 6.37 -32.87
CA GLY C 231 29.74 6.08 -31.78
C GLY C 231 28.90 7.27 -31.26
N TYR C 232 27.73 6.93 -30.69
CA TYR C 232 26.81 7.88 -30.09
C TYR C 232 26.30 7.29 -28.79
N ILE C 233 26.30 8.09 -27.73
CA ILE C 233 25.85 7.70 -26.40
C ILE C 233 24.64 8.54 -26.01
N ALA C 234 23.51 7.89 -25.74
CA ALA C 234 22.28 8.58 -25.33
C ALA C 234 22.17 8.76 -23.81
N GLY C 235 21.62 9.86 -23.37
CA GLY C 235 21.43 10.02 -21.95
C GLY C 235 22.25 11.04 -21.21
N VAL C 236 22.65 12.10 -21.91
CA VAL C 236 23.44 13.14 -21.27
C VAL C 236 22.59 13.91 -20.26
N THR C 237 21.36 14.18 -20.66
CA THR C 237 20.43 14.89 -19.82
C THR C 237 19.74 14.02 -18.73
N ALA C 238 20.13 12.75 -18.62
CA ALA C 238 19.50 11.84 -17.67
C ALA C 238 19.86 12.05 -16.21
N PRO C 239 18.87 12.02 -15.30
CA PRO C 239 19.06 12.19 -13.86
C PRO C 239 19.76 10.97 -13.27
N LYS C 240 20.39 11.10 -12.12
CA LYS C 240 21.06 9.95 -11.53
C LYS C 240 20.17 9.04 -10.67
N GLY C 241 20.48 7.75 -10.77
CA GLY C 241 19.76 6.74 -10.02
C GLY C 241 18.29 6.58 -10.33
N LYS C 242 17.93 6.58 -11.61
CA LYS C 242 16.55 6.39 -12.03
C LYS C 242 16.53 5.57 -13.29
N ARG C 243 15.76 4.51 -13.28
CA ARG C 243 15.65 3.68 -14.47
C ARG C 243 15.01 4.54 -15.58
N MET C 244 15.65 4.62 -16.75
CA MET C 244 15.10 5.38 -17.84
C MET C 244 14.48 4.42 -18.84
N GLY C 245 13.33 3.85 -18.52
CA GLY C 245 12.71 2.95 -19.47
C GLY C 245 13.40 1.61 -19.44
N HIS C 246 14.57 1.50 -20.08
CA HIS C 246 15.35 0.24 -20.09
C HIS C 246 15.83 -0.17 -18.71
N ALA C 247 15.67 -1.45 -18.38
CA ALA C 247 16.14 -1.96 -17.09
C ALA C 247 17.64 -1.65 -16.91
N GLY C 248 18.41 -1.81 -17.97
CA GLY C 248 19.82 -1.50 -17.84
C GLY C 248 20.19 -0.02 -17.88
N ALA C 249 19.25 0.86 -18.21
CA ALA C 249 19.55 2.29 -18.31
C ALA C 249 19.48 3.08 -17.01
N ILE C 250 20.48 2.94 -16.13
CA ILE C 250 20.46 3.69 -14.87
C ILE C 250 21.84 3.99 -14.30
N ILE C 251 22.07 5.25 -13.94
CA ILE C 251 23.33 5.69 -13.39
C ILE C 251 23.34 5.33 -11.92
N ALA C 252 24.14 4.32 -11.60
CA ALA C 252 24.24 3.80 -10.23
C ALA C 252 25.56 4.02 -9.48
N GLY C 253 25.48 4.71 -8.34
CA GLY C 253 26.65 5.00 -7.55
C GLY C 253 27.50 5.94 -8.38
N GLY C 254 26.83 6.79 -9.14
CA GLY C 254 27.50 7.75 -10.00
C GLY C 254 28.28 7.19 -11.17
N LYS C 255 28.11 5.91 -11.46
CA LYS C 255 28.82 5.31 -12.56
C LYS C 255 27.98 5.11 -13.80
N GLY C 256 28.62 5.07 -14.96
CA GLY C 256 27.92 4.88 -16.22
C GLY C 256 27.18 6.09 -16.77
N THR C 257 27.81 7.26 -16.72
CA THR C 257 27.17 8.45 -17.22
C THR C 257 27.49 8.57 -18.70
N ALA C 258 26.58 9.21 -19.45
CA ALA C 258 26.72 9.41 -20.89
C ALA C 258 28.11 9.94 -21.26
N ASP C 259 28.58 10.95 -20.51
CA ASP C 259 29.89 11.58 -20.74
C ASP C 259 31.13 10.74 -20.52
N GLU C 260 31.22 9.99 -19.43
CA GLU C 260 32.41 9.16 -19.26
C GLU C 260 32.51 8.22 -20.47
N LYS C 261 31.37 7.77 -20.98
CA LYS C 261 31.34 6.85 -22.13
C LYS C 261 31.86 7.52 -23.39
N PHE C 262 31.45 8.76 -23.62
CA PHE C 262 31.94 9.54 -24.77
C PHE C 262 33.47 9.66 -24.56
N ALA C 263 33.85 10.26 -23.43
CA ALA C 263 35.27 10.44 -23.10
C ALA C 263 36.12 9.23 -23.46
N ALA C 264 35.73 8.07 -22.99
CA ALA C 264 36.46 6.85 -23.25
C ALA C 264 36.35 6.34 -24.69
N LEU C 265 35.33 6.71 -25.41
CA LEU C 265 35.27 6.23 -26.78
C LEU C 265 36.24 7.06 -27.59
N GLU C 266 36.38 8.33 -27.17
CA GLU C 266 37.26 9.27 -27.85
C GLU C 266 38.69 8.88 -27.61
N ALA C 267 39.03 8.51 -26.38
CA ALA C 267 40.37 8.10 -26.06
C ALA C 267 40.78 6.95 -27.01
N ALA C 268 39.86 6.06 -27.33
CA ALA C 268 40.21 4.95 -28.22
C ALA C 268 40.13 5.43 -29.63
N GLY C 269 39.94 6.73 -29.79
CA GLY C 269 39.86 7.26 -31.13
C GLY C 269 38.64 6.75 -31.87
N VAL C 270 37.50 7.19 -31.40
CA VAL C 270 36.26 6.79 -32.04
C VAL C 270 35.63 8.11 -32.41
N LYS C 271 34.95 8.12 -33.56
CA LYS C 271 34.27 9.31 -34.01
C LYS C 271 32.99 9.47 -33.23
N THR C 272 33.05 10.23 -32.14
CA THR C 272 31.84 10.45 -31.36
C THR C 272 31.00 11.56 -31.99
N VAL C 273 29.69 11.47 -31.82
CA VAL C 273 28.77 12.42 -32.39
C VAL C 273 27.89 12.87 -31.28
N ARG C 274 27.77 14.18 -31.04
CA ARG C 274 26.92 14.67 -29.95
C ARG C 274 25.44 14.77 -30.29
N SER C 275 25.10 14.73 -31.58
CA SER C 275 23.69 14.79 -32.04
C SER C 275 23.41 13.57 -32.88
N LEU C 276 22.42 12.77 -32.52
CA LEU C 276 22.16 11.58 -33.34
C LEU C 276 21.71 11.98 -34.73
N ALA C 277 21.62 13.28 -34.95
CA ALA C 277 21.20 13.75 -36.25
C ALA C 277 22.36 13.58 -37.25
N ASP C 278 23.58 13.82 -36.78
CA ASP C 278 24.76 13.72 -37.65
C ASP C 278 25.52 12.38 -37.65
N ILE C 279 24.78 11.26 -37.64
CA ILE C 279 25.47 9.98 -37.65
C ILE C 279 25.91 9.75 -39.08
N GLY C 280 24.99 9.98 -40.03
CA GLY C 280 25.34 9.83 -41.43
C GLY C 280 26.52 10.72 -41.76
N GLU C 281 26.40 12.01 -41.42
CA GLU C 281 27.46 12.96 -41.67
C GLU C 281 28.87 12.49 -41.30
N ALA C 282 29.03 11.91 -40.11
CA ALA C 282 30.35 11.44 -39.64
C ALA C 282 30.88 10.24 -40.39
N LEU C 283 29.98 9.50 -41.03
CA LEU C 283 30.36 8.32 -41.82
C LEU C 283 30.91 8.73 -43.19
N LYS C 284 30.54 9.95 -43.62
CA LYS C 284 30.99 10.54 -44.88
C LYS C 284 32.52 10.76 -44.75
N THR C 285 32.96 10.96 -43.51
CA THR C 285 34.38 11.13 -43.20
C THR C 285 35.05 9.73 -43.11
N VAL C 286 34.53 8.76 -43.89
CA VAL C 286 35.01 7.35 -43.96
C VAL C 286 33.97 6.41 -44.56
N MET D 1 12.36 -1.66 -7.10
CA MET D 1 11.46 -1.28 -5.96
C MET D 1 12.13 -1.28 -4.58
N ASN D 2 11.96 -0.16 -3.88
CA ASN D 2 12.55 0.00 -2.56
C ASN D 2 11.64 -0.42 -1.43
N LEU D 3 12.25 -0.77 -0.31
CA LEU D 3 11.51 -1.16 0.89
C LEU D 3 11.87 -0.22 2.06
N HIS D 4 11.02 -0.13 3.08
CA HIS D 4 11.32 0.73 4.21
C HIS D 4 12.25 0.02 5.14
N GLU D 5 12.87 0.77 6.03
CA GLU D 5 13.80 0.17 6.97
C GLU D 5 13.09 -0.89 7.79
N TYR D 6 11.91 -0.54 8.32
CA TYR D 6 11.16 -1.46 9.15
C TYR D 6 10.80 -2.72 8.38
N GLN D 7 10.52 -2.60 7.10
CA GLN D 7 10.21 -3.78 6.29
C GLN D 7 11.41 -4.71 6.13
N ALA D 8 12.61 -4.14 5.88
CA ALA D 8 13.82 -4.93 5.72
C ALA D 8 14.11 -5.60 7.06
N LYS D 9 13.87 -4.87 8.16
CA LYS D 9 14.16 -5.45 9.46
C LYS D 9 13.24 -6.63 9.69
N GLN D 10 11.97 -6.52 9.32
CA GLN D 10 11.12 -7.69 9.48
C GLN D 10 11.70 -8.88 8.71
N LEU D 11 12.03 -8.69 7.44
CA LEU D 11 12.63 -9.74 6.59
C LEU D 11 13.87 -10.37 7.26
N PHE D 12 14.72 -9.56 7.86
CA PHE D 12 15.93 -10.09 8.50
C PHE D 12 15.56 -11.03 9.62
N ALA D 13 14.54 -10.60 10.37
CA ALA D 13 14.02 -11.37 11.51
C ALA D 13 13.56 -12.74 11.03
N ARG D 14 12.85 -12.76 9.91
CA ARG D 14 12.35 -13.99 9.32
C ARG D 14 13.50 -14.94 9.03
N TYR D 15 14.64 -14.41 8.55
CA TYR D 15 15.79 -15.26 8.24
C TYR D 15 16.76 -15.37 9.41
N GLY D 16 16.31 -14.93 10.58
CA GLY D 16 17.11 -15.01 11.77
C GLY D 16 18.32 -14.12 11.90
N LEU D 17 18.36 -12.99 11.17
CA LEU D 17 19.51 -12.10 11.25
C LEU D 17 19.24 -11.17 12.39
N PRO D 18 20.27 -10.62 13.02
CA PRO D 18 19.92 -9.74 14.14
C PRO D 18 19.72 -8.26 13.87
N ALA D 19 18.63 -7.73 14.40
CA ALA D 19 18.28 -6.31 14.31
C ALA D 19 17.77 -5.85 15.69
N PRO D 20 17.81 -4.54 15.97
CA PRO D 20 17.32 -4.16 17.28
C PRO D 20 15.80 -4.33 17.43
N VAL D 21 15.32 -4.44 18.68
CA VAL D 21 13.88 -4.57 18.97
C VAL D 21 13.21 -3.26 18.61
N GLY D 22 12.15 -3.35 17.83
CA GLY D 22 11.50 -2.13 17.45
C GLY D 22 10.08 -2.32 16.99
N TYR D 23 9.41 -1.19 16.81
CA TYR D 23 8.03 -1.15 16.40
C TYR D 23 7.79 -0.01 15.44
N ALA D 24 7.08 -0.30 14.37
CA ALA D 24 6.69 0.68 13.37
C ALA D 24 5.36 1.28 13.84
N CYS D 25 5.29 2.61 13.93
CA CYS D 25 4.08 3.24 14.44
C CYS D 25 3.43 4.18 13.45
N THR D 26 2.10 4.25 13.49
CA THR D 26 1.38 5.16 12.58
C THR D 26 0.67 6.32 13.29
N THR D 27 0.74 6.33 14.62
CA THR D 27 0.15 7.42 15.41
C THR D 27 1.09 7.68 16.60
N PRO D 28 1.08 8.93 17.08
CA PRO D 28 1.93 9.31 18.21
C PRO D 28 1.65 8.47 19.44
N ARG D 29 0.41 7.99 19.58
CA ARG D 29 0.05 7.12 20.69
C ARG D 29 0.79 5.78 20.54
N GLU D 30 0.78 5.22 19.34
CA GLU D 30 1.51 3.97 19.10
C GLU D 30 2.99 4.18 19.38
N ALA D 31 3.49 5.31 18.93
CA ALA D 31 4.86 5.66 19.11
C ALA D 31 5.19 5.68 20.59
N GLU D 32 4.43 6.43 21.38
CA GLU D 32 4.72 6.52 22.80
C GLU D 32 4.49 5.24 23.53
N GLU D 33 3.52 4.45 23.10
CA GLU D 33 3.31 3.18 23.77
C GLU D 33 4.41 2.14 23.46
N ALA D 34 5.20 2.36 22.40
CA ALA D 34 6.30 1.46 21.98
C ALA D 34 7.38 1.44 23.04
N ALA D 35 7.51 2.57 23.72
CA ALA D 35 8.47 2.81 24.78
C ALA D 35 8.61 1.69 25.76
N SER D 36 7.53 1.49 26.50
CA SER D 36 7.45 0.46 27.52
C SER D 36 7.47 -0.95 26.98
N LYS D 37 6.99 -1.16 25.75
CA LYS D 37 7.04 -2.49 25.13
C LYS D 37 8.52 -2.83 24.89
N ILE D 38 9.31 -1.82 24.54
CA ILE D 38 10.72 -2.01 24.28
C ILE D 38 11.52 -2.20 25.55
N GLY D 39 11.20 -1.41 26.56
CA GLY D 39 11.93 -1.54 27.80
C GLY D 39 12.36 -0.20 28.30
N ALA D 40 13.50 -0.18 29.00
CA ALA D 40 14.03 1.05 29.52
C ALA D 40 14.63 1.83 28.34
N GLY D 41 14.68 3.14 28.50
CA GLY D 41 15.25 4.00 27.47
C GLY D 41 16.77 3.89 27.40
N PRO D 42 17.42 4.71 26.58
CA PRO D 42 16.74 5.70 25.74
C PRO D 42 16.29 4.96 24.48
N TRP D 43 15.64 5.66 23.58
CA TRP D 43 15.18 4.99 22.40
C TRP D 43 15.55 5.77 21.19
N VAL D 44 15.55 5.09 20.05
CA VAL D 44 15.80 5.73 18.78
C VAL D 44 14.44 5.90 18.05
N VAL D 45 14.21 7.08 17.48
CA VAL D 45 12.99 7.27 16.72
C VAL D 45 13.45 7.62 15.30
N LYS D 46 12.93 6.90 14.29
CA LYS D 46 13.35 7.12 12.90
C LYS D 46 12.21 7.30 11.93
N CYS D 47 12.23 8.38 11.14
CA CYS D 47 11.17 8.56 10.14
C CYS D 47 11.36 7.46 9.11
N GLN D 48 10.29 6.93 8.54
CA GLN D 48 10.44 5.89 7.55
C GLN D 48 10.09 6.38 6.16
N VAL D 49 11.14 6.76 5.43
CA VAL D 49 11.07 7.21 4.04
C VAL D 49 12.10 6.38 3.30
N HIS D 50 11.87 6.16 2.01
CA HIS D 50 12.80 5.37 1.20
C HIS D 50 14.21 5.97 1.10
N ALA D 51 14.31 7.29 1.05
CA ALA D 51 15.61 7.94 0.93
C ALA D 51 16.54 7.84 2.13
N GLY D 52 17.81 8.10 1.86
CA GLY D 52 18.83 8.12 2.88
C GLY D 52 19.24 9.54 3.31
N GLY D 53 20.11 9.64 4.31
CA GLY D 53 20.53 10.95 4.82
C GLY D 53 19.44 11.55 5.70
N ARG D 54 18.67 10.63 6.31
CA ARG D 54 17.53 10.96 7.18
C ARG D 54 18.10 11.51 8.47
N GLY D 55 19.30 11.05 8.81
CA GLY D 55 19.91 11.52 10.04
C GLY D 55 20.13 13.02 10.01
N LYS D 56 20.90 13.42 9.00
CA LYS D 56 21.25 14.80 8.76
C LYS D 56 20.03 15.64 8.81
N ALA D 57 19.00 15.27 8.07
CA ALA D 57 17.80 16.08 8.03
C ALA D 57 17.04 16.19 9.36
N GLY D 58 17.52 15.47 10.38
CA GLY D 58 16.89 15.46 11.69
C GLY D 58 15.66 14.58 11.77
N GLY D 59 15.72 13.48 11.02
CA GLY D 59 14.64 12.51 10.96
C GLY D 59 14.95 11.29 11.79
N VAL D 60 16.10 11.33 12.46
CA VAL D 60 16.50 10.25 13.35
C VAL D 60 17.00 10.91 14.65
N LYS D 61 16.51 10.44 15.81
CA LYS D 61 16.92 10.97 17.11
C LYS D 61 16.88 9.94 18.21
N VAL D 62 17.66 10.20 19.25
CA VAL D 62 17.67 9.32 20.42
C VAL D 62 16.99 10.13 21.51
N VAL D 63 15.95 9.60 22.11
CA VAL D 63 15.27 10.36 23.13
C VAL D 63 15.18 9.66 24.47
N ASN D 64 14.84 10.44 25.50
CA ASN D 64 14.82 9.87 26.83
C ASN D 64 13.51 9.71 27.53
N SER D 65 12.44 10.23 26.96
CA SER D 65 11.19 10.10 27.67
C SER D 65 10.08 9.80 26.72
N LYS D 66 9.01 9.24 27.26
CA LYS D 66 7.85 8.93 26.43
C LYS D 66 7.35 10.21 25.75
N GLU D 67 7.31 11.32 26.46
CA GLU D 67 6.84 12.60 25.92
C GLU D 67 7.63 13.00 24.71
N ASP D 68 8.95 12.83 24.78
CA ASP D 68 9.80 13.16 23.66
C ASP D 68 9.46 12.36 22.43
N ILE D 69 9.07 11.10 22.65
CA ILE D 69 8.69 10.23 21.54
C ILE D 69 7.44 10.79 20.92
N ARG D 70 6.43 11.03 21.75
CA ARG D 70 5.18 11.58 21.27
C ARG D 70 5.44 12.87 20.48
N ALA D 71 6.25 13.74 21.07
CA ALA D 71 6.58 14.98 20.40
C ALA D 71 7.15 14.79 19.00
N PHE D 72 8.09 13.85 18.85
CA PHE D 72 8.74 13.58 17.56
C PHE D 72 7.71 13.14 16.54
N ALA D 73 6.87 12.17 16.94
CA ALA D 73 5.81 11.62 16.10
C ALA D 73 4.90 12.72 15.64
N GLU D 74 4.45 13.55 16.58
CA GLU D 74 3.55 14.67 16.24
C GLU D 74 4.20 15.64 15.25
N ASN D 75 5.50 15.85 15.41
CA ASN D 75 6.21 16.75 14.53
C ASN D 75 6.33 16.25 13.09
N TRP D 76 6.45 14.94 12.92
CA TRP D 76 6.64 14.38 11.59
C TRP D 76 5.54 13.65 10.82
N LEU D 77 4.71 12.86 11.50
CA LEU D 77 3.72 12.09 10.77
C LEU D 77 2.94 13.04 9.94
N GLY D 78 2.72 12.68 8.69
CA GLY D 78 1.97 13.55 7.81
C GLY D 78 2.80 14.60 7.11
N LYS D 79 4.03 14.84 7.53
CA LYS D 79 4.84 15.85 6.88
C LYS D 79 5.77 15.21 5.90
N ARG D 80 6.38 16.00 5.03
CA ARG D 80 7.35 15.46 4.08
C ARG D 80 8.75 15.69 4.59
N LEU D 81 9.64 14.74 4.40
CA LEU D 81 10.97 14.91 4.90
C LEU D 81 11.92 15.08 3.74
N VAL D 82 12.76 16.11 3.78
CA VAL D 82 13.67 16.31 2.68
C VAL D 82 15.07 16.04 3.08
N THR D 83 15.69 15.09 2.39
CA THR D 83 17.07 14.75 2.66
C THR D 83 17.75 15.01 1.36
N TYR D 84 19.07 14.95 1.39
CA TYR D 84 19.84 15.19 0.19
C TYR D 84 19.63 14.14 -0.90
N GLN D 85 18.79 13.14 -0.67
CA GLN D 85 18.53 12.13 -1.67
C GLN D 85 17.10 12.20 -2.16
N THR D 86 16.33 13.12 -1.64
CA THR D 86 14.96 13.24 -2.07
C THR D 86 14.97 14.46 -2.93
N ASP D 87 13.94 14.65 -3.74
CA ASP D 87 13.88 15.86 -4.57
C ASP D 87 13.60 17.05 -3.64
N ALA D 88 13.04 18.14 -4.15
CA ALA D 88 12.76 19.29 -3.31
C ALA D 88 11.52 19.10 -2.46
N ASN D 89 10.62 18.21 -2.87
CA ASN D 89 9.40 17.96 -2.11
C ASN D 89 9.64 17.08 -0.90
N GLY D 90 10.60 16.15 -1.03
CA GLY D 90 10.87 15.20 0.04
C GLY D 90 9.84 14.07 -0.01
N GLN D 91 9.94 13.13 0.93
CA GLN D 91 9.00 12.04 0.94
C GLN D 91 8.16 12.12 2.17
N PRO D 92 6.89 11.73 2.05
CA PRO D 92 5.92 11.74 3.14
C PRO D 92 6.25 10.74 4.24
N VAL D 93 6.22 11.21 5.48
CA VAL D 93 6.48 10.31 6.60
C VAL D 93 5.15 9.79 7.12
N ASN D 94 4.91 8.49 7.00
CA ASN D 94 3.65 7.91 7.45
C ASN D 94 3.85 6.91 8.56
N GLN D 95 5.11 6.67 8.93
CA GLN D 95 5.46 5.77 10.01
C GLN D 95 6.78 6.10 10.66
N ILE D 96 6.82 5.92 11.97
CA ILE D 96 8.01 6.18 12.75
C ILE D 96 8.45 4.82 13.27
N LEU D 97 9.73 4.51 13.17
CA LEU D 97 10.18 3.24 13.71
C LEU D 97 10.73 3.60 15.07
N VAL D 98 10.34 2.85 16.08
CA VAL D 98 10.83 3.18 17.41
C VAL D 98 11.55 1.96 17.89
N GLU D 99 12.88 2.02 17.99
CA GLU D 99 13.60 0.86 18.47
C GLU D 99 14.51 1.15 19.63
N ALA D 100 15.01 0.09 20.24
CA ALA D 100 15.88 0.23 21.38
C ALA D 100 17.21 0.78 20.93
N ALA D 101 17.85 1.56 21.80
CA ALA D 101 19.16 2.11 21.49
C ALA D 101 20.22 0.98 21.51
N THR D 102 21.30 1.14 20.76
CA THR D 102 22.33 0.10 20.72
C THR D 102 23.70 0.61 21.22
N ASP D 103 24.40 -0.13 22.07
CA ASP D 103 25.72 0.35 22.54
C ASP D 103 26.76 0.07 21.46
N ILE D 104 27.07 1.08 20.66
CA ILE D 104 28.01 0.86 19.58
C ILE D 104 29.49 0.80 19.90
N ALA D 105 30.12 -0.32 19.56
CA ALA D 105 31.54 -0.45 19.80
C ALA D 105 32.25 -0.11 18.50
N LYS D 106 31.81 -0.66 17.38
CA LYS D 106 32.49 -0.40 16.12
C LYS D 106 31.47 -0.44 14.99
N GLU D 107 31.66 0.37 13.95
CA GLU D 107 30.73 0.39 12.82
C GLU D 107 31.32 -0.15 11.50
N LEU D 108 30.69 -1.17 10.93
CA LEU D 108 31.20 -1.78 9.70
C LEU D 108 30.24 -1.54 8.58
N TYR D 109 30.61 -2.00 7.40
CA TYR D 109 29.74 -1.90 6.24
C TYR D 109 29.61 -3.23 5.50
N LEU D 110 28.38 -3.66 5.24
CA LEU D 110 28.17 -4.89 4.51
C LEU D 110 27.16 -4.56 3.47
N GLY D 111 27.37 -5.05 2.25
CA GLY D 111 26.41 -4.77 1.19
C GLY D 111 26.59 -5.73 0.03
N ALA D 112 25.60 -5.79 -0.84
CA ALA D 112 25.63 -6.67 -2.01
C ALA D 112 24.87 -6.01 -3.15
N VAL D 113 25.24 -6.32 -4.40
CA VAL D 113 24.58 -5.76 -5.61
C VAL D 113 24.95 -6.67 -6.73
N VAL D 114 24.31 -6.49 -7.88
CA VAL D 114 24.64 -7.30 -9.06
C VAL D 114 25.69 -6.49 -9.83
N ASP D 115 26.88 -7.06 -9.98
CA ASP D 115 27.97 -6.42 -10.68
C ASP D 115 27.78 -6.73 -12.14
N ARG D 116 27.37 -5.72 -12.90
CA ARG D 116 27.09 -5.86 -14.30
C ARG D 116 28.27 -6.29 -15.09
N SER D 117 29.42 -5.81 -14.65
CA SER D 117 30.68 -6.05 -15.31
C SER D 117 31.12 -7.49 -15.27
N SER D 118 31.16 -8.08 -14.07
CA SER D 118 31.55 -9.48 -13.90
C SER D 118 30.38 -10.44 -13.97
N ARG D 119 29.16 -9.92 -14.11
CA ARG D 119 27.95 -10.73 -14.19
C ARG D 119 27.76 -11.67 -12.96
N ARG D 120 27.94 -11.11 -11.77
CA ARG D 120 27.81 -11.85 -10.51
C ARG D 120 27.16 -10.99 -9.44
N VAL D 121 26.72 -11.64 -8.38
CA VAL D 121 26.16 -10.96 -7.21
C VAL D 121 27.44 -10.77 -6.36
N VAL D 122 27.78 -9.54 -6.06
CA VAL D 122 29.01 -9.29 -5.32
C VAL D 122 28.69 -8.73 -3.94
N PHE D 123 29.39 -9.24 -2.94
CA PHE D 123 29.23 -8.77 -1.57
C PHE D 123 30.45 -7.92 -1.23
N MET D 124 30.23 -6.83 -0.49
CA MET D 124 31.31 -5.94 -0.09
C MET D 124 31.28 -5.67 1.39
N ALA D 125 32.46 -5.73 2.00
CA ALA D 125 32.57 -5.42 3.41
C ALA D 125 33.68 -4.38 3.56
N SER D 126 33.59 -3.59 4.61
CA SER D 126 34.58 -2.59 4.88
C SER D 126 34.49 -2.23 6.33
N THR D 127 35.58 -1.68 6.84
CA THR D 127 35.63 -1.31 8.23
C THR D 127 35.21 0.13 8.35
N GLU D 128 34.95 0.75 7.19
CA GLU D 128 34.49 2.13 7.15
C GLU D 128 32.97 2.21 7.29
N GLY D 129 32.46 1.78 8.43
CA GLY D 129 31.04 1.85 8.64
C GLY D 129 30.60 3.25 8.95
N GLY D 130 29.37 3.58 8.56
CA GLY D 130 28.84 4.90 8.85
C GLY D 130 29.22 5.96 7.84
N VAL D 131 29.68 5.54 6.67
CA VAL D 131 30.08 6.51 5.67
C VAL D 131 29.48 6.09 4.35
N GLU D 132 29.12 7.07 3.53
CA GLU D 132 28.56 6.70 2.27
C GLU D 132 29.61 5.89 1.58
N ILE D 133 29.26 4.68 1.21
CA ILE D 133 30.21 3.78 0.59
C ILE D 133 30.83 4.28 -0.72
N GLU D 134 30.20 5.22 -1.42
CA GLU D 134 30.85 5.65 -2.65
C GLU D 134 32.01 6.56 -2.36
N LYS D 135 32.01 7.22 -1.19
CA LYS D 135 33.16 8.04 -0.83
C LYS D 135 34.34 7.09 -0.65
N VAL D 136 34.19 6.18 0.30
CA VAL D 136 35.21 5.20 0.59
C VAL D 136 35.77 4.56 -0.65
N ALA D 137 34.93 4.24 -1.62
CA ALA D 137 35.39 3.56 -2.82
C ALA D 137 36.20 4.40 -3.78
N GLU D 138 36.06 5.71 -3.64
CA GLU D 138 36.80 6.61 -4.51
C GLU D 138 38.12 7.01 -3.84
N GLU D 139 38.07 7.36 -2.57
CA GLU D 139 39.24 7.74 -1.84
C GLU D 139 40.14 6.64 -1.42
N THR D 140 39.58 5.57 -0.85
CA THR D 140 40.39 4.45 -0.39
C THR D 140 39.79 3.14 -0.82
N PRO D 141 39.81 2.85 -2.14
CA PRO D 141 39.28 1.64 -2.74
C PRO D 141 39.85 0.34 -2.19
N HIS D 142 41.07 0.38 -1.70
CA HIS D 142 41.67 -0.82 -1.16
C HIS D 142 41.10 -1.13 0.22
N LEU D 143 40.09 -0.37 0.66
CA LEU D 143 39.50 -0.60 1.97
C LEU D 143 38.21 -1.38 1.90
N ILE D 144 37.80 -1.67 0.68
CA ILE D 144 36.59 -2.41 0.44
C ILE D 144 36.91 -3.80 -0.10
N HIS D 145 36.51 -4.83 0.62
CA HIS D 145 36.74 -6.23 0.23
C HIS D 145 35.49 -6.84 -0.37
N LYS D 146 35.69 -7.62 -1.43
CA LYS D 146 34.57 -8.26 -2.12
C LYS D 146 34.70 -9.76 -2.33
N VAL D 147 33.58 -10.42 -2.60
CA VAL D 147 33.52 -11.86 -2.90
C VAL D 147 32.39 -11.98 -3.89
N ALA D 148 32.39 -12.99 -4.74
CA ALA D 148 31.29 -13.10 -5.72
C ALA D 148 30.59 -14.43 -5.63
N LEU D 149 29.27 -14.42 -5.59
CA LEU D 149 28.61 -15.69 -5.46
C LEU D 149 28.76 -16.48 -6.76
N ASP D 150 29.22 -17.73 -6.62
CA ASP D 150 29.37 -18.67 -7.74
C ASP D 150 27.94 -19.17 -8.06
N PRO D 151 27.44 -18.87 -9.26
CA PRO D 151 26.09 -19.37 -9.53
C PRO D 151 25.97 -20.89 -9.47
N LEU D 152 27.07 -21.61 -9.64
CA LEU D 152 27.03 -23.06 -9.58
C LEU D 152 26.85 -23.58 -8.18
N THR D 153 27.60 -23.03 -7.25
CA THR D 153 27.50 -23.52 -5.89
C THR D 153 26.63 -22.78 -4.88
N GLY D 154 26.42 -21.48 -5.08
CA GLY D 154 25.62 -20.73 -4.13
C GLY D 154 26.57 -20.23 -3.09
N PRO D 155 26.11 -19.40 -2.17
CA PRO D 155 27.03 -18.89 -1.14
C PRO D 155 27.63 -19.97 -0.26
N MET D 156 28.95 -19.94 -0.06
CA MET D 156 29.66 -20.91 0.78
C MET D 156 30.25 -20.26 1.97
N PRO D 157 30.28 -20.94 3.10
CA PRO D 157 30.85 -20.36 4.31
C PRO D 157 32.29 -19.82 4.21
N TYR D 158 33.15 -20.40 3.37
CA TYR D 158 34.53 -19.87 3.29
C TYR D 158 34.52 -18.42 2.83
N GLN D 159 33.57 -18.07 1.98
CA GLN D 159 33.44 -16.69 1.53
C GLN D 159 33.04 -15.80 2.70
N GLY D 160 32.18 -16.28 3.56
CA GLY D 160 31.78 -15.45 4.66
C GLY D 160 32.94 -15.28 5.58
N ARG D 161 33.70 -16.34 5.75
CA ARG D 161 34.81 -16.30 6.67
C ARG D 161 35.91 -15.38 6.21
N GLU D 162 36.23 -15.42 4.92
CA GLU D 162 37.28 -14.57 4.34
C GLU D 162 37.02 -13.11 4.67
N LEU D 163 35.85 -12.61 4.30
CA LEU D 163 35.52 -11.24 4.58
C LEU D 163 35.66 -10.98 6.07
N ALA D 164 35.16 -11.89 6.87
CA ALA D 164 35.23 -11.71 8.32
C ALA D 164 36.67 -11.48 8.81
N PHE D 165 37.62 -12.21 8.21
CA PHE D 165 39.02 -12.08 8.59
C PHE D 165 39.65 -10.82 8.00
N LYS D 166 39.27 -10.46 6.77
CA LYS D 166 39.84 -9.28 6.17
C LYS D 166 39.40 -8.08 6.94
N LEU D 167 38.32 -8.19 7.69
CA LEU D 167 37.86 -7.06 8.46
C LEU D 167 38.50 -7.12 9.80
N GLY D 168 39.26 -8.18 10.01
CA GLY D 168 39.93 -8.33 11.29
C GLY D 168 39.05 -8.73 12.46
N LEU D 169 38.05 -9.56 12.18
CA LEU D 169 37.21 -10.03 13.27
C LEU D 169 37.89 -11.32 13.74
N GLU D 170 37.57 -11.73 14.96
CA GLU D 170 38.11 -12.96 15.48
C GLU D 170 37.21 -13.49 16.61
N GLY D 171 37.20 -14.82 16.76
CA GLY D 171 36.41 -15.41 17.80
C GLY D 171 35.00 -15.65 17.36
N LYS D 172 34.08 -15.39 18.26
CA LYS D 172 32.70 -15.62 17.94
C LYS D 172 32.22 -14.64 16.89
N LEU D 173 32.89 -13.49 16.75
CA LEU D 173 32.48 -12.53 15.74
C LEU D 173 32.73 -13.10 14.35
N VAL D 174 33.63 -14.06 14.21
CA VAL D 174 33.83 -14.60 12.90
C VAL D 174 32.61 -15.43 12.49
N GLN D 175 32.08 -16.17 13.48
CA GLN D 175 30.92 -17.05 13.27
C GLN D 175 29.70 -16.25 12.94
N GLN D 176 29.42 -15.29 13.81
CA GLN D 176 28.26 -14.42 13.62
C GLN D 176 28.24 -13.78 12.22
N PHE D 177 29.38 -13.22 11.82
CA PHE D 177 29.49 -12.61 10.54
C PHE D 177 29.26 -13.65 9.44
N THR D 178 29.83 -14.84 9.57
CA THR D 178 29.64 -15.84 8.52
C THR D 178 28.18 -16.14 8.32
N LYS D 179 27.48 -16.28 9.43
CA LYS D 179 26.05 -16.59 9.44
C LYS D 179 25.24 -15.46 8.81
N ILE D 180 25.63 -14.22 9.07
CA ILE D 180 24.93 -13.07 8.50
C ILE D 180 25.16 -13.05 6.98
N PHE D 181 26.39 -13.33 6.58
CA PHE D 181 26.72 -13.37 5.18
C PHE D 181 25.83 -14.42 4.50
N MET D 182 25.77 -15.59 5.13
CA MET D 182 24.97 -16.67 4.60
C MET D 182 23.45 -16.31 4.53
N GLY D 183 22.98 -15.61 5.55
CA GLY D 183 21.59 -15.22 5.51
C GLY D 183 21.26 -14.28 4.37
N LEU D 184 21.95 -13.12 4.38
CA LEU D 184 21.81 -12.09 3.36
C LEU D 184 21.98 -12.65 1.96
N ALA D 185 22.97 -13.50 1.77
CA ALA D 185 23.19 -14.13 0.44
C ALA D 185 21.95 -14.91 0.02
N THR D 186 21.40 -15.63 0.98
CA THR D 186 20.21 -16.38 0.71
C THR D 186 19.02 -15.50 0.38
N ILE D 187 18.71 -14.55 1.26
CA ILE D 187 17.59 -13.65 1.05
C ILE D 187 17.71 -13.03 -0.34
N PHE D 188 18.93 -12.65 -0.71
CA PHE D 188 19.21 -12.02 -2.00
C PHE D 188 18.76 -12.91 -3.15
N LEU D 189 19.24 -14.15 -3.15
CA LEU D 189 18.84 -15.07 -4.18
C LEU D 189 17.38 -15.49 -4.12
N GLU D 190 16.86 -15.71 -2.92
CA GLU D 190 15.48 -16.10 -2.78
C GLU D 190 14.39 -15.06 -3.08
N ARG D 191 14.62 -13.80 -2.69
CA ARG D 191 13.60 -12.75 -2.88
C ARG D 191 13.82 -11.89 -4.08
N ASP D 192 14.75 -12.32 -4.93
CA ASP D 192 15.07 -11.59 -6.13
C ASP D 192 15.44 -10.15 -5.84
N LEU D 193 16.37 -9.97 -4.92
CA LEU D 193 16.79 -8.62 -4.58
C LEU D 193 17.69 -8.04 -5.63
N ALA D 194 17.76 -6.71 -5.64
CA ALA D 194 18.65 -6.00 -6.57
C ALA D 194 19.78 -5.39 -5.76
N LEU D 195 19.54 -5.10 -4.49
CA LEU D 195 20.55 -4.48 -3.71
C LEU D 195 20.32 -4.66 -2.21
N ILE D 196 21.40 -4.79 -1.44
CA ILE D 196 21.35 -4.90 0.02
C ILE D 196 22.41 -3.98 0.65
N GLU D 197 22.01 -3.22 1.68
CA GLU D 197 22.96 -2.35 2.37
C GLU D 197 22.81 -2.22 3.89
N ILE D 198 23.71 -2.82 4.63
CA ILE D 198 23.65 -2.71 6.06
C ILE D 198 24.71 -1.64 6.47
N ASN D 199 24.25 -0.43 6.66
CA ASN D 199 25.17 0.62 7.02
C ASN D 199 24.64 1.45 8.18
N PRO D 200 25.14 1.23 9.39
CA PRO D 200 26.19 0.31 9.78
C PRO D 200 25.84 -1.09 10.28
N LEU D 201 26.77 -2.02 10.09
CA LEU D 201 26.65 -3.36 10.62
C LEU D 201 27.50 -3.09 11.86
N VAL D 202 26.87 -3.11 13.03
CA VAL D 202 27.53 -2.77 14.26
C VAL D 202 28.06 -3.88 15.13
N ILE D 203 29.13 -3.60 15.86
CA ILE D 203 29.67 -4.55 16.85
C ILE D 203 29.29 -3.85 18.15
N THR D 204 28.47 -4.50 18.95
CA THR D 204 28.03 -3.86 20.18
C THR D 204 29.08 -3.91 21.27
N LYS D 205 29.00 -3.00 22.23
CA LYS D 205 29.95 -3.06 23.32
C LYS D 205 29.90 -4.46 23.94
N GLN D 206 28.73 -5.07 24.04
CA GLN D 206 28.64 -6.42 24.60
C GLN D 206 29.25 -7.49 23.65
N GLY D 207 29.90 -7.07 22.59
CA GLY D 207 30.53 -8.04 21.71
C GLY D 207 29.79 -8.77 20.60
N ASP D 208 28.61 -8.28 20.19
CA ASP D 208 27.83 -8.94 19.13
C ASP D 208 27.60 -8.11 17.89
N LEU D 209 27.40 -8.80 16.77
CA LEU D 209 27.11 -8.12 15.53
C LEU D 209 25.61 -7.92 15.45
N ILE D 210 25.19 -6.75 14.98
CA ILE D 210 23.77 -6.44 14.86
C ILE D 210 23.56 -5.47 13.66
N CYS D 211 22.45 -5.63 12.92
CA CYS D 211 22.16 -4.78 11.76
C CYS D 211 21.38 -3.57 12.22
N LEU D 212 22.05 -2.42 12.32
CA LEU D 212 21.41 -1.20 12.80
C LEU D 212 20.47 -0.57 11.81
N ASP D 213 20.89 -0.59 10.56
CA ASP D 213 20.06 -0.02 9.53
C ASP D 213 19.98 -1.07 8.46
N GLY D 214 19.02 -0.90 7.57
CA GLY D 214 18.85 -1.84 6.48
C GLY D 214 18.25 -1.14 5.29
N LYS D 215 18.77 -1.46 4.14
CA LYS D 215 18.26 -0.89 2.93
C LYS D 215 18.16 -1.94 1.80
N LEU D 216 16.95 -2.31 1.41
CA LEU D 216 16.81 -3.29 0.35
C LEU D 216 16.18 -2.78 -0.92
N GLY D 217 16.60 -3.33 -2.03
CA GLY D 217 16.00 -2.98 -3.29
C GLY D 217 15.64 -4.30 -3.95
N ALA D 218 14.42 -4.42 -4.45
CA ALA D 218 13.99 -5.68 -5.09
C ALA D 218 13.94 -5.49 -6.59
N ASP D 219 14.18 -6.55 -7.36
CA ASP D 219 14.11 -6.49 -8.83
C ASP D 219 12.65 -6.48 -9.27
N GLY D 220 12.17 -5.32 -9.64
CA GLY D 220 10.80 -5.18 -10.09
C GLY D 220 10.38 -6.19 -11.13
N ASN D 221 11.31 -6.66 -11.94
CA ASN D 221 11.02 -7.63 -12.97
C ASN D 221 10.66 -8.97 -12.38
N ALA D 222 11.00 -9.19 -11.13
CA ALA D 222 10.69 -10.45 -10.51
C ALA D 222 9.41 -10.48 -9.57
N LEU D 223 8.74 -9.34 -9.41
CA LEU D 223 7.58 -9.28 -8.53
C LEU D 223 6.47 -10.32 -8.80
N PHE D 224 6.39 -10.75 -10.05
CA PHE D 224 5.41 -11.76 -10.40
C PHE D 224 5.63 -13.05 -9.60
N ARG D 225 6.82 -13.20 -9.00
CA ARG D 225 7.09 -14.39 -8.23
C ARG D 225 7.51 -14.08 -6.78
N GLN D 226 7.24 -12.85 -6.37
CA GLN D 226 7.54 -12.38 -5.04
C GLN D 226 6.30 -11.67 -4.54
N PRO D 227 5.20 -12.44 -4.37
CA PRO D 227 3.89 -11.99 -3.88
C PRO D 227 3.97 -11.18 -2.57
N ASP D 228 4.74 -11.60 -1.59
CA ASP D 228 4.88 -10.83 -0.37
C ASP D 228 5.50 -9.45 -0.57
N LEU D 229 6.56 -9.37 -1.39
CA LEU D 229 7.21 -8.10 -1.68
C LEU D 229 6.27 -7.20 -2.47
N ARG D 230 5.50 -7.79 -3.35
CA ARG D 230 4.60 -7.00 -4.15
C ARG D 230 3.70 -6.22 -3.18
N GLU D 231 3.23 -6.88 -2.14
CA GLU D 231 2.33 -6.26 -1.17
C GLU D 231 3.00 -5.16 -0.36
N MET D 232 4.32 -5.28 -0.19
CA MET D 232 5.07 -4.30 0.56
C MET D 232 5.35 -2.97 -0.13
N ARG D 233 5.02 -2.84 -1.41
CA ARG D 233 5.28 -1.58 -2.11
C ARG D 233 4.55 -0.42 -1.52
N ASP D 234 5.25 0.70 -1.44
CA ASP D 234 4.67 1.90 -0.87
C ASP D 234 4.73 3.01 -1.90
N GLN D 235 3.65 3.11 -2.67
CA GLN D 235 3.50 4.11 -3.72
C GLN D 235 3.61 5.56 -3.26
N SER D 236 3.40 5.78 -1.96
CA SER D 236 3.44 7.11 -1.39
C SER D 236 4.82 7.73 -1.53
N GLN D 237 5.87 6.89 -1.61
CA GLN D 237 7.24 7.39 -1.73
C GLN D 237 7.63 7.80 -3.15
N GLU D 238 6.82 7.43 -4.14
CA GLU D 238 7.13 7.76 -5.54
C GLU D 238 6.28 8.93 -6.08
N ASP D 239 6.72 9.48 -7.21
CA ASP D 239 6.03 10.55 -7.88
C ASP D 239 4.80 9.80 -8.33
N PRO D 240 3.63 10.26 -7.92
CA PRO D 240 2.41 9.56 -8.34
C PRO D 240 2.26 9.39 -9.86
N ARG D 241 2.69 10.40 -10.61
CA ARG D 241 2.61 10.36 -12.05
C ARG D 241 3.37 9.19 -12.63
N GLU D 242 4.41 8.76 -11.96
CA GLU D 242 5.11 7.62 -12.49
C GLU D 242 4.20 6.40 -12.54
N ALA D 243 3.51 6.14 -11.43
CA ALA D 243 2.62 5.00 -11.40
C ALA D 243 1.47 5.12 -12.38
N GLN D 244 0.98 6.33 -12.48
CA GLN D 244 -0.14 6.63 -13.34
C GLN D 244 0.20 6.33 -14.77
N ALA D 245 1.44 6.64 -15.16
CA ALA D 245 1.91 6.42 -16.52
C ALA D 245 2.00 4.92 -16.77
N ALA D 246 2.60 4.20 -15.83
CA ALA D 246 2.76 2.75 -15.92
C ALA D 246 1.47 2.01 -16.21
N GLN D 247 0.34 2.50 -15.71
CA GLN D 247 -0.94 1.86 -15.97
C GLN D 247 -1.27 1.93 -17.43
N TRP D 248 -0.75 2.97 -18.08
CA TRP D 248 -0.95 3.21 -19.49
C TRP D 248 0.24 2.81 -20.34
N GLU D 249 1.11 1.99 -19.79
CA GLU D 249 2.25 1.49 -20.53
C GLU D 249 3.14 2.59 -21.04
N LEU D 250 3.35 3.59 -20.20
CA LEU D 250 4.23 4.73 -20.53
C LEU D 250 5.29 4.81 -19.43
N ASN D 251 6.52 5.15 -19.80
CA ASN D 251 7.57 5.30 -18.80
C ASN D 251 7.82 6.78 -18.66
N TYR D 252 7.46 7.32 -17.50
CA TYR D 252 7.59 8.76 -17.24
C TYR D 252 8.55 9.03 -16.12
N VAL D 253 9.26 10.14 -16.20
CA VAL D 253 10.21 10.58 -15.17
C VAL D 253 10.23 12.08 -15.34
N ALA D 254 9.86 12.79 -14.28
CA ALA D 254 9.80 14.23 -14.36
C ALA D 254 11.18 14.86 -14.19
N LEU D 255 11.46 15.95 -14.92
CA LEU D 255 12.73 16.71 -14.81
C LEU D 255 12.38 18.21 -14.63
N ASP D 256 13.35 19.10 -14.74
CA ASP D 256 13.06 20.56 -14.67
C ASP D 256 13.56 21.22 -15.94
N GLY D 257 12.61 21.55 -16.79
CA GLY D 257 12.90 22.19 -18.04
C GLY D 257 11.51 22.62 -18.39
N ASN D 258 11.36 23.22 -19.57
CA ASN D 258 10.06 23.67 -19.97
C ASN D 258 9.65 23.03 -21.26
N ILE D 259 10.47 22.14 -21.80
CA ILE D 259 10.06 21.47 -23.03
C ILE D 259 9.71 20.01 -22.78
N GLY D 260 8.43 19.68 -22.92
CA GLY D 260 7.99 18.32 -22.72
C GLY D 260 8.32 17.48 -23.95
N CYS D 261 8.57 16.20 -23.70
CA CYS D 261 8.91 15.24 -24.76
C CYS D 261 8.04 14.01 -24.70
N MET D 262 7.55 13.59 -25.86
CA MET D 262 6.74 12.40 -25.95
C MET D 262 7.44 11.70 -27.10
N VAL D 263 8.10 10.58 -26.80
CA VAL D 263 8.82 9.82 -27.82
C VAL D 263 8.47 8.36 -27.64
N ASN D 264 8.65 7.55 -28.67
CA ASN D 264 8.42 6.10 -28.51
C ASN D 264 9.82 5.45 -28.52
N GLY D 265 10.23 4.89 -27.38
CA GLY D 265 11.54 4.24 -27.36
C GLY D 265 12.38 4.86 -26.29
N ALA D 266 12.93 4.04 -25.40
CA ALA D 266 13.74 4.56 -24.32
C ALA D 266 14.98 5.30 -24.83
N GLY D 267 15.64 4.71 -25.84
CA GLY D 267 16.84 5.30 -26.44
C GLY D 267 16.51 6.54 -27.24
N LEU D 268 15.52 6.45 -28.12
CA LEU D 268 15.09 7.60 -28.89
C LEU D 268 14.56 8.74 -27.95
N ALA D 269 13.95 8.35 -26.83
CA ALA D 269 13.46 9.29 -25.83
C ALA D 269 14.65 10.02 -25.21
N MET D 270 15.70 9.29 -24.83
CA MET D 270 16.89 9.93 -24.24
C MET D 270 17.66 10.76 -25.27
N GLY D 271 17.61 10.31 -26.52
CA GLY D 271 18.27 10.99 -27.62
C GLY D 271 17.56 12.30 -27.82
N THR D 272 16.24 12.24 -27.98
CA THR D 272 15.46 13.44 -28.16
C THR D 272 15.70 14.48 -27.04
N MET D 273 15.65 14.05 -25.80
CA MET D 273 15.94 14.97 -24.71
C MET D 273 17.31 15.62 -24.93
N ASP D 274 18.32 14.85 -25.30
CA ASP D 274 19.66 15.40 -25.53
C ASP D 274 19.78 16.45 -26.68
N ILE D 275 19.22 16.14 -27.85
CA ILE D 275 19.28 17.03 -29.01
C ILE D 275 18.53 18.33 -28.75
N VAL D 276 17.56 18.29 -27.84
CA VAL D 276 16.82 19.49 -27.48
C VAL D 276 17.74 20.29 -26.56
N LYS D 277 18.57 19.60 -25.79
CA LYS D 277 19.49 20.27 -24.87
C LYS D 277 20.62 20.95 -25.65
N LEU D 278 21.07 20.22 -26.66
CA LEU D 278 22.14 20.62 -27.56
C LEU D 278 21.78 21.97 -28.18
N HIS D 279 20.53 22.10 -28.59
CA HIS D 279 20.06 23.33 -29.17
C HIS D 279 19.43 24.29 -28.17
N GLY D 280 20.03 24.40 -26.98
CA GLY D 280 19.55 25.35 -25.99
C GLY D 280 18.29 25.08 -25.21
N GLY D 281 17.56 24.03 -25.55
CA GLY D 281 16.36 23.73 -24.80
C GLY D 281 16.67 23.09 -23.45
N GLU D 282 15.63 22.96 -22.64
CA GLU D 282 15.70 22.36 -21.30
C GLU D 282 14.59 21.33 -21.21
N PRO D 283 14.94 20.05 -21.32
CA PRO D 283 13.98 18.96 -21.24
C PRO D 283 13.30 18.98 -19.90
N ALA D 284 11.97 18.84 -19.91
CA ALA D 284 11.16 18.87 -18.69
C ALA D 284 10.78 17.51 -18.17
N ASN D 285 10.97 16.48 -18.98
CA ASN D 285 10.58 15.12 -18.60
C ASN D 285 11.07 14.10 -19.64
N PHE D 286 11.11 12.85 -19.21
CA PHE D 286 11.43 11.74 -20.09
C PHE D 286 10.07 11.02 -20.14
N LEU D 287 9.62 10.66 -21.34
CA LEU D 287 8.39 9.89 -21.44
C LEU D 287 8.53 9.02 -22.67
N ASP D 288 8.52 7.70 -22.42
CA ASP D 288 8.63 6.70 -23.46
C ASP D 288 7.28 6.08 -23.69
N VAL D 289 6.78 6.17 -24.91
CA VAL D 289 5.50 5.58 -25.22
C VAL D 289 5.67 4.11 -25.54
N GLY D 290 5.30 3.28 -24.57
CA GLY D 290 5.41 1.84 -24.71
C GLY D 290 4.38 1.24 -25.64
N GLY D 291 3.11 1.50 -25.38
CA GLY D 291 2.07 0.95 -26.23
C GLY D 291 2.01 1.62 -27.61
N GLY D 292 1.04 1.20 -28.42
CA GLY D 292 0.91 1.82 -29.72
C GLY D 292 0.41 3.24 -29.48
N ALA D 293 0.94 4.18 -30.24
CA ALA D 293 0.55 5.58 -30.12
C ALA D 293 -0.91 5.71 -30.53
N THR D 294 -1.80 5.16 -29.70
CA THR D 294 -3.23 5.22 -29.96
C THR D 294 -3.76 6.52 -29.37
N LYS D 295 -4.89 6.95 -29.88
CA LYS D 295 -5.52 8.18 -29.42
C LYS D 295 -5.58 8.25 -27.89
N GLU D 296 -6.16 7.24 -27.28
CA GLU D 296 -6.29 7.21 -25.84
C GLU D 296 -4.94 7.27 -25.14
N ARG D 297 -3.96 6.52 -25.65
CA ARG D 297 -2.64 6.51 -25.02
C ARG D 297 -1.92 7.84 -25.21
N VAL D 298 -2.06 8.44 -26.38
CA VAL D 298 -1.42 9.72 -26.64
C VAL D 298 -2.07 10.81 -25.79
N THR D 299 -3.40 10.75 -25.64
CA THR D 299 -4.12 11.71 -24.83
C THR D 299 -3.54 11.65 -23.41
N GLU D 300 -3.58 10.48 -22.81
CA GLU D 300 -3.00 10.28 -21.48
C GLU D 300 -1.60 10.86 -21.28
N ALA D 301 -0.74 10.67 -22.25
CA ALA D 301 0.63 11.15 -22.19
C ALA D 301 0.60 12.65 -22.10
N PHE D 302 -0.29 13.29 -22.86
CA PHE D 302 -0.40 14.74 -22.82
C PHE D 302 -0.81 15.19 -21.44
N LYS D 303 -1.85 14.57 -20.88
CA LYS D 303 -2.34 14.92 -19.55
C LYS D 303 -1.21 14.88 -18.55
N ILE D 304 -0.41 13.81 -18.57
CA ILE D 304 0.70 13.68 -17.65
C ILE D 304 1.80 14.70 -17.86
N ILE D 305 2.22 14.93 -19.10
CA ILE D 305 3.30 15.88 -19.31
C ILE D 305 2.87 17.27 -18.85
N LEU D 306 1.67 17.64 -19.26
CA LEU D 306 1.16 18.96 -18.95
C LEU D 306 0.75 19.17 -17.51
N SER D 307 0.81 18.12 -16.71
CA SER D 307 0.42 18.24 -15.31
C SER D 307 1.43 19.17 -14.62
N ASP D 308 2.56 19.38 -15.27
CA ASP D 308 3.60 20.26 -14.74
C ASP D 308 3.43 21.64 -15.37
N ASP D 309 3.39 22.70 -14.56
CA ASP D 309 3.19 24.04 -15.12
C ASP D 309 4.35 24.72 -15.76
N LYS D 310 5.55 24.21 -15.50
CA LYS D 310 6.75 24.75 -16.09
C LYS D 310 6.73 24.52 -17.60
N VAL D 311 5.93 23.56 -18.08
CA VAL D 311 5.90 23.25 -19.51
C VAL D 311 5.37 24.36 -20.42
N LYS D 312 6.20 24.71 -21.38
CA LYS D 312 5.88 25.78 -22.29
C LYS D 312 5.71 25.33 -23.71
N ALA D 313 6.14 24.11 -24.00
CA ALA D 313 6.01 23.58 -25.35
C ALA D 313 6.18 22.08 -25.28
N VAL D 314 5.68 21.40 -26.29
CA VAL D 314 5.81 19.95 -26.27
C VAL D 314 6.36 19.45 -27.58
N LEU D 315 7.42 18.64 -27.48
CA LEU D 315 8.04 18.02 -28.66
C LEU D 315 7.60 16.55 -28.74
N VAL D 316 6.90 16.18 -29.81
CA VAL D 316 6.48 14.80 -30.02
C VAL D 316 7.44 14.32 -31.10
N ASN D 317 7.99 13.13 -30.93
CA ASN D 317 8.91 12.56 -31.88
C ASN D 317 8.60 11.08 -31.99
N ILE D 318 7.95 10.68 -33.06
CA ILE D 318 7.59 9.29 -33.25
C ILE D 318 8.12 8.60 -34.50
N PHE D 319 9.08 7.69 -34.32
CA PHE D 319 9.69 6.97 -35.44
C PHE D 319 9.11 5.54 -35.59
N GLY D 320 8.52 5.25 -36.74
CA GLY D 320 7.96 3.93 -36.95
C GLY D 320 6.98 3.58 -35.87
N GLY D 321 7.12 2.37 -35.32
CA GLY D 321 6.21 1.90 -34.29
C GLY D 321 5.11 1.17 -35.03
N ILE D 322 4.20 0.49 -34.31
CA ILE D 322 3.13 -0.24 -34.99
C ILE D 322 1.83 0.53 -35.36
N VAL D 323 1.93 1.85 -35.58
CA VAL D 323 0.76 2.66 -35.96
C VAL D 323 1.12 3.57 -37.15
N ARG D 324 0.24 3.58 -38.15
CA ARG D 324 0.37 4.39 -39.37
C ARG D 324 0.49 5.89 -39.01
N CYS D 325 1.57 6.54 -39.47
CA CYS D 325 1.81 7.95 -39.15
C CYS D 325 0.61 8.93 -39.28
N ASP D 326 -0.34 8.63 -40.17
CA ASP D 326 -1.53 9.50 -40.35
C ASP D 326 -2.53 9.29 -39.21
N LEU D 327 -2.55 8.08 -38.65
CA LEU D 327 -3.44 7.76 -37.53
C LEU D 327 -2.90 8.42 -36.25
N ILE D 328 -1.58 8.49 -36.17
CA ILE D 328 -0.94 9.12 -35.04
C ILE D 328 -1.29 10.62 -35.09
N ALA D 329 -1.09 11.24 -36.24
CA ALA D 329 -1.42 12.67 -36.39
C ALA D 329 -2.89 12.90 -36.00
N ASP D 330 -3.76 11.96 -36.34
CA ASP D 330 -5.16 12.11 -35.98
C ASP D 330 -5.29 12.15 -34.47
N GLY D 331 -4.71 11.15 -33.82
CA GLY D 331 -4.76 11.09 -32.38
C GLY D 331 -4.16 12.32 -31.72
N ILE D 332 -3.05 12.83 -32.25
CA ILE D 332 -2.40 14.01 -31.65
C ILE D 332 -3.36 15.19 -31.66
N ILE D 333 -4.16 15.31 -32.70
CA ILE D 333 -5.13 16.40 -32.80
C ILE D 333 -6.24 16.20 -31.79
N GLY D 334 -6.82 15.00 -31.81
CA GLY D 334 -7.89 14.70 -30.88
C GLY D 334 -7.46 14.85 -29.45
N ALA D 335 -6.16 14.70 -29.20
CA ALA D 335 -5.57 14.85 -27.87
C ALA D 335 -5.52 16.33 -27.57
N VAL D 336 -4.88 17.11 -28.44
CA VAL D 336 -4.80 18.55 -28.22
C VAL D 336 -6.18 19.14 -27.98
N ALA D 337 -7.18 18.58 -28.66
CA ALA D 337 -8.56 19.04 -28.55
C ALA D 337 -9.22 18.67 -27.23
N GLU D 338 -9.23 17.39 -26.88
CA GLU D 338 -9.84 16.93 -25.64
C GLU D 338 -9.10 17.45 -24.38
N VAL D 339 -7.78 17.51 -24.47
CA VAL D 339 -7.02 17.96 -23.32
C VAL D 339 -7.02 19.47 -23.20
N GLY D 340 -7.07 20.16 -24.33
CA GLY D 340 -7.06 21.61 -24.27
C GLY D 340 -5.64 22.09 -24.02
N VAL D 341 -4.74 21.77 -24.92
CA VAL D 341 -3.36 22.15 -24.75
C VAL D 341 -3.06 23.59 -25.15
N ASN D 342 -2.63 24.38 -24.17
CA ASN D 342 -2.32 25.79 -24.41
C ASN D 342 -1.01 26.07 -25.10
N VAL D 343 0.02 25.27 -24.84
CA VAL D 343 1.34 25.45 -25.45
C VAL D 343 1.45 24.87 -26.86
N PRO D 344 2.42 25.37 -27.63
CA PRO D 344 2.67 24.90 -28.99
C PRO D 344 3.30 23.47 -29.05
N VAL D 345 2.73 22.62 -29.89
CA VAL D 345 3.21 21.27 -30.02
C VAL D 345 3.95 21.08 -31.32
N VAL D 346 5.23 20.76 -31.23
CA VAL D 346 6.05 20.45 -32.41
C VAL D 346 6.07 18.93 -32.61
N VAL D 347 5.79 18.47 -33.82
CA VAL D 347 5.74 17.04 -34.12
C VAL D 347 6.68 16.60 -35.25
N ARG D 348 7.34 15.45 -35.04
CA ARG D 348 8.27 14.89 -36.01
C ARG D 348 7.74 13.48 -36.24
N LEU D 349 7.19 13.21 -37.42
CA LEU D 349 6.73 11.86 -37.71
C LEU D 349 7.72 11.22 -38.67
N GLU D 350 7.73 9.89 -38.73
CA GLU D 350 8.68 9.22 -39.61
C GLU D 350 8.22 7.80 -39.85
N GLY D 351 8.04 7.43 -41.11
CA GLY D 351 7.60 6.08 -41.43
C GLY D 351 6.44 6.06 -42.40
N ASN D 352 5.56 5.06 -42.29
CA ASN D 352 4.42 4.98 -43.18
C ASN D 352 3.43 6.14 -43.08
N ASN D 353 3.31 6.88 -44.18
CA ASN D 353 2.40 8.02 -44.27
C ASN D 353 2.87 9.27 -43.53
N ALA D 354 4.15 9.34 -43.22
CA ALA D 354 4.74 10.48 -42.53
C ALA D 354 4.38 11.81 -43.25
N GLU D 355 4.36 11.76 -44.60
CA GLU D 355 4.06 12.90 -45.47
C GLU D 355 2.62 13.32 -45.30
N LEU D 356 1.74 12.33 -45.42
CA LEU D 356 0.31 12.53 -45.29
C LEU D 356 -0.09 13.08 -43.92
N GLY D 357 0.47 12.48 -42.86
CA GLY D 357 0.20 12.91 -41.50
C GLY D 357 0.62 14.35 -41.23
N ALA D 358 1.83 14.71 -41.61
CA ALA D 358 2.32 16.08 -41.41
C ALA D 358 1.38 17.10 -42.05
N LYS D 359 0.72 16.70 -43.13
CA LYS D 359 -0.19 17.62 -43.78
C LYS D 359 -1.41 17.75 -42.85
N LYS D 360 -1.98 16.62 -42.43
CA LYS D 360 -3.13 16.63 -41.52
C LYS D 360 -2.92 17.55 -40.33
N LEU D 361 -1.70 17.52 -39.79
CA LEU D 361 -1.34 18.35 -38.64
C LEU D 361 -1.37 19.81 -39.03
N ALA D 362 -0.67 20.14 -40.11
CA ALA D 362 -0.62 21.52 -40.58
C ALA D 362 -2.00 22.11 -40.96
N ASP D 363 -2.87 21.30 -41.60
CA ASP D 363 -4.20 21.81 -41.99
C ASP D 363 -5.16 21.90 -40.81
N SER D 364 -4.85 21.23 -39.72
CA SER D 364 -5.74 21.21 -38.55
C SER D 364 -6.15 22.54 -37.95
N GLY D 365 -5.30 23.55 -38.05
CA GLY D 365 -5.70 24.80 -37.43
C GLY D 365 -5.78 24.60 -35.93
N LEU D 366 -4.62 24.33 -35.39
CA LEU D 366 -4.34 24.18 -33.97
C LEU D 366 -2.90 24.60 -33.89
N ASN D 367 -2.40 24.73 -32.68
CA ASN D 367 -1.03 25.18 -32.54
C ASN D 367 -0.01 24.03 -32.73
N ILE D 368 -0.14 23.31 -33.85
CA ILE D 368 0.73 22.19 -34.13
C ILE D 368 1.73 22.46 -35.27
N ILE D 369 3.02 22.36 -34.98
CA ILE D 369 4.05 22.59 -35.99
C ILE D 369 4.64 21.28 -36.46
N ALA D 370 4.37 20.89 -37.70
CA ALA D 370 4.95 19.66 -38.25
C ALA D 370 6.41 19.95 -38.62
N ALA D 371 7.37 19.26 -38.01
CA ALA D 371 8.75 19.52 -38.32
C ALA D 371 9.24 18.64 -39.44
N LYS D 372 10.22 19.15 -40.17
CA LYS D 372 10.84 18.42 -41.27
C LYS D 372 12.14 17.87 -40.75
N GLY D 373 12.09 16.76 -40.02
CA GLY D 373 13.32 16.17 -39.53
C GLY D 373 13.72 16.53 -38.11
N LEU D 374 14.48 15.63 -37.51
CA LEU D 374 14.93 15.78 -36.16
C LEU D 374 15.46 17.14 -35.74
N THR D 375 16.57 17.57 -36.35
CA THR D 375 17.21 18.85 -35.98
C THR D 375 16.28 20.06 -36.13
N ASP D 376 15.47 20.08 -37.18
CA ASP D 376 14.53 21.18 -37.36
C ASP D 376 13.56 21.18 -36.13
N ALA D 377 12.89 20.05 -35.93
CA ALA D 377 11.97 19.87 -34.82
C ALA D 377 12.61 20.35 -33.52
N ALA D 378 13.89 20.03 -33.36
CA ALA D 378 14.60 20.44 -32.15
C ALA D 378 14.61 21.95 -32.08
N GLN D 379 15.06 22.59 -33.16
CA GLN D 379 15.16 24.03 -33.20
C GLN D 379 13.82 24.69 -33.04
N GLN D 380 12.82 24.11 -33.69
CA GLN D 380 11.46 24.63 -33.61
C GLN D 380 10.95 24.78 -32.16
N VAL D 381 10.94 23.69 -31.37
CA VAL D 381 10.49 23.77 -29.97
C VAL D 381 11.36 24.72 -29.17
N VAL D 382 12.68 24.57 -29.29
CA VAL D 382 13.57 25.47 -28.55
C VAL D 382 13.12 26.90 -28.86
N ALA D 383 12.90 27.14 -30.14
CA ALA D 383 12.43 28.43 -30.63
C ALA D 383 11.11 28.81 -29.96
N ALA D 384 10.07 27.98 -30.12
CA ALA D 384 8.77 28.26 -29.52
C ALA D 384 8.81 28.74 -28.06
N VAL D 385 9.98 28.77 -27.44
CA VAL D 385 10.08 29.22 -26.06
C VAL D 385 11.13 30.33 -25.86
P PO4 E . -16.83 8.84 24.15
O1 PO4 E . -15.70 8.56 23.20
O2 PO4 E . -17.38 7.56 24.66
O3 PO4 E . -17.92 9.59 23.44
O4 PO4 E . -16.33 9.59 25.33
N1A COA F . -0.03 -5.83 34.03
C2A COA F . 0.35 -4.70 34.60
N3A COA F . 0.96 -3.62 34.07
C4A COA F . 1.22 -3.81 32.77
C5A COA F . 0.90 -4.94 32.03
C6A COA F . 0.23 -6.00 32.71
N6A COA F . -0.17 -7.12 32.11
N7A COA F . 1.33 -4.81 30.70
C8A COA F . 1.89 -3.61 30.68
N9A COA F . 1.83 -2.94 31.88
C1B COA F . 2.27 -1.58 32.16
C2B COA F . 3.53 -1.06 31.45
O2B COA F . 4.73 -1.54 32.04
C3B COA F . 3.35 0.46 31.59
O3B COA F . 3.87 1.02 32.80
P3B COA F . 5.42 1.50 32.87
O7A COA F . 5.65 1.74 34.35
O8A COA F . 6.21 0.34 32.29
O9A COA F . 5.47 2.72 31.95
C4B COA F . 1.83 0.62 31.62
O4B COA F . 1.27 -0.71 31.69
C5B COA F . 1.29 1.37 30.44
O5B COA F . 1.78 2.70 30.48
P1A COA F . 1.94 3.58 29.16
O1A COA F . 2.25 4.97 29.58
O2A COA F . 2.95 2.82 28.33
O3A COA F . 0.44 3.61 28.54
P2A COA F . -0.58 4.88 28.72
O4A COA F . -0.90 5.13 30.22
O5A COA F . 0.11 6.04 27.99
O6A COA F . -1.81 4.39 27.97
CBP COA F . -3.84 3.19 27.99
CCP COA F . -2.42 3.12 28.32
CDP COA F . -4.62 4.22 28.83
CEP COA F . -4.14 1.83 28.48
CAP COA F . -3.99 3.48 26.53
OAP COA F . -3.47 2.38 25.79
C9P COA F . -5.43 3.55 26.11
O9P COA F . -5.98 2.46 26.00
N8P COA F . -6.04 4.72 25.84
C7P COA F . -7.45 5.01 25.46
C6P COA F . -8.25 5.36 26.75
C5P COA F . -9.80 5.70 26.59
O5P COA F . -9.97 6.78 25.98
N4P COA F . -10.85 4.98 27.08
C3P COA F . -12.26 5.20 26.94
C2P COA F . -12.64 6.28 27.89
S1P COA F . -14.31 6.77 27.32
P PO4 G . -19.78 -8.30 -7.01
O1 PO4 G . -20.49 -8.12 -8.29
O2 PO4 G . -18.99 -9.56 -7.08
O3 PO4 G . -18.87 -7.15 -6.77
O4 PO4 G . -20.77 -8.36 -5.88
CBP COA H . -4.65 19.20 36.96
CCP COA H . -4.00 18.26 38.08
CDP COA H . -3.47 19.33 35.92
CEP COA H . -4.81 20.40 37.98
CAP COA H . -5.95 18.73 35.83
OAP COA H . -7.16 18.51 36.56
C9P COA H . -6.45 19.82 34.72
O9P COA H . -5.64 20.67 34.31
N8P COA H . -7.72 19.76 34.21
C7P COA H . -8.33 20.69 33.18
C6P COA H . -9.32 20.07 32.20
C5P COA H . -10.66 20.81 31.89
O5P COA H . -11.32 21.19 32.86
N4P COA H . -11.13 21.01 30.63
C3P COA H . -12.37 21.67 30.13
C2P COA H . -12.19 22.42 28.78
S1P COA H . -13.58 23.36 27.98
P PO4 I . 14.18 1.15 -27.26
O1 PO4 I . 13.16 0.96 -26.19
O2 PO4 I . 15.29 0.23 -27.00
O3 PO4 I . 14.69 2.54 -27.25
O4 PO4 I . 13.58 0.86 -28.58
N1A COA J . 7.93 -22.41 -25.01
C2A COA J . 7.19 -22.01 -26.06
N3A COA J . 6.06 -21.30 -26.09
C4A COA J . 5.67 -20.99 -24.84
C5A COA J . 6.30 -21.34 -23.66
C6A COA J . 7.50 -22.09 -23.77
N6A COA J . 8.26 -22.46 -22.73
N7A COA J . 5.61 -20.84 -22.57
C8A COA J . 4.60 -20.19 -23.11
N9A COA J . 4.58 -20.22 -24.48
C1B COA J . 3.64 -19.57 -25.39
C2B COA J . 2.24 -19.35 -24.82
O2B COA J . 1.47 -20.49 -24.97
C3B COA J . 1.71 -18.30 -25.78
O3B COA J . 1.13 -18.96 -26.87
P3B COA J . -0.42 -19.31 -26.84
O7A COA J . -0.73 -19.84 -28.22
O8A COA J . -0.70 -20.27 -25.71
O9A COA J . -1.02 -17.95 -26.64
C4B COA J . 2.94 -17.50 -26.19
O4B COA J . 4.09 -18.26 -25.68
C5B COA J . 2.90 -16.07 -25.70
O5B COA J . 1.86 -15.38 -26.37
P1A COA J . 0.95 -14.28 -25.66
O1A COA J . 0.08 -13.68 -26.68
O2A COA J . 0.29 -14.90 -24.44
O3A COA J . 2.05 -13.11 -25.27
P2A COA J . 2.46 -11.90 -26.25
O4A COA J . 2.72 -12.44 -27.64
O5A COA J . 1.31 -10.91 -26.29
O6A COA J . 3.71 -11.36 -25.66
CBP COA J . 6.06 -11.14 -25.38
CCP COA J . 4.83 -12.10 -25.40
CDP COA J . 6.16 -10.62 -26.83
CEP COA J . 7.17 -12.03 -24.89
CAP COA J . 5.92 -9.97 -24.37
OAP COA J . 5.68 -10.56 -23.09
C9P COA J . 7.22 -9.12 -24.22
O9P COA J . 8.25 -9.42 -23.57
N8P COA J . 6.97 -7.98 -24.91
C7P COA J . 7.98 -6.89 -25.01
C6P COA J . 8.78 -7.01 -26.29
C5P COA J . 9.57 -5.71 -26.50
O5P COA J . 8.78 -4.75 -26.49
N4P COA J . 10.93 -5.75 -26.65
C3P COA J . 11.98 -4.77 -26.84
C2P COA J . 12.13 -4.44 -28.32
S1P COA J . 13.40 -3.11 -28.34
P PO4 K . 20.06 7.36 7.30
O1 PO4 K . 20.45 8.49 8.19
O2 PO4 K . 19.89 6.15 8.14
O3 PO4 K . 18.78 7.66 6.60
O4 PO4 K . 21.07 7.09 6.26
#